data_7JPQ
#
_entry.id   7JPQ
#
_cell.length_a   1.00
_cell.length_b   1.00
_cell.length_c   1.00
_cell.angle_alpha   90.00
_cell.angle_beta   90.00
_cell.angle_gamma   90.00
#
_symmetry.space_group_name_H-M   'P 1'
#
loop_
_entity.id
_entity.type
_entity.pdbx_description
1 polymer 'Origin recognition complex subunit 2'
2 polymer 'Origin recognition complex subunit 3'
3 polymer 'Origin recognition complex subunit 4'
4 polymer 'Origin recognition complex subunit 5'
5 non-polymer "ADENOSINE-5'-TRIPHOSPHATE"
6 non-polymer 'MAGNESIUM ION'
#
loop_
_entity_poly.entity_id
_entity_poly.type
_entity_poly.pdbx_seq_one_letter_code
_entity_poly.pdbx_strand_id
1 'polypeptide(L)'
;MSKPELKEDKMLEVHFVGDDDVLNHILDREGGAKLKKERAQLLVNPKKIIKKPEYDLEEDDQEVLKDQNYVEIMGRDVQE
SLKNGSATGGGNKVYSFQNRKHSEKMAKLASELAKTPQKSVSFSLKNDPEITINVPQSSKGHSASDKVQPKNNDKSEFLS
TAPRSLRKRLIVPRSHSDSESEYSASNSEDDEGVAQEHEEDTNAVIFSQKIQAQNRVVSAPVGKETPSKRMKRDKTSDLV
EEYFEAHSSSKVLTSDRTLQKLKRAKLDQQTLRNLLSKVSPSFSAELKQLNQQYEKLFHKWMLQLHLGFNIVLYGLGSKR
DLLERFRTTMLQDSIHVVINGFFPGISVKSVLNSITEEVLDHMGTFRSILDQLDWIVNKFKEDSSLELFLLIHNLDSQML
RGEKSQQIIGQLSSLHNIYLIASIDHLNAPLMWDHAKQSLFNWLWYETTTYSPYTEETSYENSLLVKQSGSLPLSSLTHV
LRSLTPNARGIFRLLIKYQLDNQDNPSYIGLSFQDFYQQCREAFLVNSDLTLRAQLTEFRDHKLIRTKKGTDGVEYLLIP
VDNGTLTDFLEKEEEEA
;
B
2 'polypeptide(L)'
;MATSSMSKGCFVFKPNSKKRKISLPIEDYFNKGKNEPEDSKLRFETYQLIWQQMKSENERLQEELNKNLFDNLIEFLQKS
HSGFQKNSRDLGGQIKLREIPTAALVLGVNVTDHDLTFGSLTEALQNNVTPYVVSLQAKDCPDMKHFLQKLISQLMDCCV
DIKSKEEESVHVTQRKTHYSMDSLSSWYMTVTQKTDPKMLSKKRTTSSQWQSPPVVVILKDMESFATKVLQDFIIISSQH
LHEFPLILIFGIATSPIIIHRLLPHAVSSLLCIELFQSLSCKEHLTTVLDKLLLTTQFPFKINEKVLQVLTNIFLYHDFS
VQNFIKGLQLSLLEHFYSQPLSVLCCNLPEAKRRINFLSNNQCENIRRLPSFRRYVEKQASEKQVALLTNERYLKEETQL
LLENLHVYHMNYFLVLRCLHKFTSSLPKYPLGRQIRELYCTCLEKNIWDSEEYASVLQLLRMLAKDELMTILEKCFKVFK
SYCENHLGSTAKRIEEFLAQFQSLDAETKEEEDASGSQPKGLQKTDLYHLQKSLLEMKELRRSKKQTKFEVLRENVVNFI
DCLVREYLLPPETQPLHEVVYFSAAHALREHLNAAPRIALHTALNNPYYYLKNEALKSEEGCIPNIAPDICIAYKLHLEC
SRLINLVDWSEAFATVVTAAEKMDANSATSEEMNEIIHARFIRAVSELELLGFIKPTKQKTDHVARLTWGGC
;
C
3 'polypeptide(L)'
;MSSRKSKSNSLIHTECLSQVQRILRERFCRQSPHSNLFGVQVQYKHLSELLKRTALHGESNSVLIIGPRGSGKTMLINHA
LKELMEIEEVSENVLQVHLNGLLQINDKIALKEITRQLNLENVVGDKVFGSFAENLSFLLEALKKGDRTSSCPVIFILDE
FDLFAHHKNQTLLYNLFDISQSAQTPIAVIGLTCRLDILELLEKRVKSRFSHRQIHLMNSFGFPQYVKIFKEQLSLPAEF
PDKVFAEKWNENVQYLSEDRSVQEVLQKHFNISKNLRSLHMLLMLALNRVTASHPFMTAVDLMEASQLCSMDSKANIVHG
LSVLEICLIIAMKHLNDIYEEEPFNFQMVYNEFQKFVQRKAHSVYNFEKPVVMKAFEHLQQLELIKPMERTSGNSQREYQ
LMKLLLDNTQIMNALQKYPNCPTDVRQWATSSLSWL
;
D
4 'polypeptide(L)'
;MPHLENVVLCRESQVSILQSLFGERHHFSFPSIFIYGHTASGKTYVTQTLLKTLELPHVFVNCVECFTLRLLLEQILNKL
NHLSSSEDGCSTEITCETFNDFVRLFKQVTTAENLKDQTVYIVLDKAEYLRDMEANLLPGFLRLQELADRNVTVLFLSEI
VWEKFRPNTGCFEPFVLYFPDYSIGNLQKILSHDHPPEYSADFYAAYINILLGVFYTVCRDLKELRHLAVLNFPKYCEPV
VKGEASERDTRKLWRNIEPHLKKAMQTVYLREISSSQWEKLQKDDTDPGQLKGLSAHTHVELPYYSKFILIAAYLASYNP
ARTDKRFFLKHHGKIKKTNFLKKHEKTSNHLLGPKPFPLDRLLAILYSIVDSRVAPTANIFSQITSLVTLQLLTLVGHDD
QLDGPKYKCTVSLDFIRAIARTVNFDIIKYLYDFL
;
E
#
loop_
_chem_comp.id
_chem_comp.type
_chem_comp.name
_chem_comp.formula
ATP non-polymer ADENOSINE-5'-TRIPHOSPHATE 'C10 H16 N5 O13 P3'
MG non-polymer 'MAGNESIUM ION' 'Mg 2'
#
# COMPACT_ATOMS: atom_id res chain seq x y z
N ASP A 268 31.73 -33.68 -10.34
CA ASP A 268 30.80 -34.79 -10.51
C ASP A 268 29.72 -34.45 -11.52
N GLN A 269 28.85 -35.42 -11.76
CA GLN A 269 27.72 -35.28 -12.66
C GLN A 269 26.43 -35.64 -11.93
N GLN A 270 25.33 -34.99 -12.33
CA GLN A 270 24.04 -35.22 -11.69
C GLN A 270 23.53 -36.63 -11.94
N THR A 271 23.72 -37.13 -13.16
CA THR A 271 23.31 -38.49 -13.50
C THR A 271 24.09 -39.52 -12.70
N LEU A 272 25.39 -39.29 -12.52
CA LEU A 272 26.23 -40.18 -11.74
C LEU A 272 25.80 -40.23 -10.28
N ARG A 273 25.50 -39.06 -9.70
CA ARG A 273 25.07 -39.00 -8.30
C ARG A 273 23.71 -39.69 -8.13
N ASN A 274 22.82 -39.53 -9.11
CA ASN A 274 21.55 -40.25 -9.00
C ASN A 274 21.73 -41.76 -9.22
N LEU A 275 22.76 -42.17 -9.96
CA LEU A 275 23.05 -43.60 -10.07
C LEU A 275 23.88 -44.13 -8.91
N LEU A 276 24.71 -43.29 -8.28
CA LEU A 276 25.64 -43.78 -7.25
C LEU A 276 25.00 -43.93 -5.89
N SER A 277 23.71 -43.63 -5.76
CA SER A 277 23.01 -43.77 -4.48
C SER A 277 22.59 -45.23 -4.28
N LYS A 278 23.59 -46.06 -4.02
CA LYS A 278 23.40 -47.44 -3.60
C LYS A 278 23.78 -47.65 -2.14
N VAL A 279 23.72 -46.57 -1.35
CA VAL A 279 24.10 -46.62 0.05
C VAL A 279 23.07 -47.39 0.88
N SER A 280 23.50 -47.84 2.04
CA SER A 280 22.63 -48.45 3.04
C SER A 280 22.78 -47.70 4.36
N PRO A 281 21.76 -46.96 4.81
CA PRO A 281 21.84 -46.25 6.09
C PRO A 281 22.06 -47.18 7.28
N SER A 282 22.81 -46.67 8.26
CA SER A 282 23.24 -47.48 9.40
C SER A 282 22.06 -47.91 10.27
N PHE A 283 21.24 -46.95 10.70
CA PHE A 283 20.04 -47.26 11.46
C PHE A 283 18.90 -47.48 10.46
N SER A 284 18.62 -48.75 10.19
CA SER A 284 17.62 -49.11 9.18
C SER A 284 16.29 -49.53 9.78
N ALA A 285 16.30 -50.12 10.97
CA ALA A 285 15.06 -50.57 11.61
C ALA A 285 14.47 -49.51 12.53
N GLU A 286 15.31 -48.72 13.20
CA GLU A 286 14.82 -47.69 14.10
C GLU A 286 14.13 -46.57 13.35
N LEU A 287 14.58 -46.26 12.14
CA LEU A 287 13.90 -45.27 11.31
C LEU A 287 12.53 -45.77 10.88
N LYS A 288 12.42 -47.07 10.57
CA LYS A 288 11.13 -47.68 10.24
C LYS A 288 10.20 -47.66 11.45
N GLN A 289 10.75 -47.90 12.64
CA GLN A 289 9.96 -47.81 13.87
C GLN A 289 9.50 -46.38 14.14
N LEU A 290 10.36 -45.41 13.83
CA LEU A 290 10.02 -44.00 14.01
C LEU A 290 8.88 -43.59 13.09
N ASN A 291 8.99 -43.92 11.80
CA ASN A 291 7.94 -43.57 10.84
C ASN A 291 6.64 -44.33 11.08
N GLN A 292 6.68 -45.43 11.83
CA GLN A 292 5.48 -46.19 12.17
C GLN A 292 4.71 -45.59 13.33
N GLN A 293 5.30 -44.64 14.06
CA GLN A 293 4.61 -44.03 15.19
C GLN A 293 3.71 -42.89 14.73
N TYR A 294 4.08 -42.17 13.67
CA TYR A 294 3.27 -41.07 13.17
C TYR A 294 2.06 -41.54 12.37
N GLU A 295 1.96 -42.83 12.06
CA GLU A 295 0.78 -43.35 11.39
C GLU A 295 -0.38 -43.49 12.38
N LYS A 296 -0.07 -43.49 13.68
CA LYS A 296 -1.10 -43.54 14.71
C LYS A 296 -1.95 -42.28 14.72
N LEU A 297 -1.33 -41.12 14.49
CA LEU A 297 -1.98 -39.83 14.70
C LEU A 297 -2.97 -39.44 13.61
N PHE A 298 -3.06 -40.21 12.51
CA PHE A 298 -3.81 -39.77 11.33
C PHE A 298 -5.27 -39.53 11.62
N HIS A 299 -5.89 -40.40 12.42
CA HIS A 299 -7.29 -40.21 12.78
C HIS A 299 -7.49 -38.93 13.58
N LYS A 300 -6.56 -38.63 14.50
CA LYS A 300 -6.63 -37.39 15.23
C LYS A 300 -6.39 -36.19 14.32
N TRP A 301 -5.65 -36.37 13.23
CA TRP A 301 -5.55 -35.29 12.25
C TRP A 301 -6.83 -35.17 11.44
N MET A 302 -7.56 -36.25 11.24
CA MET A 302 -8.79 -36.17 10.46
C MET A 302 -9.90 -35.51 11.26
N LEU A 303 -9.88 -35.66 12.58
CA LEU A 303 -10.86 -34.98 13.42
C LEU A 303 -10.65 -33.47 13.40
N GLN A 304 -9.41 -33.03 13.62
CA GLN A 304 -9.16 -31.62 13.84
C GLN A 304 -9.25 -30.80 12.57
N LEU A 305 -9.06 -31.42 11.40
CA LEU A 305 -9.37 -30.72 10.16
C LEU A 305 -10.87 -30.44 10.05
N HIS A 306 -11.70 -31.36 10.53
CA HIS A 306 -13.14 -31.18 10.39
C HIS A 306 -13.69 -30.14 11.35
N LEU A 307 -12.96 -29.82 12.41
CA LEU A 307 -13.44 -28.87 13.42
C LEU A 307 -12.98 -27.45 13.16
N GLY A 308 -12.18 -27.22 12.12
CA GLY A 308 -11.74 -25.89 11.75
C GLY A 308 -10.25 -25.67 11.79
N PHE A 309 -9.48 -26.54 12.44
CA PHE A 309 -8.06 -26.31 12.55
C PHE A 309 -7.34 -26.73 11.27
N ASN A 310 -6.11 -26.25 11.11
CA ASN A 310 -5.23 -26.65 10.03
C ASN A 310 -3.89 -27.07 10.63
N ILE A 311 -3.17 -27.93 9.91
CA ILE A 311 -2.02 -28.63 10.46
C ILE A 311 -0.78 -28.30 9.65
N VAL A 312 0.31 -27.95 10.34
CA VAL A 312 1.63 -27.76 9.74
C VAL A 312 2.56 -28.81 10.34
N LEU A 313 3.41 -29.39 9.50
CA LEU A 313 4.36 -30.41 9.92
C LEU A 313 5.77 -29.88 9.78
N TYR A 314 6.54 -29.94 10.86
CA TYR A 314 7.92 -29.47 10.84
C TYR A 314 8.81 -30.55 11.44
N GLY A 315 10.01 -30.69 10.89
CA GLY A 315 10.94 -31.67 11.42
C GLY A 315 12.32 -31.60 10.78
N LEU A 316 12.96 -32.75 10.59
CA LEU A 316 14.28 -32.83 10.01
C LEU A 316 14.33 -33.61 8.71
N GLY A 317 13.63 -34.72 8.61
CA GLY A 317 13.67 -35.50 7.39
C GLY A 317 12.80 -34.95 6.29
N SER A 318 12.29 -35.82 5.44
CA SER A 318 11.38 -35.43 4.37
C SER A 318 9.99 -35.94 4.71
N LYS A 319 9.05 -35.02 4.80
CA LYS A 319 7.68 -35.36 5.20
C LYS A 319 6.82 -35.79 4.02
N ARG A 320 7.41 -35.89 2.82
CA ARG A 320 6.68 -36.30 1.63
C ARG A 320 6.11 -37.70 1.77
N ASP A 321 6.90 -38.64 2.29
CA ASP A 321 6.46 -40.02 2.43
C ASP A 321 5.33 -40.16 3.44
N LEU A 322 5.40 -39.38 4.53
CA LEU A 322 4.36 -39.42 5.56
C LEU A 322 3.03 -38.89 5.02
N LEU A 323 3.06 -37.77 4.31
CA LEU A 323 1.83 -37.25 3.72
C LEU A 323 1.32 -38.13 2.60
N GLU A 324 2.21 -38.84 1.90
CA GLU A 324 1.74 -39.75 0.87
C GLU A 324 1.20 -41.04 1.47
N ARG A 325 1.59 -41.38 2.69
CA ARG A 325 0.92 -42.43 3.43
C ARG A 325 -0.46 -41.98 3.91
N PHE A 326 -0.54 -40.70 4.31
CA PHE A 326 -1.80 -40.10 4.73
C PHE A 326 -2.83 -40.10 3.61
N ARG A 327 -2.40 -39.76 2.39
CA ARG A 327 -3.34 -39.67 1.28
C ARG A 327 -3.87 -41.06 0.91
N THR A 328 -3.00 -42.07 0.89
CA THR A 328 -3.45 -43.41 0.55
C THR A 328 -4.22 -44.08 1.67
N THR A 329 -4.05 -43.65 2.92
CA THR A 329 -4.76 -44.30 4.00
C THR A 329 -6.13 -43.67 4.25
N MET A 330 -6.21 -42.34 4.28
CA MET A 330 -7.43 -41.66 4.70
C MET A 330 -8.25 -41.08 3.55
N LEU A 331 -7.64 -40.29 2.68
CA LEU A 331 -8.37 -39.53 1.66
C LEU A 331 -8.64 -40.44 0.45
N GLN A 332 -9.67 -41.27 0.60
CA GLN A 332 -10.09 -42.17 -0.47
C GLN A 332 -11.37 -41.75 -1.16
N ASP A 333 -12.37 -41.28 -0.41
CA ASP A 333 -13.66 -40.92 -0.96
C ASP A 333 -13.87 -39.41 -1.09
N SER A 334 -12.81 -38.61 -0.93
CA SER A 334 -12.93 -37.17 -0.94
C SER A 334 -12.09 -36.58 -2.07
N ILE A 335 -12.54 -35.45 -2.60
CA ILE A 335 -11.77 -34.71 -3.59
C ILE A 335 -10.57 -34.08 -2.89
N HIS A 336 -9.37 -34.30 -3.42
CA HIS A 336 -8.19 -33.69 -2.83
C HIS A 336 -7.23 -33.25 -3.91
N VAL A 337 -6.53 -32.16 -3.65
CA VAL A 337 -5.55 -31.57 -4.56
C VAL A 337 -4.18 -31.72 -3.93
N VAL A 338 -3.28 -32.39 -4.63
CA VAL A 338 -1.92 -32.61 -4.16
C VAL A 338 -1.02 -31.59 -4.84
N ILE A 339 -0.40 -30.70 -4.06
CA ILE A 339 0.45 -29.65 -4.60
C ILE A 339 1.89 -29.92 -4.18
N ASN A 340 2.79 -29.98 -5.17
CA ASN A 340 4.20 -30.16 -4.93
C ASN A 340 4.89 -28.80 -4.99
N GLY A 341 5.32 -28.29 -3.84
CA GLY A 341 5.99 -27.01 -3.81
C GLY A 341 7.39 -27.05 -4.41
N PHE A 342 8.01 -28.22 -4.39
CA PHE A 342 9.42 -28.32 -4.79
C PHE A 342 9.64 -28.18 -6.30
N PHE A 343 8.62 -28.47 -7.11
CA PHE A 343 8.73 -28.30 -8.56
C PHE A 343 8.99 -26.82 -8.90
N PRO A 344 10.09 -26.50 -9.60
CA PRO A 344 10.39 -25.08 -9.88
C PRO A 344 9.37 -24.31 -10.70
N GLY A 345 8.67 -24.95 -11.62
CA GLY A 345 7.68 -24.21 -12.38
C GLY A 345 6.29 -24.17 -11.75
N ILE A 346 6.12 -23.47 -10.64
CA ILE A 346 4.83 -23.42 -9.97
C ILE A 346 4.58 -21.99 -9.49
N SER A 347 3.31 -21.65 -9.36
CA SER A 347 2.87 -20.43 -8.68
C SER A 347 1.43 -20.66 -8.24
N VAL A 348 0.88 -19.69 -7.52
CA VAL A 348 -0.51 -19.78 -7.11
C VAL A 348 -1.47 -19.61 -8.28
N LYS A 349 -1.00 -19.05 -9.39
CA LYS A 349 -1.80 -18.96 -10.60
C LYS A 349 -2.10 -20.36 -11.14
N SER A 350 -1.09 -21.23 -11.09
CA SER A 350 -1.25 -22.63 -11.50
C SER A 350 -2.22 -23.37 -10.59
N VAL A 351 -2.13 -23.13 -9.28
CA VAL A 351 -2.99 -23.83 -8.32
C VAL A 351 -4.44 -23.41 -8.47
N LEU A 352 -4.69 -22.11 -8.61
CA LEU A 352 -6.06 -21.64 -8.77
C LEU A 352 -6.64 -22.05 -10.11
N ASN A 353 -5.82 -22.08 -11.18
CA ASN A 353 -6.28 -22.63 -12.44
C ASN A 353 -6.61 -24.11 -12.31
N SER A 354 -5.83 -24.85 -11.52
CA SER A 354 -6.09 -26.26 -11.31
C SER A 354 -7.43 -26.51 -10.63
N ILE A 355 -7.72 -25.75 -9.57
CA ILE A 355 -8.99 -25.93 -8.86
C ILE A 355 -10.15 -25.46 -9.73
N THR A 356 -9.97 -24.37 -10.47
CA THR A 356 -11.04 -23.87 -11.33
C THR A 356 -11.36 -24.83 -12.48
N GLU A 357 -10.35 -25.27 -13.23
CA GLU A 357 -10.63 -26.08 -14.41
C GLU A 357 -10.93 -27.54 -14.07
N GLU A 358 -10.27 -28.11 -13.06
CA GLU A 358 -10.39 -29.56 -12.87
C GLU A 358 -11.28 -29.95 -11.69
N VAL A 359 -11.87 -29.00 -10.98
CA VAL A 359 -12.83 -29.34 -9.93
C VAL A 359 -14.17 -28.67 -10.25
N LEU A 360 -14.17 -27.34 -10.34
CA LEU A 360 -15.40 -26.61 -10.62
C LEU A 360 -15.76 -26.64 -12.10
N ASP A 361 -14.78 -26.85 -12.98
CA ASP A 361 -14.93 -27.00 -14.43
C ASP A 361 -15.53 -25.76 -15.10
N HIS A 362 -15.14 -24.56 -14.67
CA HIS A 362 -15.54 -23.36 -15.41
C HIS A 362 -14.80 -23.27 -16.74
N MET A 363 -13.49 -23.59 -16.73
CA MET A 363 -12.53 -23.52 -17.86
C MET A 363 -12.70 -22.26 -18.72
N GLY A 364 -12.39 -21.12 -18.12
CA GLY A 364 -12.50 -19.85 -18.81
C GLY A 364 -11.33 -18.91 -18.58
N THR A 365 -11.57 -17.61 -18.67
CA THR A 365 -10.52 -16.61 -18.50
C THR A 365 -11.00 -15.50 -17.58
N PHE A 366 -10.14 -15.10 -16.65
CA PHE A 366 -10.40 -14.07 -15.67
C PHE A 366 -9.36 -12.97 -15.81
N ARG A 367 -9.78 -11.72 -15.61
CA ARG A 367 -8.90 -10.58 -15.86
C ARG A 367 -7.71 -10.55 -14.90
N SER A 368 -7.96 -10.83 -13.62
CA SER A 368 -6.90 -10.78 -12.62
C SER A 368 -7.04 -11.98 -11.69
N ILE A 369 -5.93 -12.32 -11.03
CA ILE A 369 -5.92 -13.45 -10.11
C ILE A 369 -6.74 -13.13 -8.85
N LEU A 370 -6.82 -11.84 -8.49
CA LEU A 370 -7.63 -11.44 -7.35
C LEU A 370 -9.12 -11.67 -7.62
N ASP A 371 -9.56 -11.44 -8.85
CA ASP A 371 -10.95 -11.67 -9.19
C ASP A 371 -11.25 -13.15 -9.37
N GLN A 372 -10.26 -13.93 -9.82
CA GLN A 372 -10.40 -15.38 -9.84
C GLN A 372 -10.55 -15.92 -8.43
N LEU A 373 -9.84 -15.31 -7.48
CA LEU A 373 -10.00 -15.65 -6.06
C LEU A 373 -11.41 -15.35 -5.58
N ASP A 374 -11.97 -14.21 -5.97
CA ASP A 374 -13.33 -13.88 -5.54
C ASP A 374 -14.37 -14.81 -6.16
N TRP A 375 -14.14 -15.26 -7.39
CA TRP A 375 -15.06 -16.23 -7.99
C TRP A 375 -14.97 -17.59 -7.32
N ILE A 376 -13.75 -18.05 -7.00
CA ILE A 376 -13.62 -19.36 -6.36
C ILE A 376 -14.03 -19.29 -4.89
N VAL A 377 -14.12 -18.07 -4.33
CA VAL A 377 -14.63 -17.88 -2.97
C VAL A 377 -16.16 -17.72 -2.95
N ASN A 378 -16.77 -17.10 -3.97
CA ASN A 378 -18.24 -17.01 -3.89
C ASN A 378 -18.92 -18.30 -4.38
N LYS A 379 -18.26 -19.09 -5.23
CA LYS A 379 -18.61 -20.51 -5.16
C LYS A 379 -17.83 -21.16 -4.02
N PHE A 380 -18.24 -22.38 -3.64
CA PHE A 380 -17.87 -23.15 -2.43
C PHE A 380 -18.50 -22.59 -1.16
N LYS A 381 -19.04 -21.37 -1.22
CA LYS A 381 -19.83 -20.85 -0.12
C LYS A 381 -21.31 -21.04 -0.38
N GLU A 382 -21.70 -21.04 -1.65
CA GLU A 382 -23.09 -21.28 -2.02
C GLU A 382 -23.52 -22.71 -1.67
N ASP A 383 -22.69 -23.69 -1.98
CA ASP A 383 -23.00 -25.10 -1.72
C ASP A 383 -21.98 -25.63 -0.71
N SER A 384 -22.42 -25.83 0.52
CA SER A 384 -21.54 -26.30 1.57
C SER A 384 -21.36 -27.82 1.56
N SER A 385 -22.19 -28.54 0.81
CA SER A 385 -22.04 -30.00 0.73
C SER A 385 -20.74 -30.39 0.02
N LEU A 386 -20.31 -29.57 -0.93
CA LEU A 386 -19.05 -29.81 -1.63
C LEU A 386 -17.87 -29.60 -0.68
N GLU A 387 -16.94 -30.54 -0.70
CA GLU A 387 -15.80 -30.56 0.22
C GLU A 387 -14.52 -30.79 -0.55
N LEU A 388 -13.41 -30.27 -0.03
CA LEU A 388 -12.14 -30.33 -0.73
C LEU A 388 -11.00 -30.32 0.27
N PHE A 389 -9.97 -31.12 0.00
CA PHE A 389 -8.77 -31.17 0.81
C PHE A 389 -7.59 -30.68 -0.02
N LEU A 390 -6.65 -30.03 0.65
CA LEU A 390 -5.39 -29.61 0.04
C LEU A 390 -4.26 -30.31 0.75
N LEU A 391 -3.28 -30.78 -0.01
CA LEU A 391 -2.14 -31.50 0.54
C LEU A 391 -0.90 -30.88 -0.08
N ILE A 392 -0.30 -29.90 0.60
CA ILE A 392 0.85 -29.17 0.08
C ILE A 392 2.12 -29.77 0.67
N HIS A 393 2.93 -30.40 -0.18
CA HIS A 393 4.10 -31.12 0.29
C HIS A 393 5.21 -30.20 0.76
N ASN A 394 5.28 -28.98 0.26
CA ASN A 394 6.25 -28.02 0.77
C ASN A 394 5.67 -26.64 0.56
N LEU A 395 5.32 -25.95 1.65
CA LEU A 395 4.59 -24.69 1.56
C LEU A 395 5.49 -23.48 1.43
N ASP A 396 6.75 -23.59 1.82
CA ASP A 396 7.64 -22.45 1.88
C ASP A 396 8.78 -22.52 0.88
N SER A 397 8.55 -23.17 -0.25
CA SER A 397 9.50 -23.11 -1.36
C SER A 397 9.49 -21.72 -1.98
N GLN A 398 10.54 -21.43 -2.76
CA GLN A 398 10.85 -20.07 -3.23
C GLN A 398 9.73 -19.44 -4.05
N MET A 399 8.93 -20.27 -4.72
CA MET A 399 7.82 -19.75 -5.52
C MET A 399 6.64 -19.33 -4.66
N LEU A 400 6.33 -20.11 -3.63
CA LEU A 400 5.16 -19.89 -2.78
C LEU A 400 5.45 -19.04 -1.55
N ARG A 401 6.64 -18.47 -1.43
CA ARG A 401 6.86 -17.43 -0.44
C ARG A 401 6.24 -16.12 -0.90
N GLY A 402 6.29 -15.13 -0.05
CA GLY A 402 5.80 -13.84 -0.49
C GLY A 402 4.46 -13.53 0.12
N GLU A 403 4.17 -12.23 0.24
CA GLU A 403 2.92 -11.81 0.86
C GLU A 403 1.72 -12.17 0.00
N LYS A 404 1.87 -12.05 -1.33
CA LYS A 404 0.75 -12.28 -2.23
C LYS A 404 0.32 -13.74 -2.24
N SER A 405 1.28 -14.66 -2.32
CA SER A 405 0.96 -16.08 -2.42
C SER A 405 0.40 -16.62 -1.11
N GLN A 406 0.99 -16.22 0.01
CA GLN A 406 0.46 -16.63 1.31
C GLN A 406 -0.91 -16.02 1.57
N GLN A 407 -1.14 -14.79 1.09
CA GLN A 407 -2.48 -14.19 1.24
C GLN A 407 -3.53 -14.97 0.44
N ILE A 408 -3.19 -15.40 -0.77
CA ILE A 408 -4.11 -16.20 -1.59
C ILE A 408 -4.41 -17.53 -0.90
N ILE A 409 -3.36 -18.22 -0.43
CA ILE A 409 -3.54 -19.52 0.21
C ILE A 409 -4.30 -19.39 1.54
N GLY A 410 -4.02 -18.32 2.29
CA GLY A 410 -4.73 -18.10 3.54
C GLY A 410 -6.20 -17.79 3.35
N GLN A 411 -6.53 -17.01 2.31
CA GLN A 411 -7.93 -16.70 2.06
C GLN A 411 -8.68 -17.94 1.57
N LEU A 412 -8.00 -18.81 0.82
CA LEU A 412 -8.63 -20.09 0.46
C LEU A 412 -8.81 -21.00 1.67
N SER A 413 -7.83 -20.99 2.59
CA SER A 413 -7.82 -21.97 3.68
C SER A 413 -8.84 -21.63 4.77
N SER A 414 -9.23 -20.37 4.90
CA SER A 414 -10.08 -19.95 6.00
C SER A 414 -11.56 -20.27 5.78
N LEU A 415 -11.93 -20.88 4.66
CA LEU A 415 -13.31 -21.24 4.45
C LEU A 415 -13.66 -22.49 5.27
N HIS A 416 -14.93 -22.86 5.25
CA HIS A 416 -15.43 -23.99 6.00
C HIS A 416 -15.39 -25.29 5.19
N ASN A 417 -15.23 -25.20 3.88
CA ASN A 417 -15.26 -26.38 3.02
C ASN A 417 -13.89 -26.81 2.50
N ILE A 418 -12.84 -26.04 2.74
CA ILE A 418 -11.51 -26.35 2.25
C ILE A 418 -10.60 -26.57 3.44
N TYR A 419 -9.98 -27.75 3.50
CA TYR A 419 -9.07 -28.11 4.58
C TYR A 419 -7.66 -28.19 4.04
N LEU A 420 -6.69 -27.74 4.83
CA LEU A 420 -5.32 -27.66 4.37
C LEU A 420 -4.40 -28.31 5.38
N ILE A 421 -3.46 -29.12 4.89
CA ILE A 421 -2.37 -29.69 5.68
C ILE A 421 -1.08 -29.47 4.92
N ALA A 422 -0.05 -28.98 5.60
CA ALA A 422 1.16 -28.57 4.92
C ALA A 422 2.39 -29.01 5.71
N SER A 423 3.55 -28.94 5.05
CA SER A 423 4.82 -29.20 5.71
C SER A 423 5.81 -28.09 5.38
N ILE A 424 6.60 -27.69 6.37
CA ILE A 424 7.59 -26.63 6.21
C ILE A 424 8.97 -27.19 6.49
N ASP A 425 9.96 -26.74 5.70
CA ASP A 425 11.34 -27.21 5.87
C ASP A 425 12.32 -26.15 6.34
N HIS A 426 12.17 -24.88 5.93
CA HIS A 426 13.20 -23.87 6.18
C HIS A 426 13.33 -23.56 7.67
N LEU A 427 14.49 -23.01 8.02
CA LEU A 427 14.80 -22.70 9.42
C LEU A 427 13.95 -21.53 9.92
N ASN A 428 13.79 -20.48 9.11
CA ASN A 428 13.02 -19.29 9.49
C ASN A 428 11.64 -19.24 8.86
N ALA A 429 10.99 -20.37 8.62
CA ALA A 429 9.66 -20.41 8.02
C ALA A 429 8.54 -19.64 8.73
N PRO A 430 8.39 -19.65 10.07
CA PRO A 430 7.28 -18.88 10.68
C PRO A 430 7.37 -17.37 10.51
N LEU A 431 8.48 -16.85 9.99
CA LEU A 431 8.60 -15.46 9.62
C LEU A 431 7.68 -15.06 8.47
N MET A 432 7.10 -16.03 7.73
CA MET A 432 6.21 -15.66 6.64
C MET A 432 4.90 -15.05 7.12
N TRP A 433 4.33 -15.64 8.18
CA TRP A 433 2.96 -15.23 8.62
C TRP A 433 2.96 -14.24 9.78
N ASP A 434 2.07 -13.24 9.72
CA ASP A 434 1.93 -12.24 10.81
C ASP A 434 0.67 -12.58 11.62
N HIS A 435 0.11 -11.61 12.35
CA HIS A 435 -1.05 -11.92 13.24
C HIS A 435 -2.35 -12.05 12.45
N ALA A 436 -2.47 -11.40 11.29
CA ALA A 436 -3.66 -11.55 10.45
C ALA A 436 -3.61 -12.85 9.65
N LYS A 437 -2.45 -13.19 9.12
CA LYS A 437 -2.31 -14.45 8.40
C LYS A 437 -2.40 -15.64 9.35
N GLN A 438 -1.90 -15.52 10.57
CA GLN A 438 -2.07 -16.60 11.55
C GLN A 438 -3.53 -16.75 11.95
N SER A 439 -4.28 -15.65 11.95
CA SER A 439 -5.72 -15.74 12.15
C SER A 439 -6.38 -16.46 10.98
N LEU A 440 -5.93 -16.20 9.75
CA LEU A 440 -6.55 -16.81 8.58
C LEU A 440 -6.28 -18.31 8.51
N PHE A 441 -5.02 -18.72 8.69
CA PHE A 441 -4.67 -20.14 8.59
C PHE A 441 -5.19 -20.97 9.75
N ASN A 442 -5.04 -20.47 11.00
CA ASN A 442 -5.45 -21.15 12.24
C ASN A 442 -4.70 -22.47 12.44
N TRP A 443 -3.37 -22.39 12.64
CA TRP A 443 -2.55 -23.59 12.63
C TRP A 443 -2.66 -24.40 13.91
N LEU A 444 -2.49 -25.71 13.79
CA LEU A 444 -2.05 -26.58 14.87
C LEU A 444 -0.69 -27.16 14.47
N TRP A 445 0.34 -26.87 15.27
CA TRP A 445 1.68 -27.28 14.89
C TRP A 445 1.98 -28.69 15.40
N TYR A 446 2.24 -29.62 14.48
CA TYR A 446 2.51 -31.01 14.81
C TYR A 446 3.91 -31.35 14.33
N GLU A 447 4.76 -31.81 15.24
CA GLU A 447 6.12 -32.17 14.90
C GLU A 447 6.18 -33.62 14.43
N THR A 448 6.70 -33.83 13.22
CA THR A 448 6.99 -35.17 12.70
C THR A 448 8.42 -35.14 12.17
N THR A 449 9.35 -35.64 12.96
CA THR A 449 10.77 -35.65 12.61
C THR A 449 11.21 -37.01 12.08
N THR A 450 10.94 -37.24 10.79
CA THR A 450 11.50 -38.39 10.11
C THR A 450 12.98 -38.17 9.83
N TYR A 451 13.61 -39.12 9.16
CA TYR A 451 15.00 -38.95 8.76
C TYR A 451 15.22 -39.31 7.30
N SER A 452 14.15 -39.38 6.51
CA SER A 452 14.28 -39.72 5.09
C SER A 452 15.02 -38.61 4.34
N PRO A 453 15.95 -38.96 3.47
CA PRO A 453 16.70 -37.94 2.73
C PRO A 453 15.81 -37.25 1.70
N TYR A 454 16.15 -35.99 1.42
CA TYR A 454 15.43 -35.21 0.42
C TYR A 454 15.90 -35.57 -0.98
N THR A 455 15.64 -36.82 -1.38
CA THR A 455 16.05 -37.26 -2.72
C THR A 455 15.15 -36.63 -3.78
N GLU A 456 13.90 -36.32 -3.43
CA GLU A 456 12.99 -35.72 -4.40
C GLU A 456 13.09 -34.20 -4.40
N GLU A 457 13.20 -33.61 -3.21
CA GLU A 457 13.14 -32.15 -3.06
C GLU A 457 14.32 -31.47 -3.74
N THR A 458 15.54 -31.78 -3.33
CA THR A 458 16.69 -31.07 -3.85
C THR A 458 17.03 -31.51 -5.27
N SER A 459 17.42 -30.53 -6.08
CA SER A 459 18.03 -30.76 -7.37
C SER A 459 19.39 -30.09 -7.35
N TYR A 460 20.40 -30.78 -7.85
CA TYR A 460 21.79 -30.33 -7.71
C TYR A 460 22.12 -29.32 -8.81
N GLU A 461 21.44 -28.19 -8.73
CA GLU A 461 21.57 -27.10 -9.67
C GLU A 461 21.94 -25.85 -8.89
N ASN A 462 22.74 -25.00 -9.52
CA ASN A 462 23.44 -23.88 -8.88
C ASN A 462 24.26 -24.41 -7.69
N SER A 463 24.94 -25.53 -7.91
CA SER A 463 25.85 -26.12 -6.92
C SER A 463 27.27 -26.01 -7.46
N LEU A 464 28.17 -25.50 -6.62
CA LEU A 464 29.56 -25.30 -7.04
C LEU A 464 30.27 -26.61 -7.30
N LEU A 465 29.98 -27.63 -6.50
CA LEU A 465 30.72 -28.89 -6.57
C LEU A 465 30.38 -29.72 -7.80
N VAL A 466 29.12 -29.75 -8.22
CA VAL A 466 28.69 -30.63 -9.31
C VAL A 466 28.43 -29.79 -10.56
N LYS A 467 28.72 -30.37 -11.73
CA LYS A 467 28.46 -29.67 -12.98
C LYS A 467 26.97 -29.61 -13.26
N GLN A 468 26.55 -28.56 -13.95
CA GLN A 468 25.15 -28.23 -14.11
C GLN A 468 24.55 -28.76 -15.42
N SER A 469 25.32 -29.56 -16.18
CA SER A 469 25.01 -29.94 -17.57
C SER A 469 24.78 -28.71 -18.43
N GLY A 470 25.67 -27.72 -18.27
CA GLY A 470 25.44 -26.39 -18.79
C GLY A 470 25.08 -25.47 -17.66
N SER A 471 26.03 -24.62 -17.22
CA SER A 471 25.79 -23.74 -16.09
C SER A 471 24.72 -22.71 -16.39
N LEU A 472 24.79 -22.07 -17.55
CA LEU A 472 23.81 -21.08 -17.99
C LEU A 472 23.41 -21.39 -19.43
N PRO A 473 22.53 -22.37 -19.63
CA PRO A 473 21.93 -22.53 -20.95
C PRO A 473 20.82 -21.52 -21.16
N LEU A 474 20.61 -21.16 -22.42
CA LEU A 474 19.55 -20.21 -22.73
C LEU A 474 18.16 -20.84 -22.64
N SER A 475 18.08 -22.17 -22.53
CA SER A 475 16.79 -22.84 -22.41
C SER A 475 16.10 -22.50 -21.10
N SER A 476 16.87 -22.28 -20.03
CA SER A 476 16.30 -21.87 -18.76
C SER A 476 15.66 -20.49 -18.86
N LEU A 477 16.26 -19.58 -19.64
CA LEU A 477 15.67 -18.27 -19.88
C LEU A 477 14.43 -18.38 -20.76
N THR A 478 14.51 -19.20 -21.81
CA THR A 478 13.43 -19.34 -22.79
C THR A 478 12.19 -19.98 -22.18
N HIS A 479 12.39 -20.99 -21.33
CA HIS A 479 11.27 -21.67 -20.70
C HIS A 479 10.54 -20.78 -19.70
N VAL A 480 11.28 -19.98 -18.92
CA VAL A 480 10.60 -19.09 -18.00
C VAL A 480 10.03 -17.88 -18.70
N LEU A 481 10.50 -17.57 -19.92
CA LEU A 481 9.84 -16.52 -20.70
C LEU A 481 8.66 -17.03 -21.51
N ARG A 482 8.46 -18.35 -21.61
CA ARG A 482 7.24 -18.85 -22.24
C ARG A 482 6.03 -18.73 -21.33
N SER A 483 6.21 -18.68 -20.02
CA SER A 483 5.08 -18.50 -19.12
C SER A 483 4.62 -17.05 -19.02
N LEU A 484 5.53 -16.11 -19.30
CA LEU A 484 5.23 -14.69 -19.14
C LEU A 484 4.28 -14.19 -20.23
N THR A 485 3.47 -13.20 -19.86
CA THR A 485 2.60 -12.52 -20.81
C THR A 485 3.43 -11.76 -21.84
N PRO A 486 2.92 -11.58 -23.08
CA PRO A 486 3.74 -10.94 -24.13
C PRO A 486 4.16 -9.51 -23.85
N ASN A 487 3.32 -8.70 -23.19
CA ASN A 487 3.75 -7.36 -22.83
C ASN A 487 4.83 -7.38 -21.76
N ALA A 488 4.78 -8.36 -20.85
CA ALA A 488 5.87 -8.54 -19.91
C ALA A 488 7.14 -9.00 -20.61
N ARG A 489 6.99 -9.80 -21.67
CA ARG A 489 8.12 -10.14 -22.51
C ARG A 489 8.69 -8.92 -23.20
N GLY A 490 7.87 -7.95 -23.54
CA GLY A 490 8.37 -6.71 -24.11
C GLY A 490 9.10 -5.82 -23.10
N ILE A 491 8.54 -5.71 -21.89
CA ILE A 491 9.17 -4.97 -20.81
C ILE A 491 10.49 -5.60 -20.38
N PHE A 492 10.65 -6.90 -20.59
CA PHE A 492 11.93 -7.55 -20.32
C PHE A 492 12.88 -7.46 -21.52
N ARG A 493 12.32 -7.49 -22.73
CA ARG A 493 13.11 -7.39 -23.95
C ARG A 493 13.79 -6.04 -24.08
N LEU A 494 13.12 -4.97 -23.65
CA LEU A 494 13.74 -3.64 -23.66
C LEU A 494 14.92 -3.56 -22.70
N LEU A 495 14.81 -4.25 -21.56
CA LEU A 495 15.91 -4.30 -20.61
C LEU A 495 17.10 -5.07 -21.18
N ILE A 496 16.83 -6.11 -21.97
CA ILE A 496 17.90 -6.81 -22.68
C ILE A 496 18.65 -5.87 -23.62
N LYS A 497 17.91 -5.12 -24.42
CA LYS A 497 18.52 -4.23 -25.41
C LYS A 497 19.29 -3.10 -24.75
N TYR A 498 18.83 -2.64 -23.59
CA TYR A 498 19.61 -1.64 -22.86
C TYR A 498 20.83 -2.27 -22.22
N GLN A 499 20.77 -3.56 -21.88
CA GLN A 499 21.92 -4.21 -21.28
C GLN A 499 23.07 -4.42 -22.28
N LEU A 500 22.74 -4.69 -23.55
CA LEU A 500 23.79 -5.08 -24.48
C LEU A 500 24.76 -3.96 -24.86
N ASP A 501 24.47 -2.69 -24.59
CA ASP A 501 25.37 -1.64 -25.05
C ASP A 501 26.20 -1.00 -23.93
N ASN A 502 26.13 -1.54 -22.71
CA ASN A 502 27.04 -1.12 -21.65
C ASN A 502 28.11 -2.18 -21.39
N GLN A 503 28.34 -3.05 -22.36
CA GLN A 503 29.41 -4.03 -22.30
C GLN A 503 30.79 -3.42 -22.49
N ASP A 504 30.85 -2.17 -22.96
CA ASP A 504 32.09 -1.42 -23.08
C ASP A 504 32.36 -0.56 -21.84
N ASN A 505 31.81 -0.95 -20.70
CA ASN A 505 31.94 -0.27 -19.40
C ASN A 505 31.48 1.18 -19.45
N GLY A 510 24.23 -1.10 -14.34
CA GLY A 510 23.02 -0.84 -13.59
C GLY A 510 22.14 0.21 -14.23
N LEU A 511 20.86 -0.09 -14.33
CA LEU A 511 19.84 0.85 -14.81
C LEU A 511 18.86 1.16 -13.69
N SER A 512 18.66 2.44 -13.40
CA SER A 512 17.78 2.80 -12.30
C SER A 512 16.31 2.63 -12.70
N PHE A 513 15.44 2.70 -11.71
CA PHE A 513 14.01 2.52 -11.98
C PHE A 513 13.42 3.68 -12.75
N GLN A 514 13.93 4.89 -12.55
CA GLN A 514 13.34 6.08 -13.18
C GLN A 514 13.57 6.10 -14.68
N ASP A 515 14.81 5.82 -15.09
CA ASP A 515 15.15 5.78 -16.50
C ASP A 515 14.41 4.66 -17.22
N PHE A 516 14.32 3.50 -16.57
CA PHE A 516 13.62 2.37 -17.16
C PHE A 516 12.13 2.65 -17.26
N TYR A 517 11.56 3.31 -16.26
CA TYR A 517 10.14 3.68 -16.30
C TYR A 517 9.86 4.66 -17.42
N GLN A 518 10.80 5.59 -17.65
CA GLN A 518 10.66 6.47 -18.80
C GLN A 518 10.68 5.68 -20.10
N GLN A 519 11.66 4.77 -20.25
CA GLN A 519 11.84 4.02 -21.49
C GLN A 519 10.65 3.11 -21.78
N CYS A 520 10.02 2.56 -20.75
CA CYS A 520 8.76 1.84 -20.95
C CYS A 520 7.61 2.79 -21.27
N ARG A 521 7.62 3.99 -20.71
CA ARG A 521 6.49 4.90 -20.93
C ARG A 521 6.41 5.38 -22.38
N GLU A 522 7.55 5.78 -22.99
CA GLU A 522 7.42 6.08 -24.41
C GLU A 522 7.41 4.86 -25.32
N ALA A 523 7.60 3.65 -24.80
CA ALA A 523 7.46 2.47 -25.63
C ALA A 523 6.04 1.91 -25.63
N PHE A 524 5.11 2.58 -24.93
CA PHE A 524 3.69 2.23 -24.86
C PHE A 524 3.48 0.83 -24.30
N LEU A 525 4.03 0.61 -23.12
CA LEU A 525 3.90 -0.68 -22.45
C LEU A 525 3.34 -0.59 -21.05
N VAL A 526 3.50 0.52 -20.34
CA VAL A 526 2.93 0.67 -19.01
C VAL A 526 2.10 1.94 -18.97
N ASN A 527 1.10 1.94 -18.11
CA ASN A 527 0.29 3.12 -17.82
C ASN A 527 0.93 3.91 -16.69
N SER A 528 1.06 3.28 -15.52
CA SER A 528 1.55 3.91 -14.31
C SER A 528 2.66 3.05 -13.72
N ASP A 529 3.45 3.68 -12.85
CA ASP A 529 4.63 3.03 -12.28
C ASP A 529 4.30 1.82 -11.42
N LEU A 530 3.07 1.76 -10.89
CA LEU A 530 2.68 0.62 -10.07
C LEU A 530 2.59 -0.66 -10.89
N THR A 531 2.13 -0.55 -12.15
CA THR A 531 2.12 -1.72 -13.04
C THR A 531 3.52 -2.21 -13.32
N LEU A 532 4.45 -1.28 -13.54
CA LEU A 532 5.85 -1.64 -13.76
C LEU A 532 6.46 -2.30 -12.53
N ARG A 533 6.16 -1.77 -11.35
CA ARG A 533 6.70 -2.33 -10.12
C ARG A 533 6.17 -3.73 -9.85
N ALA A 534 4.86 -3.92 -10.03
CA ALA A 534 4.25 -5.24 -9.85
C ALA A 534 4.77 -6.23 -10.87
N GLN A 535 5.03 -5.77 -12.10
CA GLN A 535 5.65 -6.63 -13.10
C GLN A 535 7.09 -6.97 -12.71
N LEU A 536 7.80 -6.06 -12.06
CA LEU A 536 9.18 -6.32 -11.65
C LEU A 536 9.27 -7.37 -10.55
N THR A 537 8.25 -7.43 -9.68
CA THR A 537 8.24 -8.47 -8.63
C THR A 537 8.18 -9.88 -9.21
N GLU A 538 7.50 -10.06 -10.35
CA GLU A 538 7.47 -11.36 -11.00
C GLU A 538 8.87 -11.78 -11.49
N PHE A 539 9.64 -10.83 -12.01
CA PHE A 539 11.00 -11.12 -12.42
C PHE A 539 11.88 -11.41 -11.22
N ARG A 540 11.63 -10.73 -10.10
CA ARG A 540 12.39 -11.02 -8.88
C ARG A 540 12.13 -12.43 -8.38
N ASP A 541 10.87 -12.87 -8.41
CA ASP A 541 10.54 -14.24 -8.01
C ASP A 541 11.15 -15.27 -8.95
N HIS A 542 11.10 -15.02 -10.27
CA HIS A 542 11.68 -15.96 -11.21
C HIS A 542 13.20 -15.89 -11.28
N LYS A 543 13.83 -14.94 -10.58
CA LYS A 543 15.29 -14.70 -10.45
C LYS A 543 15.80 -14.10 -11.75
N LEU A 544 14.88 -13.53 -12.55
CA LEU A 544 15.29 -12.90 -13.81
C LEU A 544 16.07 -11.61 -13.57
N ILE A 545 15.76 -10.89 -12.50
CA ILE A 545 16.39 -9.60 -12.20
C ILE A 545 16.96 -9.65 -10.79
N ARG A 546 18.10 -9.02 -10.59
CA ARG A 546 18.66 -8.78 -9.27
C ARG A 546 19.01 -7.30 -9.19
N THR A 547 18.51 -6.62 -8.18
CA THR A 547 18.71 -5.18 -8.06
C THR A 547 19.98 -4.90 -7.28
N LYS A 548 21.07 -4.60 -7.99
CA LYS A 548 22.30 -4.19 -7.33
C LYS A 548 22.14 -2.75 -6.89
N LYS A 549 21.64 -2.60 -5.67
CA LYS A 549 21.51 -1.28 -5.06
C LYS A 549 22.88 -0.66 -4.80
N GLY A 550 23.00 0.62 -5.14
CA GLY A 550 24.25 1.33 -4.93
C GLY A 550 24.29 1.96 -3.56
N VAL A 554 20.14 4.91 -3.62
CA VAL A 554 20.05 4.89 -5.08
C VAL A 554 20.05 3.44 -5.57
N GLU A 555 18.99 3.05 -6.27
CA GLU A 555 18.81 1.68 -6.73
C GLU A 555 19.16 1.56 -8.20
N TYR A 556 19.40 0.32 -8.63
CA TYR A 556 19.73 0.03 -10.02
C TYR A 556 19.21 -1.36 -10.35
N LEU A 557 19.01 -1.64 -11.63
CA LEU A 557 18.50 -2.92 -12.09
C LEU A 557 19.56 -3.57 -12.96
N LEU A 558 19.72 -4.88 -12.82
CA LEU A 558 20.71 -5.61 -13.58
C LEU A 558 20.18 -7.01 -13.84
N ILE A 559 20.71 -7.65 -14.88
CA ILE A 559 20.36 -9.02 -15.24
C ILE A 559 21.54 -9.90 -15.01
N PRO A 560 21.38 -11.08 -14.38
CA PRO A 560 22.54 -11.94 -14.11
C PRO A 560 23.07 -12.68 -15.32
N VAL A 561 22.23 -12.92 -16.33
CA VAL A 561 22.66 -13.67 -17.52
C VAL A 561 23.65 -12.84 -18.33
N ASP A 562 24.78 -13.46 -18.69
CA ASP A 562 25.94 -12.76 -19.25
C ASP A 562 25.66 -12.23 -20.66
N ASN A 563 26.39 -11.17 -21.05
CA ASN A 563 26.11 -10.41 -22.26
C ASN A 563 26.27 -11.23 -23.54
N GLY A 564 27.27 -12.11 -23.57
CA GLY A 564 27.43 -12.98 -24.74
C GLY A 564 26.26 -13.94 -24.91
N THR A 565 25.85 -14.58 -23.82
CA THR A 565 24.68 -15.45 -23.84
C THR A 565 23.41 -14.65 -24.10
N LEU A 566 23.37 -13.41 -23.59
CA LEU A 566 22.21 -12.55 -23.82
C LEU A 566 22.07 -12.18 -25.28
N THR A 567 23.18 -11.89 -25.96
CA THR A 567 23.13 -11.68 -27.40
C THR A 567 22.79 -12.98 -28.13
N ASP A 568 23.20 -14.12 -27.57
CA ASP A 568 22.73 -15.41 -28.08
C ASP A 568 21.28 -15.72 -27.71
N PHE A 569 20.58 -14.84 -26.98
CA PHE A 569 19.15 -15.03 -26.81
C PHE A 569 18.32 -14.45 -27.96
N LEU A 570 18.87 -13.50 -28.73
CA LEU A 570 18.06 -12.80 -29.73
C LEU A 570 18.02 -13.53 -31.05
N GLU A 571 17.57 -14.79 -31.03
CA GLU A 571 17.23 -15.53 -32.24
C GLU A 571 15.90 -16.26 -32.04
N THR B 3 3.36 -41.45 -9.47
CA THR B 3 1.95 -41.08 -9.59
C THR B 3 1.69 -39.75 -8.88
N SER B 4 2.63 -39.35 -8.01
CA SER B 4 2.61 -38.03 -7.39
C SER B 4 3.78 -37.17 -7.85
N SER B 5 4.53 -37.61 -8.86
CA SER B 5 5.72 -36.91 -9.31
C SER B 5 5.75 -36.90 -10.83
N MET B 6 5.67 -35.70 -11.40
CA MET B 6 5.55 -35.52 -12.84
C MET B 6 5.93 -34.07 -13.12
N SER B 7 6.11 -33.74 -14.40
CA SER B 7 6.35 -32.36 -14.82
C SER B 7 5.14 -31.45 -14.64
N LYS B 8 3.97 -31.99 -14.31
CA LYS B 8 2.83 -31.18 -13.95
C LYS B 8 3.00 -30.65 -12.54
N GLY B 9 2.57 -29.40 -12.31
CA GLY B 9 2.79 -28.76 -11.01
C GLY B 9 2.01 -29.40 -9.89
N CYS B 10 0.70 -29.58 -10.08
CA CYS B 10 -0.16 -30.12 -9.04
C CYS B 10 -1.25 -30.96 -9.68
N PHE B 11 -1.70 -32.00 -8.96
CA PHE B 11 -2.63 -32.98 -9.48
C PHE B 11 -3.97 -32.86 -8.76
N VAL B 12 -5.02 -33.37 -9.38
CA VAL B 12 -6.36 -33.36 -8.82
C VAL B 12 -6.86 -34.79 -8.82
N PHE B 13 -6.95 -35.39 -7.65
CA PHE B 13 -7.51 -36.73 -7.47
C PHE B 13 -8.94 -36.62 -6.95
N LYS B 14 -9.87 -37.16 -7.71
CA LYS B 14 -11.27 -37.29 -7.31
C LYS B 14 -11.63 -38.76 -7.16
N PRO B 15 -12.58 -39.09 -6.29
CA PRO B 15 -13.24 -40.39 -6.40
C PRO B 15 -14.14 -40.38 -7.63
N ASN B 16 -13.91 -41.33 -8.54
CA ASN B 16 -14.61 -41.38 -9.81
C ASN B 16 -15.59 -42.54 -9.77
N SER B 17 -16.87 -42.24 -10.04
CA SER B 17 -17.99 -43.18 -9.96
C SER B 17 -18.08 -43.84 -8.58
N LYS B 18 -17.82 -43.05 -7.54
CA LYS B 18 -17.92 -43.51 -6.16
C LYS B 18 -19.00 -42.74 -5.42
N LYS B 19 -19.43 -43.28 -4.30
CA LYS B 19 -20.47 -42.67 -3.48
C LYS B 19 -20.13 -42.79 -1.99
N PRO B 25 -18.93 -40.87 9.92
CA PRO B 25 -18.93 -39.41 10.03
C PRO B 25 -17.83 -38.91 10.96
N ILE B 26 -18.03 -37.73 11.56
CA ILE B 26 -17.02 -37.12 12.41
C ILE B 26 -16.82 -37.93 13.69
N GLU B 27 -17.88 -38.59 14.17
CA GLU B 27 -17.80 -39.35 15.42
C GLU B 27 -16.90 -40.56 15.31
N ASP B 28 -16.72 -41.09 14.08
CA ASP B 28 -15.81 -42.21 13.86
C ASP B 28 -14.37 -41.84 14.20
N TYR B 29 -13.96 -40.62 13.82
CA TYR B 29 -12.63 -40.14 14.16
C TYR B 29 -12.48 -39.90 15.66
N PHE B 30 -13.58 -39.53 16.33
CA PHE B 30 -13.58 -39.42 17.78
C PHE B 30 -13.39 -40.78 18.44
N ASN B 31 -13.86 -41.84 17.80
CA ASN B 31 -13.70 -43.20 18.29
C ASN B 31 -12.30 -43.73 17.98
N ASP B 39 -18.54 -45.20 24.34
CA ASP B 39 -19.41 -44.05 24.55
C ASP B 39 -18.85 -42.74 24.00
N SER B 40 -18.22 -42.82 22.83
CA SER B 40 -17.63 -41.64 22.19
C SER B 40 -18.72 -40.70 21.70
N LYS B 41 -19.88 -41.24 21.33
CA LYS B 41 -20.97 -40.44 20.77
C LYS B 41 -21.48 -39.40 21.76
N LEU B 42 -21.76 -39.83 22.99
CA LEU B 42 -22.32 -38.92 23.98
C LEU B 42 -21.23 -38.01 24.53
N ARG B 43 -19.97 -38.44 24.46
CA ARG B 43 -18.87 -37.54 24.78
C ARG B 43 -18.63 -36.48 23.71
N PHE B 44 -19.06 -36.74 22.49
CA PHE B 44 -18.92 -35.74 21.43
C PHE B 44 -20.09 -34.76 21.41
N GLU B 45 -21.28 -35.22 21.77
CA GLU B 45 -22.44 -34.33 21.84
C GLU B 45 -22.26 -33.29 22.95
N THR B 46 -21.71 -33.72 24.09
CA THR B 46 -21.43 -32.81 25.20
C THR B 46 -20.41 -31.75 24.81
N TYR B 47 -19.40 -32.15 24.03
CA TYR B 47 -18.41 -31.20 23.52
C TYR B 47 -19.06 -30.14 22.64
N GLN B 48 -19.88 -30.56 21.68
CA GLN B 48 -20.52 -29.60 20.77
C GLN B 48 -21.45 -28.66 21.52
N LEU B 49 -22.19 -29.18 22.51
CA LEU B 49 -23.09 -28.38 23.33
C LEU B 49 -22.33 -27.30 24.11
N ILE B 50 -21.30 -27.72 24.83
CA ILE B 50 -20.53 -26.78 25.66
C ILE B 50 -19.82 -25.75 24.80
N TRP B 51 -19.29 -26.17 23.65
CA TRP B 51 -18.52 -25.23 22.85
C TRP B 51 -19.41 -24.20 22.18
N GLN B 52 -20.60 -24.61 21.71
CA GLN B 52 -21.47 -23.59 21.12
C GLN B 52 -22.03 -22.65 22.17
N GLN B 53 -22.22 -23.11 23.42
CA GLN B 53 -22.62 -22.20 24.48
C GLN B 53 -21.53 -21.18 24.79
N MET B 54 -20.27 -21.61 24.82
CA MET B 54 -19.17 -20.67 25.06
C MET B 54 -19.02 -19.66 23.92
N LYS B 55 -19.19 -20.11 22.67
CA LYS B 55 -19.08 -19.18 21.55
C LYS B 55 -20.21 -18.14 21.56
N SER B 56 -21.44 -18.58 21.84
CA SER B 56 -22.57 -17.65 21.90
C SER B 56 -22.41 -16.65 23.04
N GLU B 57 -21.91 -17.11 24.18
CA GLU B 57 -21.71 -16.21 25.31
C GLU B 57 -20.58 -15.23 25.03
N ASN B 58 -19.55 -15.66 24.30
CA ASN B 58 -18.48 -14.73 23.93
C ASN B 58 -18.96 -13.63 22.99
N GLU B 59 -19.80 -13.98 22.00
CA GLU B 59 -20.23 -12.93 21.09
C GLU B 59 -21.28 -12.01 21.72
N ARG B 60 -22.11 -12.53 22.64
CA ARG B 60 -23.01 -11.67 23.40
C ARG B 60 -22.22 -10.68 24.28
N LEU B 61 -21.16 -11.16 24.92
CA LEU B 61 -20.30 -10.29 25.72
C LEU B 61 -19.63 -9.23 24.85
N GLN B 62 -19.20 -9.64 23.65
CA GLN B 62 -18.59 -8.71 22.70
C GLN B 62 -19.55 -7.60 22.30
N GLU B 63 -20.82 -7.95 22.10
CA GLU B 63 -21.85 -6.95 21.84
C GLU B 63 -21.99 -5.98 23.01
N GLU B 64 -22.10 -6.50 24.23
CA GLU B 64 -22.39 -5.62 25.37
C GLU B 64 -21.18 -4.79 25.80
N LEU B 65 -19.98 -5.19 25.40
CA LEU B 65 -18.79 -4.55 25.97
C LEU B 65 -18.56 -3.14 25.40
N ASN B 66 -18.68 -2.98 24.08
CA ASN B 66 -18.26 -1.77 23.38
C ASN B 66 -19.38 -0.80 23.11
N LYS B 67 -20.51 -0.91 23.81
CA LYS B 67 -21.67 -0.06 23.54
C LYS B 67 -21.41 1.41 23.89
N ASN B 68 -20.58 1.63 24.91
CA ASN B 68 -20.36 2.98 25.45
C ASN B 68 -19.69 3.89 24.43
N LEU B 69 -18.75 3.38 23.66
CA LEU B 69 -18.14 4.19 22.61
C LEU B 69 -19.00 4.27 21.36
N PHE B 70 -19.86 3.27 21.14
CA PHE B 70 -20.77 3.32 20.00
C PHE B 70 -21.79 4.43 20.16
N ASP B 71 -22.20 4.72 21.40
CA ASP B 71 -23.11 5.84 21.64
C ASP B 71 -22.49 7.18 21.25
N ASN B 72 -21.23 7.42 21.65
CA ASN B 72 -20.56 8.66 21.27
C ASN B 72 -20.30 8.74 19.77
N LEU B 73 -20.01 7.60 19.14
CA LEU B 73 -19.76 7.63 17.70
C LEU B 73 -21.05 7.92 16.94
N ILE B 74 -22.18 7.36 17.37
CA ILE B 74 -23.45 7.66 16.73
C ILE B 74 -23.87 9.10 16.96
N GLU B 75 -23.53 9.68 18.12
CA GLU B 75 -23.78 11.09 18.36
C GLU B 75 -22.96 11.97 17.43
N PHE B 76 -21.69 11.60 17.19
CA PHE B 76 -20.84 12.40 16.30
C PHE B 76 -21.33 12.35 14.85
N LEU B 77 -21.75 11.17 14.37
CA LEU B 77 -22.31 11.11 13.02
C LEU B 77 -23.64 11.85 12.88
N GLN B 78 -24.49 11.84 13.90
CA GLN B 78 -25.74 12.60 13.79
C GLN B 78 -25.49 14.11 13.78
N LYS B 79 -24.54 14.59 14.59
CA LYS B 79 -24.20 16.01 14.55
C LYS B 79 -23.57 16.43 13.22
N SER B 80 -22.70 15.59 12.66
CA SER B 80 -22.04 15.93 11.40
C SER B 80 -23.03 15.95 10.23
N HIS B 81 -23.93 14.96 10.17
CA HIS B 81 -24.90 14.98 9.08
C HIS B 81 -25.95 16.06 9.32
N SER B 82 -26.16 16.48 10.57
CA SER B 82 -26.93 17.69 10.82
C SER B 82 -26.25 18.93 10.27
N GLY B 83 -24.92 18.96 10.30
CA GLY B 83 -24.18 20.02 9.63
C GLY B 83 -24.40 20.02 8.11
N PHE B 84 -24.45 18.82 7.52
CA PHE B 84 -24.84 18.72 6.10
C PHE B 84 -26.29 19.12 5.86
N GLN B 85 -27.17 18.86 6.82
CA GLN B 85 -28.57 19.26 6.70
C GLN B 85 -28.71 20.78 6.83
N LYS B 86 -27.77 21.42 7.53
CA LYS B 86 -27.68 22.87 7.49
C LYS B 86 -27.22 23.34 6.11
N ASN B 87 -26.11 22.80 5.61
CA ASN B 87 -25.54 23.33 4.37
C ASN B 87 -26.37 22.92 3.15
N SER B 88 -26.78 21.66 3.07
CA SER B 88 -27.59 21.19 1.95
C SER B 88 -28.47 20.00 2.32
N LEU B 97 -15.76 24.12 1.40
CA LEU B 97 -16.95 24.44 2.19
C LEU B 97 -17.12 23.46 3.34
N ARG B 98 -17.35 22.19 3.02
CA ARG B 98 -17.47 21.14 4.01
C ARG B 98 -16.16 20.34 3.99
N GLU B 99 -15.78 19.78 5.14
CA GLU B 99 -14.44 19.29 5.35
C GLU B 99 -14.38 17.82 5.72
N ILE B 100 -15.29 17.01 5.17
CA ILE B 100 -15.34 15.53 5.23
C ILE B 100 -15.29 15.04 6.68
N PRO B 101 -16.43 14.91 7.36
CA PRO B 101 -16.43 14.52 8.77
C PRO B 101 -15.81 13.14 9.00
N THR B 102 -14.88 13.06 9.93
CA THR B 102 -14.07 11.87 10.10
C THR B 102 -13.87 11.57 11.59
N ALA B 103 -13.89 10.29 11.94
CA ALA B 103 -13.58 9.82 13.28
C ALA B 103 -12.38 8.89 13.23
N ALA B 104 -11.32 9.25 13.94
CA ALA B 104 -10.09 8.45 13.94
C ALA B 104 -10.18 7.46 15.10
N LEU B 105 -10.74 6.30 14.83
CA LEU B 105 -11.09 5.34 15.85
C LEU B 105 -9.86 4.51 16.21
N VAL B 106 -9.36 4.68 17.43
CA VAL B 106 -8.05 4.12 17.81
C VAL B 106 -8.30 2.72 18.36
N LEU B 107 -8.23 1.74 17.48
CA LEU B 107 -8.27 0.35 17.93
C LEU B 107 -6.87 -0.05 18.43
N GLY B 108 -6.77 -1.21 19.03
CA GLY B 108 -5.51 -1.64 19.63
C GLY B 108 -4.55 -2.24 18.62
N VAL B 109 -3.47 -2.80 19.14
CA VAL B 109 -2.49 -3.54 18.35
C VAL B 109 -2.96 -4.97 18.08
N ASN B 110 -3.96 -5.42 18.83
CA ASN B 110 -4.54 -6.75 18.70
C ASN B 110 -5.36 -6.87 17.41
N VAL B 111 -4.65 -7.13 16.32
CA VAL B 111 -5.25 -7.13 14.98
C VAL B 111 -6.30 -8.23 14.85
N THR B 112 -6.06 -9.38 15.49
CA THR B 112 -6.87 -10.59 15.30
C THR B 112 -8.33 -10.37 15.69
N ASP B 113 -8.58 -9.64 16.77
CA ASP B 113 -9.94 -9.39 17.20
C ASP B 113 -10.45 -8.00 16.85
N HIS B 114 -9.92 -7.35 15.82
CA HIS B 114 -10.58 -6.13 15.35
C HIS B 114 -11.88 -6.38 14.63
N ASP B 115 -11.98 -7.47 13.86
CA ASP B 115 -13.06 -7.66 12.90
C ASP B 115 -14.43 -7.70 13.57
N LEU B 116 -14.52 -8.40 14.71
CA LEU B 116 -15.75 -8.47 15.50
C LEU B 116 -16.24 -7.10 15.90
N THR B 117 -15.31 -6.22 16.32
CA THR B 117 -15.65 -4.85 16.70
C THR B 117 -16.29 -4.13 15.53
N PHE B 118 -15.68 -4.24 14.35
CA PHE B 118 -16.24 -3.57 13.17
C PHE B 118 -17.58 -4.18 12.81
N GLY B 119 -17.71 -5.50 13.00
CA GLY B 119 -18.99 -6.14 12.76
C GLY B 119 -20.07 -5.58 13.67
N SER B 120 -19.73 -5.39 14.96
CA SER B 120 -20.66 -4.80 15.90
C SER B 120 -20.98 -3.37 15.50
N LEU B 121 -19.95 -2.63 15.06
CA LEU B 121 -20.16 -1.24 14.68
C LEU B 121 -21.02 -1.16 13.44
N THR B 122 -20.84 -2.12 12.51
CA THR B 122 -21.61 -2.12 11.28
C THR B 122 -23.08 -2.35 11.58
N GLU B 123 -23.38 -3.08 12.66
CA GLU B 123 -24.77 -3.21 13.05
C GLU B 123 -25.30 -1.93 13.69
N ALA B 124 -24.50 -1.32 14.57
CA ALA B 124 -25.01 -0.29 15.47
C ALA B 124 -25.42 0.96 14.70
N LEU B 125 -24.52 1.43 13.82
CA LEU B 125 -24.81 2.54 12.91
C LEU B 125 -26.02 2.24 12.05
N GLN B 126 -26.14 0.99 11.60
CA GLN B 126 -27.21 0.64 10.68
C GLN B 126 -28.56 0.63 11.39
N ASN B 127 -28.56 0.50 12.73
CA ASN B 127 -29.80 0.69 13.45
C ASN B 127 -30.20 2.15 13.49
N ASN B 128 -29.25 3.06 13.70
CA ASN B 128 -29.60 4.42 14.08
C ASN B 128 -29.30 5.45 12.99
N VAL B 129 -28.06 5.53 12.52
CA VAL B 129 -27.66 6.65 11.69
C VAL B 129 -28.15 6.48 10.26
N THR B 130 -27.79 5.38 9.61
CA THR B 130 -27.97 5.28 8.17
C THR B 130 -28.13 3.84 7.77
N PRO B 131 -28.88 3.56 6.71
CA PRO B 131 -28.86 2.19 6.16
C PRO B 131 -27.58 1.87 5.43
N TYR B 132 -26.87 2.88 4.92
CA TYR B 132 -25.80 2.68 3.95
C TYR B 132 -24.47 2.70 4.69
N VAL B 133 -23.93 1.52 5.02
CA VAL B 133 -22.64 1.40 5.68
C VAL B 133 -21.82 0.40 4.90
N VAL B 134 -20.63 0.79 4.46
CA VAL B 134 -19.76 -0.16 3.79
C VAL B 134 -18.39 -0.12 4.44
N SER B 135 -17.66 -1.24 4.33
CA SER B 135 -16.33 -1.38 4.91
C SER B 135 -15.37 -1.94 3.89
N LEU B 136 -14.17 -1.36 3.83
CA LEU B 136 -13.19 -1.68 2.80
C LEU B 136 -11.93 -2.24 3.44
N GLN B 137 -11.52 -3.42 2.99
CA GLN B 137 -10.23 -3.99 3.36
C GLN B 137 -9.15 -3.43 2.45
N ALA B 138 -7.94 -3.30 2.97
CA ALA B 138 -6.85 -2.71 2.20
C ALA B 138 -6.34 -3.64 1.12
N LYS B 139 -6.45 -4.95 1.32
CA LYS B 139 -5.91 -5.91 0.35
C LYS B 139 -6.71 -5.92 -0.95
N ASP B 140 -7.99 -5.53 -0.89
CA ASP B 140 -8.84 -5.57 -2.07
C ASP B 140 -8.62 -4.40 -3.01
N CYS B 141 -7.88 -3.37 -2.60
CA CYS B 141 -7.75 -2.12 -3.37
C CYS B 141 -6.29 -1.70 -3.56
N PRO B 142 -5.61 -2.26 -4.57
CA PRO B 142 -4.25 -1.78 -4.86
C PRO B 142 -4.21 -0.41 -5.51
N ASP B 143 -5.09 -0.12 -6.46
CA ASP B 143 -5.15 1.16 -7.14
C ASP B 143 -6.54 1.77 -7.03
N MET B 144 -6.71 2.94 -7.66
CA MET B 144 -7.94 3.70 -7.52
C MET B 144 -9.09 3.13 -8.35
N LYS B 145 -8.82 2.25 -9.30
CA LYS B 145 -9.91 1.59 -10.02
C LYS B 145 -10.57 0.53 -9.17
N HIS B 146 -9.77 -0.30 -8.48
CA HIS B 146 -10.29 -1.40 -7.70
C HIS B 146 -11.02 -0.90 -6.47
N PHE B 147 -10.56 0.22 -5.92
CA PHE B 147 -11.18 0.84 -4.74
C PHE B 147 -12.61 1.26 -5.06
N LEU B 148 -12.80 1.97 -6.17
CA LEU B 148 -14.14 2.41 -6.55
C LEU B 148 -15.01 1.24 -7.00
N GLN B 149 -14.41 0.22 -7.63
CA GLN B 149 -15.21 -0.93 -8.03
C GLN B 149 -15.76 -1.69 -6.83
N LYS B 150 -14.93 -1.89 -5.80
CA LYS B 150 -15.37 -2.55 -4.58
C LYS B 150 -16.40 -1.71 -3.84
N LEU B 151 -16.16 -0.39 -3.76
CA LEU B 151 -17.07 0.51 -3.05
C LEU B 151 -18.44 0.55 -3.71
N ILE B 152 -18.49 0.64 -5.04
CA ILE B 152 -19.78 0.70 -5.72
C ILE B 152 -20.48 -0.66 -5.67
N SER B 153 -19.70 -1.76 -5.66
CA SER B 153 -20.32 -3.07 -5.53
C SER B 153 -20.98 -3.26 -4.18
N GLN B 154 -20.32 -2.81 -3.12
CA GLN B 154 -20.91 -2.96 -1.79
C GLN B 154 -22.07 -1.99 -1.56
N LEU B 155 -22.03 -0.79 -2.17
CA LEU B 155 -23.17 0.11 -2.03
C LEU B 155 -24.37 -0.38 -2.83
N MET B 156 -24.14 -0.93 -4.03
CA MET B 156 -25.26 -1.47 -4.81
C MET B 156 -25.81 -2.74 -4.16
N ASP B 157 -24.96 -3.47 -3.43
CA ASP B 157 -25.39 -4.71 -2.80
C ASP B 157 -26.38 -4.46 -1.68
N CYS B 158 -26.07 -3.53 -0.77
CA CYS B 158 -26.92 -3.25 0.38
C CYS B 158 -27.83 -2.07 0.06
N CYS B 159 -29.14 -2.26 0.17
CA CYS B 159 -30.09 -1.18 -0.06
C CYS B 159 -31.30 -1.35 0.85
N THR B 177 -18.74 -2.91 -14.56
CA THR B 177 -18.88 -2.35 -15.89
C THR B 177 -18.37 -0.90 -15.93
N HIS B 178 -17.12 -0.73 -15.50
CA HIS B 178 -16.35 0.52 -15.62
C HIS B 178 -17.02 1.68 -14.87
N TYR B 179 -16.99 1.58 -13.55
CA TYR B 179 -17.67 2.55 -12.70
C TYR B 179 -16.77 3.76 -12.40
N SER B 180 -17.37 4.95 -12.46
CA SER B 180 -16.70 6.21 -12.23
C SER B 180 -17.24 6.87 -10.96
N MET B 181 -16.61 7.98 -10.57
CA MET B 181 -17.04 8.71 -9.35
C MET B 181 -18.44 9.30 -9.59
N ASP B 182 -18.68 9.78 -10.81
CA ASP B 182 -20.00 10.36 -11.14
C ASP B 182 -21.09 9.30 -10.92
N SER B 183 -20.73 8.02 -11.11
CA SER B 183 -21.72 6.93 -10.94
C SER B 183 -22.14 6.82 -9.47
N LEU B 184 -21.21 7.09 -8.54
CA LEU B 184 -21.54 7.06 -7.10
C LEU B 184 -22.60 8.13 -6.83
N SER B 185 -22.42 9.34 -7.37
CA SER B 185 -23.36 10.43 -7.14
C SER B 185 -24.68 10.19 -7.83
N SER B 186 -24.65 9.58 -9.02
CA SER B 186 -25.89 9.24 -9.73
C SER B 186 -26.68 8.18 -8.98
N TRP B 187 -25.98 7.18 -8.43
CA TRP B 187 -26.64 6.16 -7.62
C TRP B 187 -27.27 6.76 -6.38
N TYR B 188 -26.54 7.65 -5.69
CA TYR B 188 -27.08 8.26 -4.48
C TYR B 188 -28.28 9.14 -4.79
N MET B 189 -28.24 9.87 -5.91
CA MET B 189 -29.38 10.70 -6.28
C MET B 189 -30.58 9.87 -6.69
N THR B 190 -30.36 8.73 -7.35
CA THR B 190 -31.48 7.90 -7.75
C THR B 190 -32.11 7.17 -6.57
N VAL B 191 -31.30 6.68 -5.62
CA VAL B 191 -31.85 5.78 -4.62
C VAL B 191 -32.63 6.55 -3.55
N THR B 192 -32.30 7.82 -3.33
CA THR B 192 -33.07 8.67 -2.42
C THR B 192 -33.96 9.61 -3.25
N GLN B 193 -34.95 9.01 -3.90
CA GLN B 193 -35.85 9.78 -4.75
C GLN B 193 -36.84 10.57 -3.90
N SER B 212 -31.50 11.20 1.58
CA SER B 212 -31.49 11.67 2.96
C SER B 212 -30.31 11.20 3.86
N PRO B 213 -30.05 9.90 4.04
CA PRO B 213 -29.07 9.51 5.07
C PRO B 213 -27.64 9.58 4.56
N PRO B 214 -26.65 9.71 5.44
CA PRO B 214 -25.26 9.77 4.98
C PRO B 214 -24.73 8.42 4.52
N VAL B 215 -23.74 8.46 3.62
CA VAL B 215 -23.02 7.28 3.19
C VAL B 215 -21.72 7.21 3.97
N VAL B 216 -21.50 6.13 4.72
CA VAL B 216 -20.34 5.99 5.59
C VAL B 216 -19.49 4.80 5.14
N VAL B 217 -18.18 5.03 5.06
CA VAL B 217 -17.20 4.01 4.68
C VAL B 217 -16.28 3.79 5.87
N ILE B 218 -15.94 2.54 6.12
CA ILE B 218 -15.08 2.17 7.24
C ILE B 218 -13.81 1.58 6.63
N LEU B 219 -12.73 2.34 6.67
CA LEU B 219 -11.43 1.81 6.26
C LEU B 219 -10.87 0.95 7.39
N LYS B 220 -10.80 -0.35 7.16
CA LYS B 220 -10.56 -1.32 8.23
C LYS B 220 -9.16 -1.19 8.82
N ASP B 221 -8.13 -1.45 8.02
CA ASP B 221 -6.75 -1.39 8.50
C ASP B 221 -6.04 -0.21 7.83
N MET B 222 -5.65 0.77 8.63
CA MET B 222 -5.24 2.05 8.06
C MET B 222 -3.79 2.04 7.61
N GLU B 223 -2.94 1.25 8.26
CA GLU B 223 -1.51 1.25 7.94
C GLU B 223 -1.23 0.73 6.53
N SER B 224 -2.00 -0.23 6.07
CA SER B 224 -1.65 -0.97 4.87
C SER B 224 -2.31 -0.47 3.58
N PHE B 225 -3.04 0.65 3.60
CA PHE B 225 -3.37 1.32 2.34
C PHE B 225 -2.14 1.95 1.70
N ALA B 226 -2.11 1.91 0.37
CA ALA B 226 -1.17 2.72 -0.38
C ALA B 226 -1.50 4.20 -0.20
N THR B 227 -0.45 5.03 -0.22
CA THR B 227 -0.62 6.45 0.05
C THR B 227 -1.42 7.14 -1.06
N LYS B 228 -1.12 6.79 -2.31
CA LYS B 228 -1.70 7.46 -3.47
C LYS B 228 -3.20 7.25 -3.58
N VAL B 229 -3.68 6.03 -3.28
CA VAL B 229 -5.11 5.73 -3.33
C VAL B 229 -5.87 6.57 -2.31
N LEU B 230 -5.28 6.73 -1.12
CA LEU B 230 -5.93 7.47 -0.06
C LEU B 230 -5.99 8.97 -0.36
N GLN B 231 -4.88 9.55 -0.84
CA GLN B 231 -4.92 10.97 -1.20
C GLN B 231 -5.84 11.24 -2.38
N ASP B 232 -5.83 10.37 -3.39
CA ASP B 232 -6.72 10.57 -4.52
C ASP B 232 -8.18 10.48 -4.12
N PHE B 233 -8.53 9.53 -3.25
CA PHE B 233 -9.91 9.42 -2.80
C PHE B 233 -10.35 10.65 -2.01
N ILE B 234 -9.51 11.17 -1.13
CA ILE B 234 -9.87 12.37 -0.37
C ILE B 234 -10.03 13.58 -1.29
N ILE B 235 -9.10 13.78 -2.24
CA ILE B 235 -9.17 14.93 -3.14
C ILE B 235 -10.39 14.86 -4.04
N ILE B 236 -10.70 13.68 -4.60
CA ILE B 236 -11.88 13.54 -5.44
C ILE B 236 -13.17 13.72 -4.64
N SER B 237 -13.23 13.14 -3.44
CA SER B 237 -14.47 13.17 -2.67
C SER B 237 -14.75 14.55 -2.09
N SER B 238 -13.72 15.36 -1.86
CA SER B 238 -13.94 16.69 -1.28
C SER B 238 -14.68 17.60 -2.24
N GLN B 239 -14.51 17.42 -3.55
CA GLN B 239 -15.15 18.31 -4.52
C GLN B 239 -16.64 18.05 -4.62
N HIS B 240 -17.08 16.82 -4.41
CA HIS B 240 -18.46 16.42 -4.63
C HIS B 240 -19.25 16.24 -3.35
N LEU B 241 -18.96 17.00 -2.30
CA LEU B 241 -19.65 16.80 -1.04
C LEU B 241 -21.11 17.26 -1.05
N HIS B 242 -21.51 18.13 -1.98
CA HIS B 242 -22.90 18.54 -1.97
C HIS B 242 -23.83 17.46 -2.53
N GLU B 243 -23.30 16.57 -3.36
CA GLU B 243 -24.08 15.47 -3.92
C GLU B 243 -23.94 14.19 -3.11
N PHE B 244 -22.72 13.85 -2.72
CA PHE B 244 -22.42 12.62 -2.01
C PHE B 244 -21.99 12.92 -0.58
N PRO B 245 -22.85 12.74 0.42
CA PRO B 245 -22.46 13.01 1.81
C PRO B 245 -21.63 11.86 2.36
N LEU B 246 -20.34 12.10 2.54
CA LEU B 246 -19.40 11.04 2.86
C LEU B 246 -18.87 11.25 4.26
N ILE B 247 -18.86 10.20 5.07
CA ILE B 247 -18.25 10.21 6.39
C ILE B 247 -17.21 9.10 6.42
N LEU B 248 -15.99 9.43 6.80
CA LEU B 248 -14.89 8.48 6.86
C LEU B 248 -14.71 8.03 8.31
N ILE B 249 -14.41 6.76 8.49
CA ILE B 249 -13.98 6.25 9.79
C ILE B 249 -12.69 5.48 9.56
N PHE B 250 -11.63 5.87 10.24
CA PHE B 250 -10.34 5.22 10.06
C PHE B 250 -10.12 4.16 11.13
N GLY B 251 -9.66 2.99 10.71
CA GLY B 251 -9.29 1.97 11.66
C GLY B 251 -7.82 2.05 12.05
N ILE B 252 -7.44 3.16 12.68
CA ILE B 252 -6.08 3.33 13.18
C ILE B 252 -5.76 2.27 14.22
N ALA B 253 -4.61 1.62 14.09
CA ALA B 253 -4.23 0.53 14.97
C ALA B 253 -3.23 0.92 16.05
N THR B 254 -2.37 1.90 15.82
CA THR B 254 -1.29 2.20 16.76
C THR B 254 -1.44 3.57 17.43
N SER B 255 -1.49 4.64 16.66
CA SER B 255 -1.39 6.00 17.19
C SER B 255 -1.93 6.95 16.13
N PRO B 256 -2.40 8.14 16.53
CA PRO B 256 -2.95 9.08 15.52
C PRO B 256 -1.90 9.65 14.57
N ILE B 257 -0.62 9.60 14.94
CA ILE B 257 0.46 10.18 14.13
C ILE B 257 0.62 9.49 12.78
N ILE B 258 0.06 8.28 12.62
CA ILE B 258 0.06 7.59 11.33
C ILE B 258 -0.62 8.42 10.25
N ILE B 259 -1.61 9.26 10.63
CA ILE B 259 -2.26 10.15 9.68
C ILE B 259 -1.25 11.12 9.09
N HIS B 260 -0.43 11.73 9.95
CA HIS B 260 0.61 12.63 9.48
C HIS B 260 1.67 11.89 8.68
N ARG B 261 1.88 10.61 8.98
CA ARG B 261 2.84 9.86 8.17
C ARG B 261 2.26 9.54 6.81
N LEU B 262 0.94 9.36 6.73
CA LEU B 262 0.38 8.82 5.50
C LEU B 262 -0.29 9.88 4.64
N LEU B 263 -0.62 11.04 5.19
CA LEU B 263 -1.24 12.13 4.44
C LEU B 263 -0.45 13.41 4.65
N PRO B 264 -0.06 14.12 3.60
CA PRO B 264 0.62 15.41 3.79
C PRO B 264 -0.34 16.46 4.32
N HIS B 265 0.25 17.60 4.70
CA HIS B 265 -0.53 18.71 5.26
C HIS B 265 -1.52 19.32 4.27
N ALA B 266 -1.31 19.12 2.98
CA ALA B 266 -2.21 19.67 1.97
C ALA B 266 -3.43 18.81 1.71
N VAL B 267 -3.47 17.58 2.21
CA VAL B 267 -4.62 16.70 2.06
C VAL B 267 -5.35 16.52 3.38
N SER B 268 -4.61 16.39 4.49
CA SER B 268 -5.24 16.22 5.79
C SER B 268 -5.95 17.49 6.27
N SER B 269 -5.64 18.65 5.68
CA SER B 269 -6.38 19.86 6.00
C SER B 269 -7.80 19.82 5.44
N LEU B 270 -8.05 18.96 4.45
CA LEU B 270 -9.40 18.72 3.95
C LEU B 270 -10.24 17.85 4.87
N LEU B 271 -9.66 17.30 5.93
CA LEU B 271 -10.37 16.40 6.85
C LEU B 271 -10.54 17.08 8.21
N CYS B 272 -11.72 16.92 8.79
CA CYS B 272 -11.98 17.25 10.18
C CYS B 272 -12.07 15.96 10.97
N ILE B 273 -11.08 15.69 11.83
CA ILE B 273 -10.94 14.39 12.47
C ILE B 273 -11.07 14.55 13.98
N GLU B 274 -11.83 13.65 14.59
CA GLU B 274 -12.04 13.61 16.04
C GLU B 274 -11.67 12.22 16.54
N LEU B 275 -10.86 12.17 17.59
CA LEU B 275 -10.36 10.89 18.08
C LEU B 275 -11.43 10.13 18.86
N PHE B 276 -11.35 8.81 18.78
CA PHE B 276 -12.17 7.94 19.61
C PHE B 276 -11.32 6.80 20.12
N GLN B 277 -11.92 5.92 20.92
CA GLN B 277 -11.19 4.85 21.59
C GLN B 277 -11.91 3.53 21.41
N SER B 278 -11.20 2.46 21.75
CA SER B 278 -11.79 1.17 22.05
C SER B 278 -11.25 0.73 23.40
N LEU B 279 -12.00 -0.15 24.07
CA LEU B 279 -11.61 -0.57 25.41
C LEU B 279 -10.37 -1.47 25.34
N SER B 280 -9.46 -1.26 26.30
CA SER B 280 -8.17 -1.93 26.36
C SER B 280 -8.32 -3.44 26.47
N CYS B 281 -7.25 -4.15 26.11
CA CYS B 281 -7.29 -5.60 25.99
C CYS B 281 -7.50 -6.29 27.33
N LYS B 282 -6.87 -5.77 28.38
CA LYS B 282 -6.84 -6.47 29.66
C LYS B 282 -8.20 -6.49 30.33
N GLU B 283 -9.01 -5.45 30.18
CA GLU B 283 -10.36 -5.51 30.71
C GLU B 283 -11.28 -6.42 29.88
N HIS B 284 -11.01 -6.57 28.58
CA HIS B 284 -11.78 -7.55 27.81
C HIS B 284 -11.44 -8.97 28.22
N LEU B 285 -10.16 -9.25 28.49
CA LEU B 285 -9.77 -10.56 29.02
C LEU B 285 -10.34 -10.79 30.41
N THR B 286 -10.32 -9.77 31.27
CA THR B 286 -10.90 -9.89 32.60
C THR B 286 -12.40 -10.15 32.55
N THR B 287 -13.10 -9.56 31.58
CA THR B 287 -14.53 -9.79 31.47
C THR B 287 -14.84 -11.20 30.95
N VAL B 288 -14.13 -11.68 29.92
CA VAL B 288 -14.37 -13.04 29.46
C VAL B 288 -13.88 -14.09 30.44
N LEU B 289 -12.98 -13.75 31.37
CA LEU B 289 -12.61 -14.72 32.40
C LEU B 289 -13.52 -14.66 33.61
N ASP B 290 -14.09 -13.50 33.92
CA ASP B 290 -15.14 -13.46 34.93
C ASP B 290 -16.37 -14.23 34.48
N LYS B 291 -16.61 -14.32 33.18
CA LYS B 291 -17.82 -15.01 32.73
C LYS B 291 -17.59 -16.45 32.29
N LEU B 292 -16.52 -16.75 31.53
CA LEU B 292 -16.40 -18.11 30.95
C LEU B 292 -15.69 -19.11 31.87
N LEU B 293 -14.95 -18.65 32.88
CA LEU B 293 -14.15 -19.62 33.69
C LEU B 293 -14.51 -19.50 35.18
N LEU B 294 -14.47 -18.29 35.73
CA LEU B 294 -14.74 -18.11 37.18
C LEU B 294 -16.25 -18.09 37.41
N THR B 295 -16.93 -19.18 37.05
CA THR B 295 -18.39 -19.28 37.21
C THR B 295 -18.72 -20.75 37.39
N THR B 296 -19.96 -21.08 37.78
CA THR B 296 -20.35 -22.48 37.84
C THR B 296 -21.37 -22.85 36.80
N GLN B 297 -21.77 -21.91 35.94
CA GLN B 297 -22.73 -22.23 34.90
C GLN B 297 -22.08 -23.11 33.83
N PHE B 298 -20.78 -22.93 33.60
CA PHE B 298 -20.03 -23.78 32.68
C PHE B 298 -19.29 -24.84 33.47
N PRO B 299 -19.51 -26.13 33.20
CA PRO B 299 -18.89 -27.17 34.05
C PRO B 299 -17.40 -27.36 33.84
N PHE B 300 -16.91 -27.24 32.61
CA PHE B 300 -15.49 -27.48 32.31
C PHE B 300 -14.59 -26.43 32.93
N LYS B 301 -13.47 -26.88 33.50
CA LYS B 301 -12.53 -26.00 34.18
C LYS B 301 -11.09 -26.26 33.73
N ILE B 302 -10.20 -25.36 34.11
CA ILE B 302 -8.81 -25.32 33.68
C ILE B 302 -7.90 -25.40 34.90
N ASN B 303 -6.91 -26.28 34.83
CA ASN B 303 -5.87 -26.36 35.85
C ASN B 303 -5.01 -25.10 35.82
N GLU B 304 -4.36 -24.81 36.95
CA GLU B 304 -3.61 -23.56 37.11
C GLU B 304 -2.46 -23.45 36.11
N LYS B 305 -1.77 -24.55 35.84
CA LYS B 305 -0.60 -24.51 34.99
C LYS B 305 -0.98 -24.24 33.52
N VAL B 306 -2.12 -24.80 33.09
CA VAL B 306 -2.63 -24.52 31.75
C VAL B 306 -3.05 -23.06 31.64
N LEU B 307 -3.60 -22.52 32.73
CA LEU B 307 -3.95 -21.10 32.77
C LEU B 307 -2.70 -20.22 32.69
N GLN B 308 -1.61 -20.66 33.31
CA GLN B 308 -0.33 -19.95 33.18
C GLN B 308 0.17 -19.97 31.74
N VAL B 309 0.03 -21.12 31.06
CA VAL B 309 0.44 -21.24 29.66
C VAL B 309 -0.35 -20.27 28.78
N LEU B 310 -1.67 -20.20 28.97
CA LEU B 310 -2.50 -19.35 28.13
C LEU B 310 -2.28 -17.87 28.44
N THR B 311 -2.18 -17.49 29.72
CA THR B 311 -1.94 -16.09 30.01
C THR B 311 -0.47 -15.69 29.92
N ASN B 312 0.43 -16.61 29.55
CA ASN B 312 1.75 -16.18 29.11
C ASN B 312 1.86 -16.09 27.60
N ILE B 313 1.06 -16.85 26.86
CA ILE B 313 0.95 -16.54 25.43
C ILE B 313 0.24 -15.20 25.24
N PHE B 314 -0.74 -14.87 26.08
CA PHE B 314 -1.47 -13.61 25.93
C PHE B 314 -0.62 -12.41 26.36
N LEU B 315 0.01 -12.46 27.53
CA LEU B 315 0.62 -11.24 28.05
C LEU B 315 1.96 -10.92 27.44
N TYR B 316 2.67 -11.92 26.90
CA TYR B 316 4.00 -11.72 26.35
C TYR B 316 4.00 -11.61 24.83
N HIS B 317 3.49 -12.62 24.13
CA HIS B 317 3.63 -12.63 22.68
C HIS B 317 2.61 -11.72 22.00
N ASP B 318 1.33 -11.90 22.30
CA ASP B 318 0.31 -11.12 21.62
C ASP B 318 -0.94 -10.95 22.47
N PHE B 319 -1.40 -9.71 22.59
CA PHE B 319 -2.73 -9.47 23.14
C PHE B 319 -3.71 -9.97 22.10
N SER B 320 -4.52 -10.97 22.47
CA SER B 320 -5.61 -11.45 21.64
C SER B 320 -6.52 -12.30 22.51
N VAL B 321 -7.77 -11.89 22.63
CA VAL B 321 -8.75 -12.74 23.31
C VAL B 321 -9.09 -13.95 22.45
N GLN B 322 -9.10 -13.78 21.12
CA GLN B 322 -9.48 -14.87 20.21
C GLN B 322 -8.51 -16.04 20.28
N ASN B 323 -7.21 -15.75 20.48
CA ASN B 323 -6.25 -16.83 20.67
C ASN B 323 -6.48 -17.55 21.99
N PHE B 324 -6.90 -16.83 23.03
CA PHE B 324 -7.21 -17.47 24.31
C PHE B 324 -8.43 -18.37 24.16
N ILE B 325 -9.41 -17.95 23.37
CA ILE B 325 -10.58 -18.79 23.11
C ILE B 325 -10.21 -20.01 22.27
N LYS B 326 -9.25 -19.85 21.35
CA LYS B 326 -8.68 -21.01 20.63
C LYS B 326 -8.03 -21.98 21.59
N GLY B 327 -7.31 -21.45 22.58
CA GLY B 327 -6.71 -22.31 23.59
C GLY B 327 -7.72 -23.05 24.44
N LEU B 328 -8.83 -22.38 24.79
CA LEU B 328 -9.89 -23.07 25.51
C LEU B 328 -10.58 -24.13 24.66
N GLN B 329 -10.76 -23.87 23.36
CA GLN B 329 -11.32 -24.90 22.48
C GLN B 329 -10.42 -26.11 22.39
N LEU B 330 -9.12 -25.89 22.26
CA LEU B 330 -8.19 -27.01 22.16
C LEU B 330 -8.10 -27.78 23.49
N SER B 331 -8.19 -27.08 24.62
CA SER B 331 -8.22 -27.74 25.92
C SER B 331 -9.48 -28.59 26.07
N LEU B 332 -10.63 -28.06 25.65
CA LEU B 332 -11.89 -28.80 25.69
C LEU B 332 -11.83 -30.04 24.80
N LEU B 333 -11.28 -29.90 23.60
CA LEU B 333 -11.20 -31.03 22.67
C LEU B 333 -10.25 -32.11 23.17
N GLU B 334 -9.10 -31.73 23.73
CA GLU B 334 -8.18 -32.74 24.25
C GLU B 334 -8.71 -33.37 25.52
N HIS B 335 -9.48 -32.62 26.32
CA HIS B 335 -10.07 -33.20 27.52
C HIS B 335 -11.20 -34.17 27.17
N PHE B 336 -11.94 -33.90 26.11
CA PHE B 336 -13.00 -34.82 25.73
C PHE B 336 -12.48 -35.98 24.87
N TYR B 337 -11.33 -35.83 24.21
CA TYR B 337 -10.78 -36.91 23.41
C TYR B 337 -10.20 -38.02 24.28
N SER B 338 -9.45 -37.65 25.30
CA SER B 338 -8.96 -38.60 26.28
C SER B 338 -9.92 -38.53 27.46
N GLN B 339 -9.60 -39.24 28.55
CA GLN B 339 -10.41 -39.35 29.77
C GLN B 339 -11.83 -39.81 29.46
N PRO B 340 -12.07 -41.12 29.33
CA PRO B 340 -13.42 -41.60 29.02
C PRO B 340 -14.42 -41.38 30.15
N LEU B 341 -13.96 -41.02 31.33
CA LEU B 341 -14.82 -40.66 32.45
C LEU B 341 -15.39 -39.24 32.32
N SER B 342 -14.87 -38.44 31.36
CA SER B 342 -15.38 -37.10 31.09
C SER B 342 -16.77 -37.10 30.47
N VAL B 343 -17.37 -38.28 30.26
CA VAL B 343 -18.79 -38.45 30.05
C VAL B 343 -19.62 -37.87 31.21
N LEU B 344 -19.03 -37.72 32.40
CA LEU B 344 -19.74 -37.17 33.55
C LEU B 344 -19.38 -35.71 33.80
N CYS B 345 -19.21 -34.95 32.72
CA CYS B 345 -18.89 -33.50 32.85
C CYS B 345 -19.97 -32.66 32.15
N CYS B 346 -21.12 -32.45 32.79
CA CYS B 346 -22.17 -31.57 32.22
C CYS B 346 -22.93 -30.90 33.35
N ASN B 347 -24.12 -30.35 33.07
CA ASN B 347 -24.95 -29.75 34.16
C ASN B 347 -25.16 -30.80 35.24
N LEU B 348 -24.78 -30.46 36.46
CA LEU B 348 -24.85 -31.43 37.57
C LEU B 348 -26.15 -32.26 37.59
N PRO B 349 -27.39 -31.73 37.48
CA PRO B 349 -28.59 -32.58 37.44
C PRO B 349 -28.53 -33.75 36.43
N GLU B 350 -28.28 -33.44 35.15
CA GLU B 350 -28.26 -34.49 34.09
C GLU B 350 -27.03 -35.40 34.22
N ALA B 351 -26.00 -34.95 34.92
CA ALA B 351 -24.82 -35.81 35.14
C ALA B 351 -25.25 -37.01 35.99
N LYS B 352 -26.12 -36.77 36.97
CA LYS B 352 -26.60 -37.84 37.85
C LYS B 352 -27.46 -38.84 37.08
N ARG B 353 -28.19 -38.37 36.07
CA ARG B 353 -28.92 -39.28 35.20
C ARG B 353 -27.98 -40.20 34.43
N ARG B 354 -26.87 -39.65 33.92
CA ARG B 354 -25.89 -40.43 33.17
C ARG B 354 -25.14 -41.42 34.07
N ILE B 355 -25.04 -41.09 35.36
CA ILE B 355 -24.34 -41.96 36.31
C ILE B 355 -25.00 -43.34 36.40
N ASN B 356 -26.33 -43.38 36.36
CA ASN B 356 -27.05 -44.66 36.47
C ASN B 356 -26.84 -45.53 35.23
N PHE B 357 -26.81 -44.93 34.04
CA PHE B 357 -26.73 -45.71 32.81
C PHE B 357 -25.30 -45.96 32.37
N LEU B 358 -24.46 -46.52 33.25
CA LEU B 358 -23.07 -46.78 32.91
C LEU B 358 -22.83 -48.26 32.68
N SER B 359 -21.58 -48.61 32.43
CA SER B 359 -21.15 -49.98 32.21
C SER B 359 -20.17 -50.36 33.31
N ASN B 360 -19.78 -51.63 33.29
CA ASN B 360 -18.83 -52.12 34.29
C ASN B 360 -17.45 -51.50 34.10
N ASN B 361 -17.02 -51.32 32.85
CA ASN B 361 -15.72 -50.74 32.58
C ASN B 361 -15.62 -49.30 33.06
N GLN B 362 -16.72 -48.55 32.98
CA GLN B 362 -16.71 -47.18 33.48
C GLN B 362 -16.63 -47.15 35.00
N CYS B 363 -17.25 -48.11 35.67
CA CYS B 363 -17.09 -48.23 37.12
C CYS B 363 -15.66 -48.62 37.48
N GLU B 364 -15.02 -49.45 36.64
CA GLU B 364 -13.62 -49.77 36.84
C GLU B 364 -12.74 -48.53 36.69
N ASN B 365 -13.07 -47.66 35.71
CA ASN B 365 -12.35 -46.40 35.55
C ASN B 365 -12.56 -45.48 36.75
N ILE B 366 -13.75 -45.50 37.35
CA ILE B 366 -13.99 -44.75 38.58
C ILE B 366 -13.11 -45.28 39.71
N ARG B 367 -13.04 -46.61 39.84
CA ARG B 367 -12.27 -47.23 40.92
C ARG B 367 -10.77 -47.02 40.76
N ARG B 368 -10.28 -46.96 39.53
CA ARG B 368 -8.85 -46.76 39.29
C ARG B 368 -8.42 -45.30 39.41
N LEU B 369 -9.37 -44.37 39.51
CA LEU B 369 -9.05 -42.96 39.52
C LEU B 369 -8.34 -42.59 40.82
N PRO B 370 -7.30 -41.75 40.77
CA PRO B 370 -6.46 -41.55 41.96
C PRO B 370 -7.13 -40.87 43.15
N SER B 371 -7.92 -39.82 42.89
CA SER B 371 -8.57 -39.09 43.99
C SER B 371 -9.61 -39.96 44.68
N PHE B 372 -10.36 -40.76 43.91
CA PHE B 372 -11.31 -41.68 44.53
C PHE B 372 -10.59 -42.79 45.28
N ARG B 373 -9.41 -43.18 44.82
CA ARG B 373 -8.59 -44.13 45.56
C ARG B 373 -8.17 -43.55 46.91
N ARG B 374 -7.77 -42.29 46.95
CA ARG B 374 -7.45 -41.69 48.24
C ARG B 374 -8.69 -41.47 49.11
N TYR B 375 -9.87 -41.37 48.49
CA TYR B 375 -11.08 -41.28 49.27
C TYR B 375 -11.42 -42.62 49.92
N VAL B 376 -11.27 -43.73 49.18
CA VAL B 376 -11.54 -45.03 49.79
C VAL B 376 -10.44 -45.44 50.75
N GLU B 377 -9.26 -44.80 50.67
CA GLU B 377 -8.28 -44.99 51.74
C GLU B 377 -8.77 -44.41 53.06
N LYS B 378 -9.61 -43.37 53.01
CA LYS B 378 -10.30 -42.94 54.23
C LYS B 378 -11.44 -43.89 54.55
N GLN B 379 -11.53 -44.27 55.82
CA GLN B 379 -12.43 -45.33 56.33
C GLN B 379 -12.20 -46.63 55.56
N ALA B 380 -11.05 -47.25 55.82
CA ALA B 380 -10.66 -48.46 55.12
C ALA B 380 -11.41 -49.70 55.59
N SER B 381 -12.09 -49.63 56.74
CA SER B 381 -12.64 -50.82 57.38
C SER B 381 -13.86 -51.36 56.64
N GLU B 382 -14.90 -50.55 56.49
CA GLU B 382 -16.20 -51.09 56.08
C GLU B 382 -16.69 -50.59 54.73
N LYS B 383 -16.68 -49.27 54.52
CA LYS B 383 -17.20 -48.73 53.27
C LYS B 383 -16.23 -49.00 52.12
N GLN B 384 -14.95 -49.25 52.44
CA GLN B 384 -13.95 -49.51 51.42
C GLN B 384 -14.27 -50.78 50.62
N VAL B 385 -14.50 -51.89 51.33
CA VAL B 385 -14.81 -53.15 50.65
C VAL B 385 -16.19 -53.09 50.01
N ALA B 386 -17.11 -52.31 50.60
CA ALA B 386 -18.43 -52.13 50.00
C ALA B 386 -18.34 -51.42 48.66
N LEU B 387 -17.49 -50.39 48.57
CA LEU B 387 -17.31 -49.67 47.31
C LEU B 387 -16.56 -50.51 46.29
N LEU B 388 -15.53 -51.24 46.73
CA LEU B 388 -14.73 -52.03 45.78
C LEU B 388 -15.49 -53.27 45.30
N THR B 389 -16.40 -53.80 46.11
CA THR B 389 -17.15 -54.97 45.67
C THR B 389 -18.46 -54.61 44.96
N ASN B 390 -19.23 -53.67 45.52
CA ASN B 390 -20.60 -53.44 45.07
C ASN B 390 -20.65 -52.22 44.16
N GLU B 391 -21.15 -52.41 42.95
CA GLU B 391 -21.20 -51.34 41.96
C GLU B 391 -22.33 -50.34 42.24
N ARG B 392 -23.43 -50.80 42.85
CA ARG B 392 -24.56 -49.90 43.11
C ARG B 392 -24.23 -48.88 44.20
N TYR B 393 -23.58 -49.33 45.27
CA TYR B 393 -23.11 -48.43 46.31
C TYR B 393 -22.08 -47.46 45.75
N LEU B 394 -21.24 -47.94 44.83
CA LEU B 394 -20.30 -47.07 44.11
C LEU B 394 -21.03 -46.01 43.29
N LYS B 395 -22.12 -46.39 42.62
CA LYS B 395 -22.87 -45.49 41.77
C LYS B 395 -23.48 -44.35 42.59
N GLU B 396 -24.13 -44.70 43.70
CA GLU B 396 -24.73 -43.69 44.55
C GLU B 396 -23.67 -42.82 45.23
N GLU B 397 -22.53 -43.41 45.59
CA GLU B 397 -21.47 -42.66 46.23
C GLU B 397 -20.84 -41.66 45.27
N THR B 398 -20.72 -42.02 43.98
CA THR B 398 -20.27 -41.03 42.99
C THR B 398 -21.28 -39.91 42.81
N GLN B 399 -22.58 -40.21 42.90
CA GLN B 399 -23.58 -39.13 42.86
C GLN B 399 -23.38 -38.15 44.01
N LEU B 400 -23.15 -38.68 45.22
CA LEU B 400 -22.91 -37.82 46.39
C LEU B 400 -21.63 -37.00 46.24
N LEU B 401 -20.56 -37.62 45.74
CA LEU B 401 -19.29 -36.92 45.60
C LEU B 401 -19.35 -35.84 44.53
N LEU B 402 -20.10 -36.09 43.45
CA LEU B 402 -20.25 -35.09 42.40
C LEU B 402 -21.06 -33.88 42.91
N GLU B 403 -22.07 -34.14 43.75
CA GLU B 403 -22.79 -33.05 44.39
C GLU B 403 -21.90 -32.22 45.31
N ASN B 404 -21.01 -32.88 46.05
CA ASN B 404 -20.09 -32.16 46.92
C ASN B 404 -19.08 -31.34 46.12
N LEU B 405 -18.65 -31.84 44.97
CA LEU B 405 -17.76 -31.07 44.09
C LEU B 405 -18.42 -29.81 43.57
N HIS B 406 -19.68 -29.91 43.14
CA HIS B 406 -20.39 -28.75 42.61
C HIS B 406 -20.59 -27.67 43.68
N VAL B 407 -20.98 -28.07 44.90
CA VAL B 407 -21.17 -27.06 45.93
C VAL B 407 -19.83 -26.48 46.38
N TYR B 408 -18.73 -27.25 46.27
CA TYR B 408 -17.41 -26.72 46.56
C TYR B 408 -17.05 -25.61 45.58
N HIS B 409 -17.33 -25.83 44.29
CA HIS B 409 -17.02 -24.83 43.27
C HIS B 409 -17.76 -23.53 43.53
N MET B 410 -19.07 -23.62 43.79
CA MET B 410 -19.86 -22.40 43.93
C MET B 410 -19.49 -21.61 45.19
N ASN B 411 -19.24 -22.32 46.31
CA ASN B 411 -18.75 -21.64 47.52
C ASN B 411 -17.38 -21.01 47.30
N TYR B 412 -16.50 -21.69 46.54
CA TYR B 412 -15.15 -21.18 46.30
C TYR B 412 -15.20 -19.85 45.54
N PHE B 413 -16.03 -19.77 44.50
CA PHE B 413 -16.05 -18.53 43.73
C PHE B 413 -16.72 -17.39 44.48
N LEU B 414 -17.78 -17.68 45.26
CA LEU B 414 -18.40 -16.62 46.04
C LEU B 414 -17.49 -16.08 47.14
N VAL B 415 -16.65 -16.93 47.74
CA VAL B 415 -15.68 -16.41 48.70
C VAL B 415 -14.57 -15.62 47.99
N LEU B 416 -14.18 -16.07 46.80
CA LEU B 416 -13.08 -15.43 46.06
C LEU B 416 -13.41 -13.99 45.67
N ARG B 417 -14.68 -13.74 45.29
CA ARG B 417 -15.06 -12.37 44.95
C ARG B 417 -14.99 -11.42 46.15
N CYS B 418 -15.36 -11.89 47.34
CA CYS B 418 -15.29 -11.05 48.53
C CYS B 418 -13.84 -10.77 48.95
N LEU B 419 -12.96 -11.77 48.79
CA LEU B 419 -11.54 -11.53 49.06
C LEU B 419 -10.97 -10.51 48.08
N HIS B 420 -11.42 -10.55 46.83
CA HIS B 420 -11.03 -9.52 45.87
C HIS B 420 -11.58 -8.14 46.21
N LYS B 421 -12.80 -8.07 46.77
CA LYS B 421 -13.34 -6.78 47.18
C LYS B 421 -12.56 -6.21 48.36
N PHE B 422 -12.04 -7.07 49.23
CA PHE B 422 -11.12 -6.57 50.26
C PHE B 422 -9.84 -6.03 49.65
N THR B 423 -9.18 -6.81 48.78
CA THR B 423 -7.85 -6.40 48.27
C THR B 423 -7.92 -5.21 47.31
N SER B 424 -9.10 -4.93 46.76
CA SER B 424 -9.24 -3.84 45.75
C SER B 424 -8.92 -2.48 46.40
N SER B 425 -9.52 -2.20 47.55
CA SER B 425 -9.27 -0.91 48.26
C SER B 425 -7.77 -0.74 48.50
N LEU B 426 -7.15 -1.72 49.16
CA LEU B 426 -5.69 -1.66 49.46
C LEU B 426 -4.95 -1.34 48.16
N PRO B 427 -4.31 -0.15 48.04
CA PRO B 427 -3.68 0.24 46.79
C PRO B 427 -2.42 -0.59 46.49
N LYS B 428 -1.71 -1.04 47.53
CA LYS B 428 -0.42 -1.75 47.26
C LYS B 428 -0.66 -2.91 46.29
N TYR B 429 -1.85 -3.54 46.35
CA TYR B 429 -2.18 -4.67 45.47
C TYR B 429 -1.04 -5.70 45.50
N PRO B 430 -0.69 -6.32 46.65
CA PRO B 430 0.45 -7.24 46.69
C PRO B 430 0.07 -8.58 46.05
N LEU B 431 -1.22 -8.83 45.85
CA LEU B 431 -1.68 -10.15 45.34
C LEU B 431 -2.22 -10.00 43.91
N GLY B 432 -2.20 -8.79 43.35
CA GLY B 432 -2.62 -8.63 41.94
C GLY B 432 -3.81 -7.71 41.80
N ARG B 433 -3.83 -6.89 40.75
CA ARG B 433 -4.92 -5.92 40.64
C ARG B 433 -6.14 -6.49 39.93
N GLN B 434 -5.95 -7.51 39.11
CA GLN B 434 -7.05 -8.13 38.40
C GLN B 434 -7.55 -9.34 39.16
N ILE B 435 -8.78 -9.76 38.85
CA ILE B 435 -9.33 -10.94 39.51
C ILE B 435 -8.64 -12.21 39.04
N ARG B 436 -8.21 -12.24 37.76
CA ARG B 436 -7.67 -13.46 37.19
C ARG B 436 -6.30 -13.82 37.75
N GLU B 437 -5.45 -12.83 38.01
CA GLU B 437 -4.14 -13.15 38.56
C GLU B 437 -4.23 -13.47 40.05
N LEU B 438 -5.23 -12.94 40.75
CA LEU B 438 -5.53 -13.39 42.11
C LEU B 438 -5.98 -14.84 42.12
N TYR B 439 -6.84 -15.22 41.18
CA TYR B 439 -7.28 -16.61 41.04
C TYR B 439 -6.10 -17.52 40.72
N CYS B 440 -5.21 -17.07 39.85
CA CYS B 440 -4.03 -17.86 39.50
C CYS B 440 -3.07 -18.01 40.68
N THR B 441 -2.89 -16.96 41.47
CA THR B 441 -1.93 -17.08 42.58
C THR B 441 -2.50 -17.88 43.74
N CYS B 442 -3.83 -17.89 43.93
CA CYS B 442 -4.35 -18.72 45.01
C CYS B 442 -4.75 -20.12 44.57
N LEU B 443 -4.77 -20.40 43.27
CA LEU B 443 -5.35 -21.67 42.81
C LEU B 443 -4.41 -22.85 43.06
N GLU B 444 -3.09 -22.63 42.98
CA GLU B 444 -2.14 -23.72 43.19
C GLU B 444 -1.64 -23.85 44.61
N LYS B 445 -1.60 -22.76 45.37
CA LYS B 445 -0.90 -22.69 46.64
C LYS B 445 -1.90 -22.28 47.71
N ASN B 446 -1.78 -22.88 48.90
CA ASN B 446 -2.55 -22.47 50.07
C ASN B 446 -2.30 -21.00 50.37
N ILE B 447 -3.37 -20.20 50.36
CA ILE B 447 -3.21 -18.76 50.50
C ILE B 447 -2.87 -18.37 51.94
N TRP B 448 -3.47 -19.04 52.93
CA TRP B 448 -3.22 -18.70 54.33
C TRP B 448 -1.82 -19.13 54.77
N ASP B 449 -1.32 -20.22 54.22
CA ASP B 449 -0.03 -20.77 54.65
C ASP B 449 1.12 -19.86 54.27
N SER B 450 0.98 -19.12 53.17
CA SER B 450 2.03 -18.23 52.68
C SER B 450 2.21 -17.02 53.59
N GLU B 451 3.41 -16.43 53.51
CA GLU B 451 3.71 -15.14 54.14
C GLU B 451 2.95 -14.00 53.47
N GLU B 452 2.50 -14.22 52.23
CA GLU B 452 1.86 -13.21 51.41
C GLU B 452 0.55 -12.72 52.03
N TYR B 453 -0.26 -13.66 52.52
CA TYR B 453 -1.51 -13.31 53.18
C TYR B 453 -1.27 -12.60 54.51
N ALA B 454 -0.18 -12.98 55.21
CA ALA B 454 0.20 -12.28 56.42
C ALA B 454 0.53 -10.83 56.14
N SER B 455 1.22 -10.57 55.04
CA SER B 455 1.55 -9.20 54.66
C SER B 455 0.30 -8.40 54.31
N VAL B 456 -0.64 -8.99 53.56
CA VAL B 456 -1.84 -8.23 53.20
C VAL B 456 -2.74 -8.02 54.43
N LEU B 457 -2.73 -8.96 55.39
CA LEU B 457 -3.49 -8.79 56.62
C LEU B 457 -2.94 -7.66 57.47
N GLN B 458 -1.61 -7.61 57.64
CA GLN B 458 -0.99 -6.55 58.44
C GLN B 458 -1.18 -5.19 57.80
N LEU B 459 -1.13 -5.11 56.47
CA LEU B 459 -1.48 -3.84 55.82
C LEU B 459 -2.97 -3.55 55.94
N LEU B 460 -3.81 -4.59 56.06
CA LEU B 460 -5.26 -4.41 56.12
C LEU B 460 -5.72 -3.80 57.45
N ARG B 461 -5.04 -4.14 58.55
CA ARG B 461 -5.47 -3.68 59.88
C ARG B 461 -5.48 -2.15 60.02
N MET B 462 -4.61 -1.45 59.29
CA MET B 462 -4.50 0.00 59.43
C MET B 462 -5.67 0.74 58.77
N LEU B 463 -6.46 0.04 57.95
CA LEU B 463 -7.64 0.66 57.31
C LEU B 463 -8.66 1.14 58.33
N ALA B 464 -9.15 2.36 58.10
CA ALA B 464 -10.19 2.94 58.95
C ALA B 464 -11.58 2.57 58.44
N LYS B 465 -12.61 3.02 59.17
CA LYS B 465 -13.99 2.59 58.90
C LYS B 465 -14.54 3.21 57.61
N ASP B 466 -14.04 4.40 57.22
CA ASP B 466 -14.64 5.16 56.13
C ASP B 466 -14.57 4.43 54.80
N GLU B 467 -13.43 3.81 54.50
CA GLU B 467 -13.34 2.94 53.34
C GLU B 467 -13.98 1.57 53.63
N LEU B 468 -13.89 1.08 54.87
CA LEU B 468 -14.21 -0.30 55.18
C LEU B 468 -15.72 -0.55 55.15
N MET B 469 -16.52 0.46 55.47
CA MET B 469 -17.97 0.35 55.34
C MET B 469 -18.37 0.19 53.88
N THR B 470 -17.67 0.88 52.97
CA THR B 470 -17.90 0.67 51.55
C THR B 470 -17.42 -0.70 51.10
N ILE B 471 -16.35 -1.23 51.73
CA ILE B 471 -15.90 -2.60 51.42
C ILE B 471 -16.95 -3.64 51.79
N LEU B 472 -17.54 -3.52 52.99
CA LEU B 472 -18.64 -4.42 53.33
C LEU B 472 -19.89 -4.15 52.51
N GLU B 473 -20.05 -2.93 51.99
CA GLU B 473 -21.13 -2.69 51.03
C GLU B 473 -20.92 -3.50 49.74
N LYS B 474 -19.68 -3.53 49.23
CA LYS B 474 -19.38 -4.35 48.06
C LYS B 474 -19.56 -5.84 48.34
N CYS B 475 -19.15 -6.29 49.54
CA CYS B 475 -19.31 -7.69 49.90
C CYS B 475 -20.79 -8.09 50.02
N PHE B 476 -21.60 -7.21 50.62
CA PHE B 476 -23.04 -7.49 50.68
C PHE B 476 -23.66 -7.47 49.30
N LYS B 477 -23.14 -6.60 48.42
CA LYS B 477 -23.61 -6.54 47.04
C LYS B 477 -23.32 -7.84 46.29
N VAL B 478 -22.11 -8.37 46.44
CA VAL B 478 -21.76 -9.58 45.68
C VAL B 478 -22.47 -10.81 46.27
N PHE B 479 -22.75 -10.80 47.59
CA PHE B 479 -23.58 -11.85 48.14
C PHE B 479 -25.02 -11.76 47.65
N LYS B 480 -25.52 -10.54 47.46
CA LYS B 480 -26.89 -10.37 46.99
C LYS B 480 -27.03 -10.67 45.50
N SER B 481 -25.95 -10.53 44.73
CA SER B 481 -26.01 -10.65 43.27
C SER B 481 -26.39 -12.06 42.82
N TYR B 482 -25.88 -13.08 43.50
CA TYR B 482 -26.26 -14.46 43.24
C TYR B 482 -26.98 -15.01 44.47
N CYS B 483 -28.17 -15.53 44.28
CA CYS B 483 -28.90 -16.12 45.39
C CYS B 483 -28.59 -17.61 45.48
N GLU B 484 -29.31 -18.30 46.37
CA GLU B 484 -29.28 -19.76 46.55
C GLU B 484 -27.89 -20.26 46.99
N ASN B 485 -27.12 -19.41 47.65
CA ASN B 485 -25.82 -19.85 48.17
C ASN B 485 -26.01 -20.73 49.39
N HIS B 486 -25.01 -21.59 49.65
CA HIS B 486 -24.96 -22.38 50.88
C HIS B 486 -24.11 -21.72 51.94
N LEU B 487 -24.17 -20.39 51.99
CA LEU B 487 -23.34 -19.56 52.85
C LEU B 487 -24.22 -18.55 53.60
N GLY B 488 -25.28 -19.05 54.23
CA GLY B 488 -26.23 -18.18 54.91
C GLY B 488 -25.65 -17.48 56.13
N SER B 489 -24.80 -18.19 56.89
CA SER B 489 -24.26 -17.65 58.13
C SER B 489 -23.36 -16.44 57.87
N THR B 490 -22.47 -16.53 56.89
CA THR B 490 -21.68 -15.36 56.52
C THR B 490 -22.54 -14.28 55.86
N ALA B 491 -23.60 -14.66 55.15
CA ALA B 491 -24.48 -13.69 54.52
C ALA B 491 -25.22 -12.84 55.54
N LYS B 492 -25.56 -13.42 56.69
CA LYS B 492 -26.19 -12.64 57.75
C LYS B 492 -25.20 -12.05 58.75
N ARG B 493 -23.97 -12.56 58.80
CA ARG B 493 -22.98 -11.95 59.67
C ARG B 493 -22.43 -10.66 59.06
N ILE B 494 -22.29 -10.63 57.73
CA ILE B 494 -21.90 -9.42 57.02
C ILE B 494 -22.96 -8.34 57.22
N GLU B 495 -24.23 -8.73 57.25
CA GLU B 495 -25.33 -7.78 57.45
C GLU B 495 -25.26 -7.14 58.83
N GLU B 496 -24.95 -7.92 59.86
CA GLU B 496 -24.85 -7.36 61.21
C GLU B 496 -23.61 -6.48 61.34
N PHE B 497 -22.48 -6.90 60.75
CA PHE B 497 -21.28 -6.07 60.76
C PHE B 497 -21.48 -4.78 59.96
N LEU B 498 -22.30 -4.82 58.93
CA LEU B 498 -22.62 -3.62 58.16
C LEU B 498 -23.61 -2.75 58.93
N ALA B 499 -23.60 -1.45 58.60
CA ALA B 499 -24.59 -0.45 59.06
C ALA B 499 -24.59 -0.26 60.57
N GLN B 500 -23.39 -0.31 61.17
CA GLN B 500 -23.28 -0.02 62.59
C GLN B 500 -23.52 1.46 62.84
N PHE B 501 -24.35 1.75 63.86
CA PHE B 501 -24.89 3.06 64.29
C PHE B 501 -24.71 4.30 63.38
N LYS B 548 -12.70 2.69 69.95
CA LYS B 548 -13.81 1.75 70.05
C LYS B 548 -14.01 1.08 68.69
N PHE B 549 -13.59 1.78 67.64
CA PHE B 549 -13.65 1.22 66.29
C PHE B 549 -12.69 0.04 66.11
N GLU B 550 -11.61 0.00 66.88
CA GLU B 550 -10.52 -0.93 66.62
C GLU B 550 -10.92 -2.36 66.96
N VAL B 551 -11.62 -2.54 68.08
CA VAL B 551 -12.14 -3.86 68.44
C VAL B 551 -13.28 -4.27 67.52
N LEU B 552 -13.98 -3.30 66.93
CA LEU B 552 -14.96 -3.61 65.90
C LEU B 552 -14.28 -4.12 64.63
N ARG B 553 -13.11 -3.57 64.29
CA ARG B 553 -12.46 -3.93 63.03
C ARG B 553 -11.75 -5.27 63.15
N GLU B 554 -11.21 -5.57 64.34
CA GLU B 554 -10.42 -6.81 64.50
C GLU B 554 -11.28 -8.06 64.29
N ASN B 555 -12.56 -8.01 64.68
CA ASN B 555 -13.43 -9.18 64.53
C ASN B 555 -13.80 -9.43 63.06
N VAL B 556 -14.07 -8.37 62.29
CA VAL B 556 -14.39 -8.59 60.87
C VAL B 556 -13.15 -9.02 60.09
N VAL B 557 -11.95 -8.60 60.53
CA VAL B 557 -10.75 -9.11 59.88
C VAL B 557 -10.54 -10.60 60.18
N ASN B 558 -10.71 -11.00 61.45
CA ASN B 558 -10.60 -12.43 61.77
C ASN B 558 -11.71 -13.25 61.13
N PHE B 559 -12.85 -12.60 60.87
CA PHE B 559 -13.95 -13.21 60.14
C PHE B 559 -13.55 -13.54 58.70
N ILE B 560 -12.94 -12.56 58.00
CA ILE B 560 -12.54 -12.81 56.62
C ILE B 560 -11.39 -13.83 56.57
N ASP B 561 -10.57 -13.88 57.62
CA ASP B 561 -9.55 -14.93 57.71
C ASP B 561 -10.19 -16.31 57.83
N CYS B 562 -11.27 -16.41 58.61
CA CYS B 562 -12.00 -17.68 58.73
C CYS B 562 -12.59 -18.12 57.40
N LEU B 563 -13.18 -17.19 56.65
CA LEU B 563 -13.73 -17.54 55.33
C LEU B 563 -12.65 -17.99 54.34
N VAL B 564 -11.53 -17.25 54.28
CA VAL B 564 -10.51 -17.59 53.27
C VAL B 564 -9.83 -18.91 53.62
N ARG B 565 -9.72 -19.23 54.91
CA ARG B 565 -9.18 -20.54 55.25
C ARG B 565 -10.21 -21.65 54.99
N GLU B 566 -11.49 -21.35 55.19
CA GLU B 566 -12.51 -22.39 55.07
C GLU B 566 -12.74 -22.81 53.63
N TYR B 567 -12.90 -21.86 52.70
CA TYR B 567 -13.39 -22.22 51.38
C TYR B 567 -12.44 -22.01 50.21
N LEU B 568 -11.21 -21.53 50.43
CA LEU B 568 -10.27 -21.36 49.33
C LEU B 568 -9.26 -22.51 49.23
N LEU B 569 -9.66 -23.73 49.54
CA LEU B 569 -8.77 -24.86 49.39
C LEU B 569 -8.56 -25.19 47.91
N PRO B 570 -7.38 -25.67 47.53
CA PRO B 570 -7.10 -25.95 46.11
C PRO B 570 -7.90 -27.14 45.61
N PRO B 571 -8.18 -27.21 44.30
CA PRO B 571 -9.11 -28.24 43.80
C PRO B 571 -8.55 -29.63 43.76
N GLU B 572 -7.23 -29.81 43.88
CA GLU B 572 -6.67 -31.16 43.93
C GLU B 572 -7.05 -31.91 45.20
N THR B 573 -7.42 -31.21 46.26
CA THR B 573 -7.82 -31.87 47.50
C THR B 573 -9.34 -32.06 47.56
N GLN B 574 -9.92 -32.63 46.50
CA GLN B 574 -11.34 -32.99 46.40
C GLN B 574 -11.46 -34.33 45.69
N PRO B 575 -12.44 -35.15 46.06
CA PRO B 575 -12.69 -36.38 45.32
C PRO B 575 -13.25 -36.08 43.94
N LEU B 576 -12.79 -36.85 42.95
CA LEU B 576 -13.24 -36.78 41.55
C LEU B 576 -13.07 -35.40 40.95
N HIS B 577 -11.95 -34.74 41.26
CA HIS B 577 -11.64 -33.49 40.56
C HIS B 577 -11.20 -33.75 39.12
N GLU B 578 -10.70 -34.97 38.85
CA GLU B 578 -10.16 -35.28 37.52
C GLU B 578 -11.23 -35.30 36.42
N VAL B 579 -12.51 -35.43 36.79
CA VAL B 579 -13.53 -35.56 35.75
C VAL B 579 -13.80 -34.22 35.07
N VAL B 580 -13.57 -33.10 35.76
CA VAL B 580 -13.84 -31.78 35.19
C VAL B 580 -12.60 -30.88 35.15
N TYR B 581 -11.42 -31.45 35.24
CA TYR B 581 -10.19 -30.66 35.23
C TYR B 581 -9.26 -31.20 34.17
N PHE B 582 -8.55 -30.30 33.50
CA PHE B 582 -7.71 -30.66 32.36
C PHE B 582 -6.29 -30.20 32.65
N SER B 583 -5.35 -31.15 32.72
CA SER B 583 -3.93 -30.84 32.95
C SER B 583 -3.08 -31.56 31.91
N ALA B 584 -2.91 -30.94 30.75
CA ALA B 584 -2.02 -31.43 29.70
C ALA B 584 -1.24 -30.24 29.14
N ALA B 585 -0.62 -29.47 30.04
CA ALA B 585 -0.08 -28.16 29.69
C ALA B 585 1.05 -28.24 28.68
N HIS B 586 1.87 -29.29 28.74
CA HIS B 586 3.02 -29.38 27.86
C HIS B 586 2.61 -29.63 26.41
N ALA B 587 1.72 -30.60 26.18
CA ALA B 587 1.27 -30.88 24.82
C ALA B 587 0.48 -29.72 24.23
N LEU B 588 -0.30 -29.05 25.08
CA LEU B 588 -1.00 -27.84 24.66
C LEU B 588 -0.02 -26.75 24.24
N ARG B 589 1.06 -26.57 25.01
CA ARG B 589 2.01 -25.53 24.67
C ARG B 589 2.76 -25.85 23.39
N GLU B 590 3.12 -27.11 23.17
CA GLU B 590 3.81 -27.46 21.93
C GLU B 590 2.88 -27.42 20.72
N HIS B 591 1.57 -27.56 20.91
CA HIS B 591 0.68 -27.28 19.78
C HIS B 591 0.54 -25.78 19.50
N LEU B 592 0.37 -24.96 20.56
CA LEU B 592 0.14 -23.54 20.31
C LEU B 592 1.41 -22.82 19.87
N ASN B 593 2.47 -22.91 20.67
CA ASN B 593 3.77 -22.33 20.31
C ASN B 593 4.78 -23.45 20.14
N ALA B 594 5.12 -23.74 18.90
CA ALA B 594 6.15 -24.72 18.60
C ALA B 594 7.32 -23.98 18.00
N ALA B 595 8.51 -24.24 18.53
CA ALA B 595 9.71 -23.63 17.99
C ALA B 595 10.40 -24.60 17.05
N PRO B 596 10.31 -24.40 15.74
CA PRO B 596 10.92 -25.35 14.82
C PRO B 596 12.44 -25.32 14.81
N ARG B 597 13.06 -24.19 15.13
CA ARG B 597 14.50 -24.11 15.11
C ARG B 597 15.16 -24.46 16.44
N ILE B 598 14.39 -24.93 17.42
CA ILE B 598 14.99 -25.58 18.58
C ILE B 598 14.80 -27.09 18.45
N ALA B 599 13.88 -27.55 17.61
CA ALA B 599 13.69 -28.97 17.34
C ALA B 599 14.50 -29.43 16.14
N LEU B 600 15.35 -28.57 15.59
CA LEU B 600 16.40 -28.95 14.66
C LEU B 600 17.75 -29.02 15.35
N HIS B 601 18.01 -28.11 16.29
CA HIS B 601 19.22 -28.11 17.08
C HIS B 601 19.30 -29.30 18.04
N THR B 602 18.18 -29.93 18.38
CA THR B 602 18.21 -31.14 19.19
C THR B 602 17.97 -32.38 18.37
N ALA B 603 17.94 -32.27 17.05
CA ALA B 603 17.89 -33.42 16.17
C ALA B 603 19.15 -33.58 15.36
N LEU B 604 20.08 -32.62 15.43
CA LEU B 604 21.38 -32.74 14.80
C LEU B 604 22.47 -32.99 15.85
N ASN B 605 22.54 -32.13 16.87
CA ASN B 605 23.56 -32.27 17.91
C ASN B 605 23.33 -33.49 18.77
N ASN B 606 22.07 -33.83 19.03
CA ASN B 606 21.72 -34.93 19.94
C ASN B 606 20.76 -35.85 19.20
N PRO B 607 21.27 -36.73 18.34
CA PRO B 607 20.37 -37.66 17.63
C PRO B 607 19.85 -38.77 18.51
N TYR B 608 20.41 -38.94 19.71
CA TYR B 608 20.03 -40.03 20.60
C TYR B 608 18.60 -39.89 21.10
N TYR B 609 18.07 -38.66 21.10
CA TYR B 609 16.74 -38.38 21.64
C TYR B 609 15.66 -39.10 20.84
N TYR B 610 15.82 -39.17 19.52
CA TYR B 610 14.85 -39.86 18.67
C TYR B 610 15.27 -41.28 18.32
N LEU B 611 16.55 -41.50 18.06
CA LEU B 611 17.10 -42.84 17.81
C LEU B 611 17.81 -43.28 19.08
N LYS B 612 17.17 -44.16 19.84
CA LYS B 612 17.71 -44.59 21.14
C LYS B 612 18.40 -45.94 20.95
N ASN B 613 19.63 -45.91 20.45
CA ASN B 613 20.38 -47.14 20.22
C ASN B 613 21.85 -46.92 20.64
N GLU B 614 22.04 -46.22 21.76
CA GLU B 614 23.36 -45.85 22.31
C GLU B 614 24.23 -45.08 21.30
N ALA B 615 23.61 -44.13 20.60
CA ALA B 615 24.28 -43.40 19.53
C ALA B 615 24.94 -42.12 20.00
N LEU B 616 24.93 -41.82 21.29
CA LEU B 616 25.57 -40.61 21.80
C LEU B 616 26.28 -40.91 23.11
N LYS B 617 27.47 -40.32 23.26
CA LYS B 617 28.20 -40.32 24.52
C LYS B 617 28.29 -38.91 25.10
N SER B 618 28.56 -37.89 24.29
CA SER B 618 28.61 -36.51 24.77
C SER B 618 28.23 -35.55 23.64
N GLY B 621 33.00 -35.03 20.46
CA GLY B 621 32.86 -36.11 19.51
C GLY B 621 31.76 -37.07 19.90
N CYS B 622 30.69 -37.10 19.09
CA CYS B 622 29.56 -37.98 19.37
C CYS B 622 29.93 -39.45 19.15
N ILE B 623 29.97 -39.88 17.89
CA ILE B 623 30.23 -41.27 17.52
C ILE B 623 30.47 -41.25 16.01
N PRO B 624 31.24 -42.20 15.45
CA PRO B 624 31.36 -42.24 13.98
C PRO B 624 30.10 -42.70 13.26
N ASN B 625 29.39 -43.70 13.78
CA ASN B 625 28.21 -44.24 13.09
C ASN B 625 26.94 -43.53 13.54
N ILE B 626 26.99 -42.20 13.45
CA ILE B 626 25.94 -41.30 13.92
C ILE B 626 24.85 -41.30 12.85
N ALA B 627 23.69 -40.70 13.17
CA ALA B 627 22.53 -40.53 12.29
C ALA B 627 22.94 -40.07 10.89
N PRO B 628 22.25 -40.55 9.84
CA PRO B 628 22.86 -40.60 8.49
C PRO B 628 23.25 -39.26 7.89
N ASP B 629 24.57 -39.04 7.81
CA ASP B 629 25.27 -38.14 6.91
C ASP B 629 25.10 -36.66 7.24
N ILE B 630 24.17 -36.32 8.12
CA ILE B 630 23.85 -34.92 8.35
C ILE B 630 24.56 -34.40 9.58
N CYS B 631 24.66 -35.24 10.61
CA CYS B 631 25.19 -34.80 11.90
C CYS B 631 26.70 -34.62 11.85
N ILE B 632 27.40 -35.44 11.06
CA ILE B 632 28.83 -35.22 10.80
C ILE B 632 29.04 -33.89 10.10
N ALA B 633 28.21 -33.61 9.09
CA ALA B 633 28.33 -32.36 8.35
C ALA B 633 28.07 -31.17 9.24
N TYR B 634 27.06 -31.25 10.10
CA TYR B 634 26.75 -30.13 11.01
C TYR B 634 27.84 -29.96 12.06
N LYS B 635 28.34 -31.06 12.62
CA LYS B 635 29.37 -30.97 13.66
C LYS B 635 30.67 -30.40 13.12
N LEU B 636 31.10 -30.82 11.93
CA LEU B 636 32.30 -30.25 11.34
C LEU B 636 32.04 -28.83 10.82
N HIS B 637 30.79 -28.54 10.44
CA HIS B 637 30.36 -27.21 10.06
C HIS B 637 30.40 -26.24 11.25
N LEU B 638 30.22 -26.76 12.46
CA LEU B 638 30.10 -25.92 13.64
C LEU B 638 31.40 -25.19 13.98
N GLU B 639 32.55 -25.78 13.63
CA GLU B 639 33.83 -25.33 14.17
C GLU B 639 34.37 -24.05 13.53
N CYS B 640 33.84 -23.62 12.39
CA CYS B 640 34.46 -22.50 11.67
C CYS B 640 34.12 -21.17 12.32
N SER B 641 34.75 -20.11 11.81
CA SER B 641 34.33 -18.73 12.08
C SER B 641 33.94 -18.09 10.74
N ARG B 642 32.69 -18.32 10.33
CA ARG B 642 32.04 -17.70 9.16
C ARG B 642 32.85 -18.00 7.87
N LEU B 643 33.53 -19.14 7.83
CA LEU B 643 34.46 -19.42 6.73
C LEU B 643 34.51 -20.93 6.52
N ILE B 644 33.87 -21.42 5.45
CA ILE B 644 33.93 -22.84 5.11
C ILE B 644 34.39 -23.01 3.68
N ASN B 645 35.39 -23.86 3.47
CA ASN B 645 35.88 -24.25 2.16
C ASN B 645 35.33 -25.64 1.86
N LEU B 646 34.75 -25.81 0.67
CA LEU B 646 34.12 -27.07 0.30
C LEU B 646 35.11 -28.22 0.24
N VAL B 647 36.32 -27.97 -0.27
CA VAL B 647 37.33 -29.02 -0.38
C VAL B 647 37.83 -29.45 0.99
N ASP B 648 38.13 -28.49 1.86
CA ASP B 648 38.64 -28.81 3.19
C ASP B 648 37.55 -29.45 4.05
N TRP B 649 36.31 -28.97 3.92
CA TRP B 649 35.20 -29.57 4.66
C TRP B 649 34.92 -30.99 4.16
N SER B 650 35.11 -31.21 2.84
CA SER B 650 34.98 -32.56 2.29
C SER B 650 36.05 -33.49 2.80
N GLU B 651 37.28 -33.01 2.95
CA GLU B 651 38.34 -33.86 3.49
C GLU B 651 38.11 -34.15 4.97
N ALA B 652 37.63 -33.17 5.72
CA ALA B 652 37.29 -33.39 7.13
C ALA B 652 36.11 -34.34 7.30
N PHE B 653 35.20 -34.36 6.32
CA PHE B 653 34.10 -35.32 6.33
C PHE B 653 34.57 -36.72 5.98
N ALA B 654 35.45 -36.84 4.98
CA ALA B 654 35.88 -38.15 4.54
C ALA B 654 36.85 -38.80 5.51
N THR B 655 37.60 -38.00 6.28
CA THR B 655 38.53 -38.61 7.24
C THR B 655 37.83 -39.19 8.46
N VAL B 656 36.52 -39.01 8.63
CA VAL B 656 35.79 -39.54 9.77
C VAL B 656 34.70 -40.54 9.34
N VAL B 657 34.12 -40.36 8.15
CA VAL B 657 33.11 -41.31 7.69
C VAL B 657 33.73 -42.68 7.39
N THR B 658 34.93 -42.71 6.80
CA THR B 658 35.57 -43.99 6.52
C THR B 658 36.08 -44.66 7.80
N ALA B 659 36.26 -43.90 8.87
CA ALA B 659 36.70 -44.44 10.13
C ALA B 659 35.52 -44.82 11.02
N MET B 673 34.45 -47.20 -2.01
CA MET B 673 35.36 -46.25 -2.63
C MET B 673 35.11 -44.84 -2.14
N ASN B 674 36.02 -43.92 -2.47
CA ASN B 674 35.86 -42.52 -2.11
C ASN B 674 34.78 -41.84 -2.92
N GLU B 675 34.33 -42.46 -4.02
CA GLU B 675 33.30 -41.86 -4.87
C GLU B 675 31.99 -41.72 -4.13
N ILE B 676 31.57 -42.77 -3.42
CA ILE B 676 30.30 -42.70 -2.72
C ILE B 676 30.42 -41.84 -1.46
N ILE B 677 31.60 -41.75 -0.85
CA ILE B 677 31.79 -40.87 0.30
C ILE B 677 31.65 -39.41 -0.13
N HIS B 678 32.30 -39.05 -1.24
CA HIS B 678 32.20 -37.68 -1.73
C HIS B 678 30.79 -37.38 -2.22
N ALA B 679 30.10 -38.38 -2.78
CA ALA B 679 28.72 -38.17 -3.23
C ALA B 679 27.75 -38.02 -2.06
N ARG B 680 27.97 -38.76 -0.98
CA ARG B 680 27.20 -38.55 0.24
C ARG B 680 27.45 -37.16 0.81
N PHE B 681 28.68 -36.67 0.69
CA PHE B 681 28.97 -35.29 1.07
C PHE B 681 28.22 -34.28 0.20
N ILE B 682 28.06 -34.59 -1.10
CA ILE B 682 27.24 -33.76 -1.99
C ILE B 682 25.82 -33.68 -1.47
N ARG B 683 25.26 -34.83 -1.08
CA ARG B 683 23.91 -34.86 -0.49
C ARG B 683 23.82 -34.06 0.79
N ALA B 684 24.80 -34.21 1.69
CA ALA B 684 24.78 -33.49 2.97
C ALA B 684 24.84 -31.98 2.78
N VAL B 685 25.70 -31.51 1.88
CA VAL B 685 25.81 -30.06 1.65
C VAL B 685 24.55 -29.51 0.98
N SER B 686 23.95 -30.27 0.05
CA SER B 686 22.71 -29.80 -0.55
C SER B 686 21.54 -29.83 0.44
N GLU B 687 21.55 -30.75 1.38
CA GLU B 687 20.46 -30.84 2.35
C GLU B 687 20.55 -29.72 3.37
N LEU B 688 21.74 -29.43 3.91
CA LEU B 688 21.90 -28.25 4.75
C LEU B 688 21.74 -26.95 3.99
N GLU B 689 21.87 -26.96 2.66
CA GLU B 689 21.50 -25.76 1.93
C GLU B 689 19.98 -25.64 1.80
N LEU B 690 19.28 -26.77 1.74
CA LEU B 690 17.82 -26.73 1.65
C LEU B 690 17.19 -26.27 2.96
N LEU B 691 17.70 -26.76 4.10
CA LEU B 691 17.21 -26.29 5.40
C LEU B 691 17.65 -24.88 5.74
N GLY B 692 18.59 -24.30 5.00
CA GLY B 692 18.93 -22.91 5.20
C GLY B 692 20.09 -22.64 6.12
N PHE B 693 20.84 -23.67 6.52
CA PHE B 693 21.99 -23.47 7.39
C PHE B 693 23.12 -22.73 6.66
N ILE B 694 23.34 -23.05 5.38
CA ILE B 694 24.41 -22.46 4.59
C ILE B 694 23.84 -21.93 3.28
N LYS B 695 24.54 -20.97 2.68
CA LYS B 695 24.15 -20.27 1.47
C LYS B 695 25.27 -20.31 0.44
N PRO B 696 24.98 -20.33 -0.85
CA PRO B 696 26.06 -20.18 -1.83
C PRO B 696 26.58 -18.75 -1.90
N THR B 697 27.80 -18.61 -2.39
CA THR B 697 28.48 -17.31 -2.47
C THR B 697 29.31 -17.19 -3.75
N THR B 701 35.62 -21.04 0.07
CA THR B 701 34.82 -20.95 -1.15
C THR B 701 33.41 -20.55 -0.78
N ASP B 702 32.80 -21.30 0.13
CA ASP B 702 31.44 -20.99 0.54
C ASP B 702 31.42 -19.82 1.52
N HIS B 703 32.10 -19.99 2.66
CA HIS B 703 32.45 -18.92 3.62
C HIS B 703 31.25 -18.20 4.25
N VAL B 704 30.11 -18.88 4.47
CA VAL B 704 29.02 -18.30 5.24
C VAL B 704 28.49 -19.32 6.25
N ALA B 705 28.29 -18.89 7.49
CA ALA B 705 27.59 -19.66 8.51
C ALA B 705 26.57 -18.73 9.18
N ARG B 706 25.29 -18.92 8.84
CA ARG B 706 24.23 -18.04 9.33
C ARG B 706 24.02 -18.21 10.84
N LEU B 707 24.25 -19.42 11.36
CA LEU B 707 23.85 -19.75 12.73
C LEU B 707 24.79 -19.17 13.78
N THR B 708 25.92 -18.61 13.35
CA THR B 708 26.83 -17.86 14.22
C THR B 708 26.15 -16.75 15.02
N LEU C 17 -9.98 46.51 -41.57
CA LEU C 17 -10.83 46.59 -40.41
C LEU C 17 -10.48 45.46 -39.44
N SER C 18 -11.30 44.41 -39.42
CA SER C 18 -11.04 43.20 -38.66
C SER C 18 -10.76 42.01 -39.56
N GLN C 19 -10.75 42.21 -40.88
CA GLN C 19 -10.33 41.15 -41.78
C GLN C 19 -8.83 40.87 -41.63
N VAL C 20 -8.06 41.86 -41.20
CA VAL C 20 -6.65 41.65 -40.89
C VAL C 20 -6.49 40.67 -39.74
N GLN C 21 -7.39 40.75 -38.75
CA GLN C 21 -7.37 39.83 -37.62
C GLN C 21 -7.69 38.42 -38.07
N ARG C 22 -8.70 38.26 -38.92
CA ARG C 22 -9.09 36.96 -39.43
C ARG C 22 -7.97 36.30 -40.24
N ILE C 23 -7.37 37.07 -41.16
CA ILE C 23 -6.36 36.50 -42.06
C ILE C 23 -5.08 36.16 -41.29
N LEU C 24 -4.61 37.07 -40.44
CA LEU C 24 -3.37 36.78 -39.74
C LEU C 24 -3.56 35.77 -38.60
N ARG C 25 -4.78 35.64 -38.06
CA ARG C 25 -5.05 34.57 -37.11
C ARG C 25 -5.12 33.23 -37.80
N GLU C 26 -5.64 33.17 -39.03
CA GLU C 26 -5.52 31.91 -39.77
C GLU C 26 -4.08 31.64 -40.20
N ARG C 27 -3.25 32.67 -40.34
CA ARG C 27 -1.85 32.43 -40.69
C ARG C 27 -1.06 31.89 -39.51
N PHE C 28 -1.26 32.45 -38.30
CA PHE C 28 -0.38 32.10 -37.19
C PHE C 28 -0.93 31.01 -36.28
N CYS C 29 -2.23 31.01 -35.97
CA CYS C 29 -2.78 30.06 -35.01
C CYS C 29 -2.74 28.64 -35.57
N ARG C 30 -3.35 28.44 -36.72
CA ARG C 30 -3.29 27.18 -37.43
C ARG C 30 -2.42 27.40 -38.65
N GLN C 31 -1.89 26.32 -39.18
CA GLN C 31 -0.98 26.46 -40.31
C GLN C 31 -1.79 26.32 -41.59
N SER C 32 -2.29 27.44 -42.07
CA SER C 32 -3.04 27.55 -43.30
C SER C 32 -2.08 27.74 -44.45
N PRO C 33 -2.46 27.34 -45.68
CA PRO C 33 -1.52 27.47 -46.80
C PRO C 33 -1.21 28.91 -47.14
N HIS C 34 0.09 29.21 -47.20
CA HIS C 34 0.57 30.54 -47.53
C HIS C 34 1.53 30.43 -48.71
N SER C 35 1.68 31.57 -49.40
CA SER C 35 2.01 31.56 -50.83
C SER C 35 3.41 31.02 -51.12
N ASN C 36 4.41 31.43 -50.35
CA ASN C 36 5.80 31.28 -50.77
C ASN C 36 6.59 30.36 -49.84
N LEU C 37 7.50 29.61 -50.44
CA LEU C 37 8.44 28.77 -49.71
C LEU C 37 9.60 29.65 -49.22
N PHE C 38 10.35 29.15 -48.24
CA PHE C 38 11.52 29.89 -47.76
C PHE C 38 12.74 28.99 -47.72
N GLY C 39 13.50 29.00 -48.82
CA GLY C 39 14.79 28.34 -48.91
C GLY C 39 14.77 26.82 -48.82
N VAL C 40 13.72 26.18 -49.34
CA VAL C 40 13.66 24.73 -49.41
C VAL C 40 13.28 24.28 -50.82
N GLN C 41 13.71 25.05 -51.83
CA GLN C 41 13.24 24.81 -53.20
C GLN C 41 13.77 23.50 -53.79
N VAL C 42 15.02 23.15 -53.46
CA VAL C 42 15.60 21.91 -53.99
C VAL C 42 14.89 20.69 -53.42
N GLN C 43 14.56 20.72 -52.13
CA GLN C 43 13.84 19.61 -51.50
C GLN C 43 12.45 19.44 -52.09
N TYR C 44 11.75 20.55 -52.35
CA TYR C 44 10.46 20.46 -53.00
C TYR C 44 10.58 19.94 -54.42
N LYS C 45 11.66 20.28 -55.14
CA LYS C 45 11.78 19.81 -56.52
C LYS C 45 12.02 18.29 -56.54
N HIS C 46 12.86 17.81 -55.62
CA HIS C 46 13.10 16.38 -55.46
C HIS C 46 11.82 15.63 -55.13
N LEU C 47 11.10 16.09 -54.09
CA LEU C 47 9.94 15.34 -53.61
C LEU C 47 8.79 15.39 -54.62
N SER C 48 8.61 16.54 -55.28
CA SER C 48 7.60 16.62 -56.32
C SER C 48 7.93 15.70 -57.49
N GLU C 49 9.23 15.53 -57.78
CA GLU C 49 9.64 14.58 -58.83
C GLU C 49 9.33 13.15 -58.43
N LEU C 50 9.59 12.78 -57.17
CA LEU C 50 9.29 11.41 -56.70
C LEU C 50 7.79 11.13 -56.76
N LEU C 51 6.98 12.07 -56.29
CA LEU C 51 5.54 11.80 -56.23
C LEU C 51 4.91 11.83 -57.62
N LYS C 52 5.42 12.65 -58.54
CA LYS C 52 4.87 12.61 -59.89
C LYS C 52 5.29 11.32 -60.62
N ARG C 53 6.49 10.81 -60.31
CA ARG C 53 6.92 9.53 -60.86
C ARG C 53 6.05 8.39 -60.36
N THR C 54 5.68 8.43 -59.08
CA THR C 54 4.80 7.39 -58.53
C THR C 54 3.37 7.53 -59.06
N ALA C 55 2.88 8.76 -59.20
CA ALA C 55 1.49 8.97 -59.59
C ALA C 55 1.25 8.65 -61.06
N LEU C 56 2.13 9.10 -61.95
CA LEU C 56 1.87 8.87 -63.37
C LEU C 56 2.39 7.52 -63.83
N HIS C 57 3.63 7.18 -63.48
CA HIS C 57 4.25 5.94 -63.92
C HIS C 57 4.21 4.91 -62.78
N GLY C 58 4.45 3.66 -63.13
CA GLY C 58 4.34 2.59 -62.14
C GLY C 58 5.59 2.37 -61.32
N GLU C 59 5.89 3.30 -60.43
CA GLU C 59 7.11 3.23 -59.64
C GLU C 59 6.74 3.31 -58.16
N SER C 60 7.51 2.63 -57.31
CA SER C 60 7.30 2.64 -55.88
C SER C 60 8.53 3.24 -55.20
N ASN C 61 8.32 4.20 -54.31
CA ASN C 61 9.41 4.96 -53.71
C ASN C 61 9.23 5.09 -52.20
N SER C 62 10.33 5.13 -51.47
CA SER C 62 10.33 5.37 -50.04
C SER C 62 11.24 6.54 -49.73
N VAL C 63 10.77 7.48 -48.91
CA VAL C 63 11.52 8.67 -48.56
C VAL C 63 11.37 8.91 -47.05
N LEU C 64 12.32 9.65 -46.47
CA LEU C 64 12.25 10.03 -45.05
C LEU C 64 12.60 11.51 -44.93
N ILE C 65 11.60 12.33 -44.62
CA ILE C 65 11.80 13.77 -44.46
C ILE C 65 12.26 14.06 -43.04
N ILE C 66 13.58 14.07 -42.81
CA ILE C 66 14.13 14.29 -41.49
C ILE C 66 14.35 15.78 -41.28
N GLY C 67 13.90 16.30 -40.14
CA GLY C 67 14.12 17.69 -39.83
C GLY C 67 13.87 18.01 -38.37
N PRO C 68 14.19 19.24 -37.97
CA PRO C 68 13.86 19.68 -36.62
C PRO C 68 12.36 19.88 -36.46
N ARG C 69 11.94 20.06 -35.21
CA ARG C 69 10.54 20.33 -34.94
C ARG C 69 10.15 21.72 -35.41
N GLY C 70 9.03 21.80 -36.12
CA GLY C 70 8.58 23.07 -36.66
C GLY C 70 9.43 23.63 -37.78
N SER C 71 9.89 22.78 -38.70
CA SER C 71 10.75 23.20 -39.80
C SER C 71 10.18 22.88 -41.18
N GLY C 72 8.87 22.75 -41.31
CA GLY C 72 8.27 22.77 -42.62
C GLY C 72 7.91 21.45 -43.25
N LYS C 73 7.93 20.34 -42.51
CA LYS C 73 7.70 19.02 -43.09
C LYS C 73 6.26 18.84 -43.57
N THR C 74 5.29 19.09 -42.67
CA THR C 74 3.88 18.89 -42.99
C THR C 74 3.41 19.89 -44.03
N MET C 75 3.93 21.12 -43.93
CA MET C 75 3.64 22.15 -44.93
C MET C 75 4.11 21.73 -46.30
N LEU C 76 5.32 21.17 -46.40
CA LEU C 76 5.89 20.84 -47.69
C LEU C 76 5.18 19.64 -48.31
N ILE C 77 4.80 18.64 -47.50
CA ILE C 77 4.12 17.50 -48.09
C ILE C 77 2.70 17.88 -48.50
N ASN C 78 2.02 18.75 -47.74
CA ASN C 78 0.68 19.20 -48.13
C ASN C 78 0.73 20.06 -49.40
N HIS C 79 1.74 20.94 -49.51
CA HIS C 79 1.88 21.76 -50.70
C HIS C 79 2.18 20.91 -51.94
N ALA C 80 3.07 19.92 -51.80
CA ALA C 80 3.39 19.05 -52.92
C ALA C 80 2.19 18.23 -53.37
N LEU C 81 1.43 17.70 -52.41
CA LEU C 81 0.24 16.92 -52.76
C LEU C 81 -0.84 17.78 -53.39
N LYS C 82 -1.00 19.03 -52.94
CA LYS C 82 -1.97 19.92 -53.58
C LYS C 82 -1.58 20.23 -55.02
N GLU C 83 -0.31 20.61 -55.23
CA GLU C 83 0.15 20.97 -56.57
C GLU C 83 0.09 19.77 -57.51
N LEU C 84 0.39 18.58 -57.00
CA LEU C 84 0.20 17.37 -57.80
C LEU C 84 -1.27 17.11 -58.10
N MET C 85 -2.15 17.30 -57.11
CA MET C 85 -3.52 16.87 -57.28
C MET C 85 -4.34 17.88 -58.08
N GLU C 86 -3.74 19.01 -58.45
CA GLU C 86 -4.37 19.92 -59.43
C GLU C 86 -4.53 19.28 -60.81
N ILE C 87 -3.69 18.30 -61.16
CA ILE C 87 -3.80 17.62 -62.45
C ILE C 87 -5.07 16.78 -62.47
N GLU C 88 -5.80 16.82 -63.61
CA GLU C 88 -7.08 16.11 -63.69
C GLU C 88 -6.90 14.60 -63.85
N GLU C 89 -5.79 14.16 -64.44
CA GLU C 89 -5.59 12.72 -64.68
C GLU C 89 -5.34 11.99 -63.38
N VAL C 90 -4.54 12.56 -62.49
CA VAL C 90 -4.18 11.88 -61.26
C VAL C 90 -5.34 11.86 -60.28
N SER C 91 -6.18 12.91 -60.28
CA SER C 91 -7.14 13.16 -59.20
C SER C 91 -8.24 12.11 -59.16
N GLU C 92 -8.67 11.62 -60.32
CA GLU C 92 -9.73 10.61 -60.35
C GLU C 92 -9.23 9.25 -59.84
N ASN C 93 -7.92 9.00 -59.92
CA ASN C 93 -7.38 7.69 -59.58
C ASN C 93 -6.74 7.62 -58.21
N VAL C 94 -5.91 8.59 -57.82
CA VAL C 94 -5.00 8.41 -56.70
C VAL C 94 -5.77 8.46 -55.39
N LEU C 95 -5.32 7.66 -54.42
CA LEU C 95 -5.91 7.62 -53.09
C LEU C 95 -4.85 8.05 -52.09
N GLN C 96 -5.26 8.80 -51.09
CA GLN C 96 -4.35 9.30 -50.07
C GLN C 96 -4.68 8.63 -48.75
N VAL C 97 -3.67 8.02 -48.12
CA VAL C 97 -3.87 7.41 -46.81
C VAL C 97 -3.03 8.14 -45.78
N HIS C 98 -3.67 8.93 -44.93
CA HIS C 98 -2.98 9.60 -43.85
C HIS C 98 -2.95 8.73 -42.61
N LEU C 99 -1.76 8.46 -42.08
CA LEU C 99 -1.59 7.78 -40.81
C LEU C 99 -0.78 8.68 -39.90
N ASN C 100 -1.16 8.75 -38.63
CA ASN C 100 -0.44 9.51 -37.63
C ASN C 100 0.06 8.56 -36.55
N GLY C 101 1.31 8.72 -36.15
CA GLY C 101 1.91 7.81 -35.19
C GLY C 101 1.35 7.95 -33.78
N LEU C 102 0.86 9.14 -33.44
CA LEU C 102 0.26 9.35 -32.13
C LEU C 102 -1.07 8.62 -32.00
N LEU C 103 -1.87 8.65 -33.06
CA LEU C 103 -3.22 8.10 -33.00
C LEU C 103 -3.20 6.57 -32.99
N GLN C 104 -2.46 5.96 -33.91
CA GLN C 104 -2.47 4.52 -34.12
C GLN C 104 -1.24 3.89 -33.46
N ILE C 105 -1.44 3.20 -32.34
CA ILE C 105 -0.33 2.61 -31.61
C ILE C 105 -0.29 1.08 -31.66
N ASN C 106 -1.17 0.45 -32.42
CA ASN C 106 -1.16 -1.00 -32.58
C ASN C 106 -1.27 -1.37 -34.05
N ASP C 107 -1.08 -2.67 -34.32
CA ASP C 107 -1.33 -3.17 -35.66
C ASP C 107 -2.82 -3.21 -35.99
N LYS C 108 -3.66 -3.49 -34.99
CA LYS C 108 -5.10 -3.58 -35.21
C LYS C 108 -5.69 -2.22 -35.55
N ILE C 109 -5.28 -1.19 -34.81
CA ILE C 109 -5.81 0.15 -35.02
C ILE C 109 -5.32 0.70 -36.36
N ALA C 110 -4.06 0.44 -36.70
CA ALA C 110 -3.49 0.91 -37.95
C ALA C 110 -4.16 0.26 -39.15
N LEU C 111 -4.41 -1.06 -39.08
CA LEU C 111 -5.01 -1.74 -40.22
C LEU C 111 -6.49 -1.39 -40.37
N LYS C 112 -7.19 -1.23 -39.25
CA LYS C 112 -8.57 -0.73 -39.29
C LYS C 112 -8.63 0.67 -39.87
N GLU C 113 -7.67 1.53 -39.51
CA GLU C 113 -7.62 2.89 -40.04
C GLU C 113 -7.33 2.90 -41.53
N ILE C 114 -6.43 2.04 -42.01
CA ILE C 114 -6.17 1.94 -43.45
C ILE C 114 -7.42 1.49 -44.19
N THR C 115 -8.16 0.53 -43.61
CA THR C 115 -9.40 0.06 -44.21
C THR C 115 -10.45 1.16 -44.28
N ARG C 116 -10.56 1.97 -43.22
CA ARG C 116 -11.54 3.05 -43.22
C ARG C 116 -11.14 4.18 -44.16
N GLN C 117 -9.85 4.48 -44.25
CA GLN C 117 -9.37 5.54 -45.15
C GLN C 117 -9.57 5.18 -46.61
N LEU C 118 -9.36 3.91 -46.96
CA LEU C 118 -9.60 3.49 -48.34
C LEU C 118 -11.07 3.32 -48.67
N ASN C 119 -11.95 3.45 -47.68
CA ASN C 119 -13.41 3.25 -47.82
C ASN C 119 -13.73 1.84 -48.32
N LEU C 120 -13.13 0.84 -47.66
CA LEU C 120 -13.36 -0.56 -47.96
C LEU C 120 -14.07 -1.26 -46.82
N GLU C 121 -15.05 -0.61 -46.20
CA GLU C 121 -15.77 -1.22 -45.11
C GLU C 121 -16.91 -2.14 -45.56
N ASN C 122 -17.14 -2.24 -46.87
CA ASN C 122 -18.13 -3.16 -47.40
C ASN C 122 -17.56 -4.18 -48.38
N VAL C 123 -16.30 -4.04 -48.78
CA VAL C 123 -15.63 -5.12 -49.49
C VAL C 123 -15.31 -6.27 -48.53
N VAL C 124 -14.87 -5.97 -47.32
CA VAL C 124 -14.58 -7.01 -46.33
C VAL C 124 -15.85 -7.28 -45.52
N GLY C 125 -16.26 -8.54 -45.47
CA GLY C 125 -17.42 -8.93 -44.70
C GLY C 125 -17.08 -9.52 -43.35
N ASP C 126 -16.19 -8.84 -42.62
CA ASP C 126 -15.69 -9.24 -41.31
C ASP C 126 -15.13 -10.66 -41.34
N LYS C 127 -14.28 -10.91 -42.32
CA LYS C 127 -13.60 -12.20 -42.45
C LYS C 127 -12.26 -12.12 -41.74
N VAL C 128 -12.05 -13.02 -40.77
CA VAL C 128 -10.78 -13.07 -40.05
C VAL C 128 -9.66 -13.46 -41.02
N PHE C 129 -8.48 -12.90 -40.81
CA PHE C 129 -7.32 -13.14 -41.67
C PHE C 129 -6.21 -13.76 -40.86
N GLY C 130 -5.43 -14.62 -41.51
CA GLY C 130 -4.34 -15.30 -40.82
C GLY C 130 -3.24 -14.37 -40.38
N SER C 131 -2.84 -13.44 -41.24
CA SER C 131 -1.71 -12.57 -40.95
C SER C 131 -2.03 -11.15 -41.40
N PHE C 132 -1.24 -10.20 -40.86
CA PHE C 132 -1.37 -8.80 -41.28
C PHE C 132 -0.98 -8.67 -42.75
N ALA C 133 -0.02 -9.48 -43.20
CA ALA C 133 0.47 -9.41 -44.57
C ALA C 133 -0.62 -9.75 -45.58
N GLU C 134 -1.37 -10.82 -45.32
CA GLU C 134 -2.43 -11.23 -46.24
C GLU C 134 -3.57 -10.23 -46.25
N ASN C 135 -3.90 -9.67 -45.08
CA ASN C 135 -4.97 -8.68 -45.00
C ASN C 135 -4.60 -7.41 -45.75
N LEU C 136 -3.36 -6.94 -45.57
CA LEU C 136 -2.90 -5.74 -46.27
C LEU C 136 -2.81 -5.98 -47.77
N SER C 137 -2.39 -7.19 -48.16
CA SER C 137 -2.33 -7.54 -49.58
C SER C 137 -3.72 -7.59 -50.20
N PHE C 138 -4.72 -8.07 -49.45
CA PHE C 138 -6.07 -8.14 -50.01
C PHE C 138 -6.67 -6.74 -50.13
N LEU C 139 -6.43 -5.88 -49.13
CA LEU C 139 -6.91 -4.50 -49.20
C LEU C 139 -6.28 -3.75 -50.35
N LEU C 140 -4.98 -3.91 -50.57
CA LEU C 140 -4.33 -3.28 -51.71
C LEU C 140 -4.79 -3.89 -53.02
N GLU C 141 -5.22 -5.16 -52.99
CA GLU C 141 -5.70 -5.82 -54.20
C GLU C 141 -7.03 -5.25 -54.69
N ALA C 142 -7.98 -5.04 -53.78
CA ALA C 142 -9.33 -4.71 -54.20
C ALA C 142 -9.50 -3.25 -54.61
N CYS C 152 -4.77 1.57 -59.53
CA CYS C 152 -5.00 2.62 -58.54
C CYS C 152 -3.83 2.76 -57.58
N PRO C 153 -2.95 3.73 -57.83
CA PRO C 153 -1.81 3.95 -56.94
C PRO C 153 -2.27 4.51 -55.60
N VAL C 154 -1.54 4.18 -54.55
CA VAL C 154 -1.89 4.56 -53.18
C VAL C 154 -0.70 5.30 -52.59
N ILE C 155 -0.95 6.49 -52.03
CA ILE C 155 0.09 7.28 -51.38
C ILE C 155 -0.11 7.21 -49.87
N PHE C 156 0.93 6.78 -49.16
CA PHE C 156 0.93 6.76 -47.71
C PHE C 156 1.70 7.95 -47.17
N ILE C 157 1.27 8.47 -46.04
CA ILE C 157 2.00 9.52 -45.33
C ILE C 157 2.08 9.13 -43.87
N LEU C 158 3.24 8.64 -43.44
CA LEU C 158 3.39 8.09 -42.09
C LEU C 158 3.97 9.17 -41.18
N ASP C 159 3.12 10.09 -40.76
CA ASP C 159 3.53 11.12 -39.83
C ASP C 159 3.81 10.51 -38.46
N GLU C 160 4.70 11.17 -37.71
CA GLU C 160 5.33 10.64 -36.49
C GLU C 160 5.89 9.24 -36.72
N PHE C 161 6.82 9.16 -37.68
CA PHE C 161 7.39 7.90 -38.09
C PHE C 161 8.18 7.23 -36.98
N ASP C 162 8.85 8.02 -36.14
CA ASP C 162 9.70 7.48 -35.09
C ASP C 162 8.91 6.84 -33.96
N LEU C 163 7.61 7.06 -33.88
CA LEU C 163 6.76 6.31 -32.97
C LEU C 163 6.37 4.96 -33.51
N PHE C 164 6.34 4.81 -34.84
CA PHE C 164 6.06 3.51 -35.45
C PHE C 164 7.18 2.51 -35.23
N ALA C 165 8.39 3.00 -34.94
CA ALA C 165 9.49 2.09 -34.65
C ALA C 165 9.30 1.37 -33.31
N HIS C 166 8.59 1.97 -32.36
CA HIS C 166 8.44 1.38 -31.03
C HIS C 166 7.42 0.25 -30.95
N HIS C 167 6.87 -0.22 -32.08
CA HIS C 167 6.00 -1.38 -32.07
C HIS C 167 6.76 -2.62 -31.64
N LYS C 168 6.04 -3.59 -31.06
CA LYS C 168 6.68 -4.78 -30.49
C LYS C 168 7.35 -5.60 -31.58
N ASN C 169 6.64 -5.90 -32.65
CA ASN C 169 7.24 -6.44 -33.85
C ASN C 169 6.80 -5.54 -34.99
N GLN C 170 7.76 -4.97 -35.71
CA GLN C 170 7.51 -3.79 -36.55
C GLN C 170 6.86 -4.21 -37.87
N THR C 171 5.63 -4.68 -37.75
CA THR C 171 4.93 -5.31 -38.85
C THR C 171 4.49 -4.28 -39.89
N LEU C 172 4.09 -3.10 -39.43
CA LEU C 172 3.56 -2.08 -40.34
C LEU C 172 4.62 -1.59 -41.31
N LEU C 173 5.83 -1.31 -40.81
CA LEU C 173 6.91 -0.84 -41.66
C LEU C 173 7.45 -1.96 -42.54
N TYR C 174 7.52 -3.18 -42.01
CA TYR C 174 8.02 -4.32 -42.77
C TYR C 174 7.10 -4.59 -43.94
N ASN C 175 5.79 -4.62 -43.70
CA ASN C 175 4.85 -4.92 -44.76
C ASN C 175 4.75 -3.79 -45.78
N LEU C 176 4.79 -2.53 -45.34
CA LEU C 176 4.72 -1.42 -46.28
C LEU C 176 5.97 -1.35 -47.16
N PHE C 177 7.15 -1.50 -46.55
CA PHE C 177 8.40 -1.49 -47.30
C PHE C 177 8.52 -2.70 -48.20
N ASP C 178 8.09 -3.88 -47.72
CA ASP C 178 8.13 -5.11 -48.50
C ASP C 178 7.21 -5.03 -49.71
N ILE C 179 6.02 -4.45 -49.55
CA ILE C 179 5.13 -4.27 -50.69
C ILE C 179 5.69 -3.22 -51.64
N SER C 180 6.41 -2.22 -51.12
CA SER C 180 7.03 -1.22 -51.99
C SER C 180 8.22 -1.78 -52.78
N GLN C 181 8.70 -3.00 -52.47
CA GLN C 181 9.68 -3.68 -53.32
C GLN C 181 8.99 -4.39 -54.48
N SER C 182 8.36 -3.57 -55.34
CA SER C 182 7.83 -3.95 -56.66
C SER C 182 6.87 -5.13 -56.60
N ALA C 183 5.80 -4.97 -55.82
CA ALA C 183 4.73 -5.94 -55.75
C ALA C 183 3.62 -5.66 -56.77
N GLN C 184 3.94 -4.88 -57.81
CA GLN C 184 3.04 -4.49 -58.90
C GLN C 184 1.84 -3.68 -58.38
N THR C 185 2.09 -2.93 -57.29
CA THR C 185 1.14 -1.93 -56.78
C THR C 185 1.96 -0.68 -56.51
N PRO C 186 1.75 0.39 -57.28
CA PRO C 186 2.51 1.62 -57.05
C PRO C 186 2.18 2.29 -55.72
N ILE C 187 3.13 2.28 -54.79
CA ILE C 187 2.93 2.78 -53.43
C ILE C 187 4.12 3.64 -53.03
N ALA C 188 3.86 4.84 -52.51
CA ALA C 188 4.89 5.73 -52.01
C ALA C 188 4.72 5.89 -50.51
N VAL C 189 5.74 5.50 -49.76
CA VAL C 189 5.71 5.55 -48.30
C VAL C 189 6.57 6.72 -47.84
N ILE C 190 5.93 7.80 -47.39
CA ILE C 190 6.61 9.03 -47.04
C ILE C 190 6.66 9.13 -45.51
N GLY C 191 7.83 8.96 -44.93
CA GLY C 191 7.99 9.11 -43.49
C GLY C 191 8.41 10.51 -43.11
N LEU C 192 7.82 11.02 -42.05
CA LEU C 192 8.14 12.34 -41.51
C LEU C 192 8.60 12.13 -40.08
N THR C 193 9.88 12.41 -39.80
CA THR C 193 10.39 12.19 -38.45
C THR C 193 11.17 13.40 -37.96
N CYS C 194 11.18 13.56 -36.63
CA CYS C 194 11.92 14.63 -35.98
C CYS C 194 13.30 14.18 -35.53
N ARG C 195 13.45 12.90 -35.20
CA ARG C 195 14.72 12.37 -34.72
C ARG C 195 15.75 12.36 -35.83
N LEU C 196 16.96 12.79 -35.50
CA LEU C 196 18.05 12.87 -36.46
C LEU C 196 18.86 11.59 -36.53
N ASP C 197 18.47 10.57 -35.78
CA ASP C 197 19.07 9.25 -35.79
C ASP C 197 18.01 8.18 -35.96
N ILE C 198 17.04 8.45 -36.84
CA ILE C 198 15.93 7.52 -37.07
C ILE C 198 16.42 6.24 -37.71
N LEU C 199 17.52 6.29 -38.46
CA LEU C 199 17.98 5.12 -39.17
C LEU C 199 18.60 4.10 -38.21
N GLU C 200 19.13 4.55 -37.07
CA GLU C 200 19.70 3.65 -36.09
C GLU C 200 18.67 3.02 -35.15
N LEU C 201 17.39 3.37 -35.29
CA LEU C 201 16.35 2.72 -34.48
C LEU C 201 15.69 1.55 -35.17
N LEU C 202 15.67 1.55 -36.51
CA LEU C 202 15.05 0.49 -37.26
C LEU C 202 15.81 -0.81 -37.09
N GLU C 203 15.05 -1.91 -36.99
CA GLU C 203 15.67 -3.23 -36.92
C GLU C 203 16.15 -3.65 -38.29
N LYS C 204 17.07 -4.63 -38.32
CA LYS C 204 17.80 -5.05 -39.51
C LYS C 204 16.92 -5.34 -40.74
N ARG C 205 15.83 -6.09 -40.55
CA ARG C 205 14.86 -6.38 -41.60
C ARG C 205 14.32 -5.16 -42.33
N VAL C 206 13.67 -4.25 -41.59
CA VAL C 206 13.01 -3.10 -42.21
C VAL C 206 14.04 -2.13 -42.76
N LYS C 207 15.20 -2.04 -42.11
CA LYS C 207 16.31 -1.24 -42.62
C LYS C 207 16.81 -1.79 -43.95
N SER C 208 16.88 -3.11 -44.08
CA SER C 208 17.36 -3.72 -45.31
C SER C 208 16.34 -3.57 -46.44
N ARG C 209 15.05 -3.65 -46.11
CA ARG C 209 14.02 -3.43 -47.12
C ARG C 209 13.94 -1.96 -47.54
N PHE C 210 14.42 -1.06 -46.69
CA PHE C 210 14.29 0.37 -46.92
C PHE C 210 15.12 0.83 -48.11
N SER C 211 14.49 1.58 -49.01
CA SER C 211 15.22 2.25 -50.08
C SER C 211 15.85 3.53 -49.55
N HIS C 212 17.17 3.62 -49.61
CA HIS C 212 17.92 4.61 -48.84
C HIS C 212 17.89 5.98 -49.55
N ARG C 213 16.74 6.64 -49.44
CA ARG C 213 16.57 7.98 -49.97
C ARG C 213 15.96 8.87 -48.90
N GLN C 214 16.64 9.97 -48.57
CA GLN C 214 16.24 10.86 -47.48
C GLN C 214 16.30 12.31 -47.92
N ILE C 215 15.42 13.12 -47.36
CA ILE C 215 15.31 14.55 -47.64
C ILE C 215 15.47 15.29 -46.31
N HIS C 216 16.58 15.99 -46.13
CA HIS C 216 16.74 16.79 -44.92
C HIS C 216 16.10 18.16 -45.08
N LEU C 217 15.66 18.72 -43.95
CA LEU C 217 15.02 20.04 -43.90
C LEU C 217 15.62 20.86 -42.75
N MET C 218 16.94 20.96 -42.71
CA MET C 218 17.57 21.84 -41.74
C MET C 218 17.24 23.29 -42.06
N ASN C 219 16.76 24.01 -41.05
CA ASN C 219 16.31 25.39 -41.23
C ASN C 219 17.52 26.32 -41.23
N SER C 220 18.21 26.32 -42.37
CA SER C 220 19.46 27.06 -42.53
C SER C 220 19.18 28.33 -43.32
N PHE C 221 19.19 29.47 -42.63
CA PHE C 221 19.20 30.77 -43.26
C PHE C 221 19.78 31.80 -42.31
N GLY C 222 20.54 32.74 -42.87
CA GLY C 222 21.16 33.77 -42.06
C GLY C 222 20.16 34.81 -41.62
N PHE C 223 20.66 35.73 -40.77
CA PHE C 223 19.79 36.75 -40.17
C PHE C 223 19.09 37.69 -41.15
N PRO C 224 19.71 38.22 -42.24
CA PRO C 224 18.90 39.03 -43.18
C PRO C 224 17.76 38.28 -43.84
N GLN C 225 17.93 36.99 -44.11
CA GLN C 225 16.81 36.21 -44.65
C GLN C 225 15.71 36.04 -43.60
N TYR C 226 16.10 35.95 -42.32
CA TYR C 226 15.12 35.86 -41.25
C TYR C 226 14.33 37.16 -41.11
N VAL C 227 15.01 38.30 -41.30
CA VAL C 227 14.33 39.59 -41.28
C VAL C 227 13.40 39.75 -42.48
N LYS C 228 13.81 39.21 -43.63
CA LYS C 228 12.93 39.25 -44.81
C LYS C 228 11.70 38.37 -44.61
N ILE C 229 11.86 37.23 -43.94
CA ILE C 229 10.72 36.38 -43.58
C ILE C 229 9.79 37.12 -42.62
N PHE C 230 10.35 37.81 -41.63
CA PHE C 230 9.54 38.60 -40.70
C PHE C 230 8.74 39.67 -41.40
N LYS C 231 9.37 40.41 -42.32
CA LYS C 231 8.65 41.46 -43.01
C LYS C 231 7.70 40.91 -44.08
N GLU C 232 7.84 39.64 -44.47
CA GLU C 232 6.90 39.15 -45.47
C GLU C 232 5.67 38.50 -44.83
N GLN C 233 5.84 37.85 -43.67
CA GLN C 233 4.69 37.18 -43.04
C GLN C 233 3.65 38.18 -42.55
N LEU C 234 4.09 39.31 -41.99
CA LEU C 234 3.14 40.33 -41.55
C LEU C 234 2.43 41.01 -42.71
N SER C 235 3.02 40.97 -43.91
CA SER C 235 2.38 41.57 -45.08
C SER C 235 1.12 40.82 -45.46
N LEU C 236 0.09 41.56 -45.83
CA LEU C 236 -1.16 40.97 -46.27
C LEU C 236 -1.04 40.45 -47.71
N PRO C 237 -1.90 39.52 -48.11
CA PRO C 237 -1.96 39.16 -49.53
C PRO C 237 -2.50 40.30 -50.39
N ALA C 238 -2.27 40.18 -51.69
CA ALA C 238 -2.72 41.20 -52.64
C ALA C 238 -4.24 41.29 -52.68
N GLU C 239 -4.94 40.17 -52.48
CA GLU C 239 -6.39 40.16 -52.48
C GLU C 239 -6.90 40.54 -51.10
N PHE C 240 -7.64 41.65 -51.03
CA PHE C 240 -8.21 42.25 -49.84
C PHE C 240 -9.30 43.15 -50.39
N PRO C 241 -10.51 43.14 -49.81
CA PRO C 241 -11.54 44.07 -50.31
C PRO C 241 -11.22 45.56 -50.22
N ASP C 242 -10.40 46.01 -49.28
CA ASP C 242 -10.00 47.42 -49.25
C ASP C 242 -8.49 47.54 -49.41
N LYS C 243 -8.05 48.21 -50.47
CA LYS C 243 -6.63 48.23 -50.82
C LYS C 243 -5.85 49.38 -50.20
N VAL C 244 -6.50 50.51 -49.91
CA VAL C 244 -5.78 51.67 -49.42
C VAL C 244 -5.32 51.46 -47.98
N PHE C 245 -6.08 50.68 -47.21
CA PHE C 245 -5.61 50.29 -45.88
C PHE C 245 -4.49 49.28 -46.00
N ALA C 246 -4.55 48.42 -47.02
CA ALA C 246 -3.55 47.37 -47.21
C ALA C 246 -2.19 47.96 -47.55
N GLU C 247 -2.14 48.96 -48.44
CA GLU C 247 -0.83 49.50 -48.82
C GLU C 247 -0.21 50.31 -47.69
N LYS C 248 -1.05 50.97 -46.87
CA LYS C 248 -0.55 51.65 -45.68
C LYS C 248 0.00 50.66 -44.67
N TRP C 249 -0.68 49.52 -44.48
CA TRP C 249 -0.19 48.53 -43.52
C TRP C 249 1.11 47.91 -44.01
N ASN C 250 1.21 47.65 -45.31
CA ASN C 250 2.44 47.07 -45.85
C ASN C 250 3.61 48.06 -45.77
N GLU C 251 3.32 49.35 -45.96
CA GLU C 251 4.36 50.37 -45.77
C GLU C 251 4.77 50.46 -44.31
N ASN C 252 3.82 50.26 -43.38
CA ASN C 252 4.14 50.23 -41.96
C ASN C 252 5.04 49.04 -41.62
N VAL C 253 4.75 47.88 -42.22
CA VAL C 253 5.58 46.69 -42.01
C VAL C 253 6.98 46.90 -42.55
N GLN C 254 7.08 47.56 -43.72
CA GLN C 254 8.36 47.93 -44.30
C GLN C 254 9.14 48.87 -43.39
N TYR C 255 8.45 49.80 -42.74
CA TYR C 255 9.08 50.65 -41.74
C TYR C 255 9.56 49.87 -40.52
N LEU C 256 8.75 48.92 -40.03
CA LEU C 256 9.12 48.17 -38.83
C LEU C 256 10.31 47.25 -39.07
N SER C 257 10.44 46.72 -40.29
CA SER C 257 11.55 45.83 -40.59
C SER C 257 12.89 46.54 -40.51
N GLU C 258 12.92 47.81 -40.91
CA GLU C 258 14.16 48.58 -41.01
C GLU C 258 14.34 49.49 -39.79
N ASP C 259 14.20 48.89 -38.60
CA ASP C 259 14.29 49.69 -37.34
C ASP C 259 15.19 48.95 -36.34
N ARG C 260 16.05 49.68 -35.61
CA ARG C 260 17.04 49.06 -34.70
C ARG C 260 16.41 48.24 -33.57
N SER C 261 15.50 48.83 -32.78
CA SER C 261 14.99 48.08 -31.61
C SER C 261 14.22 46.83 -32.05
N VAL C 262 13.48 46.90 -33.17
CA VAL C 262 12.82 45.66 -33.68
C VAL C 262 13.91 44.66 -34.03
N GLN C 263 14.99 45.11 -34.69
CA GLN C 263 16.08 44.22 -35.04
C GLN C 263 16.80 43.66 -33.81
N GLU C 264 16.80 44.39 -32.69
CA GLU C 264 17.37 43.82 -31.47
C GLU C 264 16.50 42.68 -30.94
N VAL C 265 15.18 42.84 -31.01
CA VAL C 265 14.25 41.79 -30.58
C VAL C 265 14.38 40.55 -31.47
N LEU C 266 14.48 40.77 -32.78
CA LEU C 266 14.62 39.64 -33.69
C LEU C 266 15.98 38.97 -33.59
N GLN C 267 17.03 39.74 -33.29
CA GLN C 267 18.34 39.15 -33.07
C GLN C 267 18.37 38.36 -31.76
N LYS C 268 17.60 38.79 -30.77
CA LYS C 268 17.51 38.04 -29.52
C LYS C 268 16.72 36.75 -29.69
N HIS C 269 15.65 36.78 -30.50
CA HIS C 269 14.89 35.55 -30.77
C HIS C 269 15.56 34.65 -31.80
N PHE C 270 16.47 35.16 -32.61
CA PHE C 270 17.12 34.34 -33.63
C PHE C 270 18.16 33.41 -33.03
N ASN C 271 18.81 33.84 -31.95
CA ASN C 271 19.90 33.08 -31.35
C ASN C 271 19.44 31.82 -30.65
N ILE C 272 18.13 31.60 -30.51
CA ILE C 272 17.61 30.47 -29.76
C ILE C 272 17.02 29.43 -30.71
N SER C 273 16.03 29.84 -31.50
CA SER C 273 15.12 28.89 -32.16
C SER C 273 15.44 28.63 -33.62
N LYS C 274 15.46 29.69 -34.44
CA LYS C 274 15.63 29.76 -35.90
C LYS C 274 14.45 29.23 -36.69
N ASN C 275 13.42 28.68 -36.05
CA ASN C 275 12.28 28.09 -36.75
C ASN C 275 11.12 29.08 -36.78
N LEU C 276 10.26 28.95 -37.79
CA LEU C 276 9.22 29.96 -37.98
C LEU C 276 8.05 29.83 -37.01
N ARG C 277 7.96 28.76 -36.23
CA ARG C 277 6.85 28.62 -35.30
C ARG C 277 7.00 29.56 -34.10
N SER C 278 8.22 29.70 -33.58
CA SER C 278 8.45 30.62 -32.46
C SER C 278 8.30 32.07 -32.91
N LEU C 279 8.72 32.37 -34.13
CA LEU C 279 8.50 33.69 -34.71
C LEU C 279 7.01 33.95 -34.92
N HIS C 280 6.25 32.91 -35.28
CA HIS C 280 4.80 33.06 -35.42
C HIS C 280 4.14 33.36 -34.07
N MET C 281 4.61 32.72 -33.00
CA MET C 281 4.06 32.99 -31.67
C MET C 281 4.37 34.43 -31.23
N LEU C 282 5.61 34.89 -31.47
CA LEU C 282 5.97 36.28 -31.15
C LEU C 282 5.17 37.28 -31.97
N LEU C 283 4.97 37.01 -33.26
CA LEU C 283 4.20 37.88 -34.12
C LEU C 283 2.74 37.93 -33.70
N MET C 284 2.18 36.80 -33.27
CA MET C 284 0.81 36.81 -32.75
C MET C 284 0.67 37.64 -31.49
N LEU C 285 1.60 37.50 -30.55
CA LEU C 285 1.51 38.29 -29.31
C LEU C 285 1.70 39.78 -29.59
N ALA C 286 2.46 40.13 -30.62
CA ALA C 286 2.50 41.52 -31.04
C ALA C 286 1.19 41.94 -31.72
N LEU C 287 0.63 41.07 -32.57
CA LEU C 287 -0.56 41.37 -33.35
C LEU C 287 -1.79 41.57 -32.48
N ASN C 288 -1.84 40.84 -31.36
CA ASN C 288 -3.05 40.74 -30.54
C ASN C 288 -3.51 42.09 -30.01
N ARG C 289 -2.55 42.95 -29.67
CA ARG C 289 -2.83 44.25 -29.08
C ARG C 289 -2.82 45.39 -30.10
N VAL C 290 -3.58 45.24 -31.19
CA VAL C 290 -3.92 46.36 -32.06
C VAL C 290 -5.44 46.54 -31.97
N THR C 291 -5.85 47.62 -31.34
CA THR C 291 -7.26 47.87 -31.08
C THR C 291 -7.85 48.75 -32.18
N ALA C 292 -9.13 49.13 -32.01
CA ALA C 292 -9.72 50.10 -32.92
C ALA C 292 -9.14 51.48 -32.69
N SER C 293 -8.79 51.81 -31.44
CA SER C 293 -8.11 53.06 -31.16
C SER C 293 -6.68 53.05 -31.68
N HIS C 294 -6.05 51.87 -31.72
CA HIS C 294 -4.65 51.71 -32.10
C HIS C 294 -4.57 50.76 -33.29
N PRO C 295 -4.74 51.26 -34.52
CA PRO C 295 -4.84 50.38 -35.68
C PRO C 295 -3.52 50.06 -36.37
N PHE C 296 -2.38 50.51 -35.86
CA PHE C 296 -1.09 50.29 -36.49
C PHE C 296 -0.14 49.70 -35.46
N MET C 297 0.75 48.84 -35.90
CA MET C 297 1.73 48.25 -34.98
C MET C 297 2.85 49.24 -34.69
N THR C 298 3.47 49.07 -33.53
CA THR C 298 4.60 49.87 -33.12
C THR C 298 5.65 48.95 -32.51
N ALA C 299 6.86 49.49 -32.31
CA ALA C 299 7.95 48.70 -31.76
C ALA C 299 7.74 48.33 -30.30
N VAL C 300 6.95 49.12 -29.57
CA VAL C 300 6.65 48.83 -28.17
C VAL C 300 5.84 47.55 -28.05
N ASP C 301 4.96 47.30 -29.01
CA ASP C 301 4.19 46.05 -29.07
C ASP C 301 5.10 44.84 -29.21
N LEU C 302 6.08 44.92 -30.10
CA LEU C 302 7.02 43.82 -30.29
C LEU C 302 7.94 43.65 -29.09
N MET C 303 8.33 44.74 -28.43
CA MET C 303 9.16 44.62 -27.24
C MET C 303 8.40 43.96 -26.09
N GLU C 304 7.13 44.33 -25.89
CA GLU C 304 6.40 43.71 -24.79
C GLU C 304 5.98 42.27 -25.12
N ALA C 305 5.76 41.97 -26.41
CA ALA C 305 5.53 40.58 -26.79
C ALA C 305 6.78 39.73 -26.58
N SER C 306 7.96 40.30 -26.85
CA SER C 306 9.20 39.60 -26.56
C SER C 306 9.40 39.41 -25.07
N GLN C 307 8.96 40.37 -24.27
CA GLN C 307 9.03 40.19 -22.81
C GLN C 307 8.10 39.08 -22.35
N LEU C 308 6.92 38.96 -22.95
CA LEU C 308 6.02 37.85 -22.61
C LEU C 308 6.60 36.50 -23.03
N CYS C 309 7.27 36.44 -24.17
CA CYS C 309 7.81 35.15 -24.62
C CYS C 309 9.01 34.68 -23.78
N SER C 310 9.80 35.60 -23.25
CA SER C 310 11.12 35.26 -22.73
C SER C 310 11.19 35.14 -21.21
N MET C 311 10.06 35.02 -20.52
CA MET C 311 10.06 34.95 -19.06
C MET C 311 10.70 33.66 -18.56
N ASP C 312 11.41 33.76 -17.43
CA ASP C 312 12.06 32.62 -16.80
C ASP C 312 11.12 32.03 -15.76
N SER C 313 10.92 30.71 -15.82
CA SER C 313 9.87 30.08 -15.02
C SER C 313 10.27 29.95 -13.55
N LYS C 314 11.48 29.44 -13.29
CA LYS C 314 11.87 29.12 -11.92
C LYS C 314 12.11 30.36 -11.10
N ALA C 315 12.51 31.46 -11.74
CA ALA C 315 12.59 32.75 -11.06
C ALA C 315 11.22 33.23 -10.62
N ASN C 316 10.20 33.01 -11.44
CA ASN C 316 8.83 33.33 -11.04
C ASN C 316 8.36 32.47 -9.87
N ILE C 317 8.73 31.18 -9.88
CA ILE C 317 8.35 30.31 -8.78
C ILE C 317 9.01 30.74 -7.47
N VAL C 318 10.30 31.08 -7.51
CA VAL C 318 10.97 31.49 -6.27
C VAL C 318 10.51 32.89 -5.87
N HIS C 319 10.09 33.72 -6.84
CA HIS C 319 9.39 34.96 -6.55
C HIS C 319 8.14 34.74 -5.72
N GLY C 320 7.40 33.67 -6.00
CA GLY C 320 6.16 33.43 -5.28
C GLY C 320 6.33 33.04 -3.82
N LEU C 321 7.46 32.42 -3.48
CA LEU C 321 7.62 31.74 -2.19
C LEU C 321 7.66 32.72 -1.02
N SER C 322 7.14 32.29 0.13
CA SER C 322 7.15 33.10 1.34
C SER C 322 8.54 33.14 1.95
N VAL C 323 8.66 33.87 3.08
CA VAL C 323 9.98 34.15 3.66
C VAL C 323 10.57 32.89 4.28
N LEU C 324 9.73 32.09 4.95
CA LEU C 324 10.22 30.89 5.65
C LEU C 324 10.77 29.86 4.68
N GLU C 325 10.16 29.72 3.51
CA GLU C 325 10.65 28.78 2.52
C GLU C 325 11.90 29.31 1.82
N ILE C 326 12.05 30.64 1.71
CA ILE C 326 13.28 31.23 1.21
C ILE C 326 14.43 30.96 2.17
N CYS C 327 14.18 31.00 3.48
CA CYS C 327 15.23 30.64 4.43
C CYS C 327 15.62 29.17 4.34
N LEU C 328 14.67 28.29 4.02
CA LEU C 328 15.02 26.89 3.79
C LEU C 328 15.89 26.74 2.56
N ILE C 329 15.58 27.45 1.48
CA ILE C 329 16.37 27.35 0.25
C ILE C 329 17.78 27.88 0.45
N ILE C 330 17.93 28.94 1.25
CA ILE C 330 19.26 29.42 1.58
C ILE C 330 20.02 28.42 2.44
N ALA C 331 19.32 27.68 3.30
CA ALA C 331 20.00 26.63 4.06
C ALA C 331 20.41 25.45 3.19
N MET C 332 19.60 25.09 2.20
CA MET C 332 20.00 24.04 1.26
C MET C 332 21.19 24.45 0.42
N LYS C 333 21.25 25.71 0.00
CA LYS C 333 22.42 26.20 -0.74
C LYS C 333 23.67 26.18 0.13
N HIS C 334 23.53 26.50 1.41
CA HIS C 334 24.68 26.43 2.31
C HIS C 334 25.10 24.99 2.60
N LEU C 335 24.17 24.02 2.50
CA LEU C 335 24.58 22.62 2.62
C LEU C 335 25.31 22.14 1.37
N ASN C 336 24.82 22.56 0.19
CA ASN C 336 25.48 22.19 -1.06
C ASN C 336 26.85 22.83 -1.20
N ASP C 337 27.07 24.00 -0.59
CA ASP C 337 28.38 24.63 -0.66
C ASP C 337 29.36 24.09 0.39
N ILE C 338 29.01 23.04 1.12
CA ILE C 338 29.94 22.37 2.02
C ILE C 338 30.07 20.91 1.61
N TYR C 339 28.95 20.19 1.54
CA TYR C 339 29.01 18.77 1.25
C TYR C 339 29.24 18.46 -0.21
N GLU C 340 29.06 19.45 -1.10
CA GLU C 340 29.30 19.36 -2.53
C GLU C 340 28.46 18.26 -3.18
N GLU C 341 27.15 18.53 -3.18
CA GLU C 341 26.13 17.73 -3.86
C GLU C 341 26.00 16.31 -3.29
N GLU C 342 26.35 16.12 -2.03
CA GLU C 342 25.77 14.94 -1.41
C GLU C 342 24.34 15.25 -0.97
N PRO C 343 23.42 14.30 -1.12
CA PRO C 343 22.01 14.57 -0.81
C PRO C 343 21.77 14.84 0.67
N PHE C 344 20.61 15.41 0.95
CA PHE C 344 20.23 15.88 2.27
C PHE C 344 18.85 15.38 2.67
N ASN C 345 18.53 15.54 3.95
CA ASN C 345 17.22 15.28 4.50
C ASN C 345 16.74 16.51 5.26
N PHE C 346 15.57 16.39 5.89
CA PHE C 346 14.98 17.53 6.60
C PHE C 346 15.79 17.89 7.84
N GLN C 347 16.41 16.91 8.49
CA GLN C 347 17.12 17.18 9.75
C GLN C 347 18.36 18.04 9.55
N MET C 348 19.10 17.85 8.46
CA MET C 348 20.29 18.66 8.23
C MET C 348 19.92 20.08 7.84
N VAL C 349 18.88 20.24 7.02
CA VAL C 349 18.38 21.55 6.64
C VAL C 349 17.87 22.31 7.86
N TYR C 350 17.11 21.62 8.71
CA TYR C 350 16.57 22.25 9.92
C TYR C 350 17.69 22.57 10.91
N ASN C 351 18.73 21.74 10.96
CA ASN C 351 19.86 22.03 11.82
C ASN C 351 20.60 23.29 11.38
N GLU C 352 20.81 23.44 10.07
CA GLU C 352 21.46 24.64 9.56
C GLU C 352 20.60 25.88 9.79
N PHE C 353 19.30 25.75 9.58
CA PHE C 353 18.37 26.86 9.78
C PHE C 353 18.32 27.26 11.26
N GLN C 354 18.43 26.28 12.15
CA GLN C 354 18.50 26.57 13.59
C GLN C 354 19.83 27.18 13.98
N LYS C 355 20.91 26.87 13.24
CA LYS C 355 22.15 27.61 13.43
C LYS C 355 21.98 29.07 13.05
N PHE C 356 21.15 29.34 12.03
CA PHE C 356 20.89 30.73 11.68
C PHE C 356 20.03 31.46 12.72
N VAL C 357 18.90 30.86 13.13
CA VAL C 357 17.90 31.63 13.89
C VAL C 357 18.38 31.94 15.30
N GLN C 358 19.28 31.12 15.84
CA GLN C 358 19.95 31.45 17.08
C GLN C 358 21.11 32.38 16.72
N ARG C 359 21.14 33.56 17.35
CA ARG C 359 22.18 34.60 17.17
C ARG C 359 22.21 35.10 15.72
N SER C 363 15.47 35.43 16.65
CA SER C 363 14.42 35.53 17.66
C SER C 363 13.08 35.87 17.02
N VAL C 364 13.12 36.71 15.99
CA VAL C 364 11.92 36.99 15.22
C VAL C 364 11.55 35.77 14.38
N TYR C 365 12.55 35.11 13.79
CA TYR C 365 12.32 34.00 12.87
C TYR C 365 12.39 32.66 13.57
N ASN C 366 12.06 32.61 14.85
CA ASN C 366 12.11 31.38 15.60
C ASN C 366 10.79 30.64 15.45
N PHE C 367 10.85 29.41 14.92
CA PHE C 367 9.66 28.60 14.76
C PHE C 367 9.96 27.18 15.20
N GLU C 368 8.92 26.47 15.60
CA GLU C 368 9.05 25.08 15.99
C GLU C 368 9.09 24.20 14.75
N LYS C 369 9.47 22.94 14.96
CA LYS C 369 9.61 21.98 13.87
C LYS C 369 8.37 21.72 13.00
N PRO C 370 7.13 21.61 13.51
CA PRO C 370 6.01 21.35 12.57
C PRO C 370 5.70 22.47 11.59
N VAL C 371 5.92 23.73 11.95
CA VAL C 371 5.73 24.83 11.01
C VAL C 371 6.74 24.76 9.88
N VAL C 372 8.00 24.49 10.22
CA VAL C 372 9.06 24.34 9.22
C VAL C 372 8.80 23.11 8.35
N MET C 373 8.23 22.05 8.93
CA MET C 373 7.89 20.87 8.14
C MET C 373 6.74 21.15 7.17
N LYS C 374 5.75 21.93 7.59
CA LYS C 374 4.68 22.35 6.70
C LYS C 374 5.21 23.22 5.56
N ALA C 375 6.24 24.01 5.84
CA ALA C 375 6.87 24.78 4.78
C ALA C 375 7.68 23.89 3.84
N PHE C 376 8.35 22.87 4.40
CA PHE C 376 9.22 22.01 3.62
C PHE C 376 8.43 21.09 2.69
N GLU C 377 7.20 20.74 3.04
CA GLU C 377 6.41 19.90 2.15
C GLU C 377 6.00 20.66 0.88
N HIS C 378 5.69 21.95 1.02
CA HIS C 378 5.24 22.76 -0.10
C HIS C 378 6.33 22.98 -1.14
N LEU C 379 7.60 22.87 -0.77
CA LEU C 379 8.66 22.89 -1.75
C LEU C 379 8.68 21.61 -2.58
N GLN C 380 8.42 20.47 -1.96
CA GLN C 380 8.31 19.22 -2.70
C GLN C 380 7.09 19.22 -3.62
N GLN C 381 6.01 19.87 -3.19
CA GLN C 381 4.80 19.93 -4.01
C GLN C 381 5.02 20.73 -5.29
N LEU C 382 5.83 21.79 -5.22
CA LEU C 382 6.17 22.61 -6.37
C LEU C 382 7.24 22.01 -7.26
N GLU C 383 7.81 20.86 -6.85
CA GLU C 383 8.87 20.10 -7.52
C GLU C 383 10.22 20.79 -7.47
N LEU C 384 10.42 21.76 -6.56
CA LEU C 384 11.73 22.36 -6.43
C LEU C 384 12.71 21.39 -5.76
N ILE C 385 12.21 20.50 -4.91
CA ILE C 385 13.01 19.44 -4.32
C ILE C 385 12.43 18.10 -4.72
N LYS C 386 13.28 17.19 -5.17
CA LYS C 386 12.78 15.87 -5.56
C LYS C 386 13.48 14.78 -4.75
N PRO C 387 12.74 13.77 -4.30
CA PRO C 387 13.37 12.68 -3.55
C PRO C 387 14.13 11.75 -4.48
N MET C 388 15.25 11.25 -3.99
CA MET C 388 16.12 10.41 -4.80
C MET C 388 15.99 8.93 -4.45
N GLU C 389 14.79 8.49 -4.09
CA GLU C 389 14.62 7.10 -3.70
C GLU C 389 13.50 6.45 -4.50
N ARG C 390 12.47 7.23 -4.83
CA ARG C 390 11.21 6.74 -5.42
C ARG C 390 10.61 5.65 -4.54
N THR C 391 10.11 6.10 -3.38
CA THR C 391 9.69 5.17 -2.32
C THR C 391 8.39 4.47 -2.68
N SER C 392 8.37 3.15 -2.47
CA SER C 392 7.13 2.42 -2.59
C SER C 392 6.22 2.65 -1.37
N GLY C 393 6.82 2.74 -0.19
CA GLY C 393 6.04 2.94 1.03
C GLY C 393 6.26 4.32 1.61
N ASN C 394 6.67 4.40 2.87
CA ASN C 394 6.99 5.69 3.48
C ASN C 394 8.24 5.52 4.33
N SER C 395 9.04 6.58 4.36
CA SER C 395 10.30 6.61 5.10
C SER C 395 10.35 7.74 6.11
N GLN C 396 9.29 7.91 6.91
CA GLN C 396 9.11 8.78 8.09
C GLN C 396 8.92 10.25 7.77
N ARG C 397 8.95 10.66 6.50
CA ARG C 397 8.72 12.00 5.95
C ARG C 397 9.82 13.00 6.30
N GLU C 398 10.60 12.72 7.34
CA GLU C 398 11.95 13.19 7.58
C GLU C 398 12.89 12.01 7.37
N TYR C 399 14.21 12.28 7.44
CA TYR C 399 15.25 11.29 7.10
C TYR C 399 15.08 10.72 5.69
N GLN C 400 14.66 11.54 4.74
CA GLN C 400 14.44 11.10 3.37
C GLN C 400 15.40 11.85 2.47
N LEU C 401 16.18 11.12 1.67
CA LEU C 401 17.25 11.74 0.90
C LEU C 401 16.67 12.46 -0.32
N MET C 402 17.06 13.72 -0.49
CA MET C 402 16.42 14.60 -1.45
C MET C 402 17.47 15.39 -2.23
N LYS C 403 17.03 16.04 -3.31
CA LYS C 403 17.89 16.83 -4.17
C LYS C 403 17.22 18.15 -4.54
N LEU C 404 17.96 19.24 -4.39
CA LEU C 404 17.54 20.53 -4.93
C LEU C 404 17.68 20.53 -6.44
N LEU C 405 16.75 21.20 -7.13
CA LEU C 405 16.78 21.31 -8.58
C LEU C 405 17.04 22.73 -9.07
N LEU C 406 17.79 23.53 -8.33
CA LEU C 406 18.23 24.84 -8.79
C LEU C 406 19.76 24.93 -8.73
N ASP C 407 20.33 25.67 -9.67
CA ASP C 407 21.75 26.02 -9.58
C ASP C 407 21.95 27.16 -8.59
N ASN C 408 23.20 27.40 -8.22
CA ASN C 408 23.51 28.47 -7.28
C ASN C 408 23.20 29.84 -7.88
N THR C 409 23.51 30.04 -9.15
CA THR C 409 23.28 31.33 -9.78
C THR C 409 21.78 31.61 -9.96
N GLN C 410 20.97 30.57 -10.11
CA GLN C 410 19.53 30.74 -10.18
C GLN C 410 18.98 31.23 -8.86
N ILE C 411 19.51 30.71 -7.75
CA ILE C 411 19.10 31.14 -6.43
C ILE C 411 19.53 32.59 -6.18
N MET C 412 20.75 32.95 -6.61
CA MET C 412 21.22 34.31 -6.37
C MET C 412 20.45 35.34 -7.19
N ASN C 413 20.13 35.01 -8.44
CA ASN C 413 19.30 35.88 -9.27
C ASN C 413 17.89 36.02 -8.69
N ALA C 414 17.32 34.91 -8.24
CA ALA C 414 15.96 34.92 -7.70
C ALA C 414 15.86 35.72 -6.41
N LEU C 415 16.87 35.62 -5.54
CA LEU C 415 16.93 36.51 -4.37
C LEU C 415 17.15 37.97 -4.77
N GLN C 416 17.85 38.21 -5.88
CA GLN C 416 17.99 39.58 -6.35
C GLN C 416 16.66 40.19 -6.78
N LYS C 417 15.80 39.40 -7.43
CA LYS C 417 14.50 39.91 -7.85
C LYS C 417 13.38 39.72 -6.84
N TYR C 418 13.67 39.23 -5.64
CA TYR C 418 12.63 39.04 -4.63
C TYR C 418 12.11 40.41 -4.17
N PRO C 419 10.80 40.52 -3.88
CA PRO C 419 10.21 41.85 -3.61
C PRO C 419 10.79 42.59 -2.42
N ASN C 420 10.63 42.05 -1.21
CA ASN C 420 11.21 42.68 -0.04
C ASN C 420 11.84 41.59 0.80
N CYS C 421 13.09 41.26 0.48
CA CYS C 421 13.82 40.31 1.29
C CYS C 421 14.28 41.02 2.57
N PRO C 422 14.06 40.41 3.73
CA PRO C 422 14.55 41.02 4.98
C PRO C 422 16.06 41.07 5.01
N THR C 423 16.60 42.10 5.68
CA THR C 423 18.02 42.43 5.54
C THR C 423 18.93 41.35 6.13
N ASP C 424 18.51 40.71 7.23
CA ASP C 424 19.37 39.72 7.88
C ASP C 424 19.42 38.44 7.05
N VAL C 425 18.30 38.07 6.44
CA VAL C 425 18.25 36.89 5.57
C VAL C 425 19.12 37.08 4.35
N ARG C 426 19.09 38.28 3.75
CA ARG C 426 19.96 38.57 2.62
C ARG C 426 21.44 38.57 3.02
N GLN C 427 21.75 39.10 4.20
CA GLN C 427 23.13 39.07 4.68
C GLN C 427 23.62 37.65 4.95
N TRP C 428 22.72 36.79 5.42
CA TRP C 428 23.07 35.38 5.64
C TRP C 428 23.34 34.69 4.30
N ALA C 429 22.48 34.93 3.31
CA ALA C 429 22.63 34.29 2.01
C ALA C 429 23.87 34.76 1.27
N THR C 430 24.20 36.05 1.37
CA THR C 430 25.35 36.57 0.65
C THR C 430 26.67 36.06 1.22
N SER C 431 26.82 36.08 2.53
CA SER C 431 28.08 35.67 3.17
C SER C 431 28.26 34.16 3.14
N ASN D 6 -19.69 36.90 -7.98
CA ASN D 6 -18.36 36.46 -8.47
C ASN D 6 -17.56 37.68 -8.94
N VAL D 7 -16.59 38.13 -8.14
CA VAL D 7 -15.81 39.34 -8.51
C VAL D 7 -14.34 38.95 -8.73
N VAL D 8 -13.68 39.61 -9.68
CA VAL D 8 -12.24 39.32 -9.95
C VAL D 8 -11.43 40.56 -9.60
N LEU D 9 -10.67 40.51 -8.49
CA LEU D 9 -9.91 41.65 -8.03
C LEU D 9 -8.42 41.37 -8.17
N CYS D 10 -7.66 42.42 -8.50
CA CYS D 10 -6.20 42.42 -8.69
C CYS D 10 -5.74 41.57 -9.87
N ARG D 11 -6.62 41.25 -10.81
CA ARG D 11 -6.30 40.42 -11.96
C ARG D 11 -6.71 41.08 -13.26
N GLU D 12 -6.53 42.39 -13.38
CA GLU D 12 -6.98 43.10 -14.59
C GLU D 12 -6.15 42.71 -15.80
N SER D 13 -4.83 42.63 -15.65
CA SER D 13 -3.95 42.40 -16.79
C SER D 13 -4.12 41.00 -17.36
N GLN D 14 -4.25 39.99 -16.50
CA GLN D 14 -4.43 38.62 -16.95
C GLN D 14 -5.75 38.45 -17.69
N VAL D 15 -6.82 39.07 -17.19
CA VAL D 15 -8.13 39.02 -17.84
C VAL D 15 -8.07 39.75 -19.19
N SER D 16 -7.30 40.84 -19.27
CA SER D 16 -7.16 41.56 -20.55
C SER D 16 -6.45 40.71 -21.59
N ILE D 17 -5.34 40.05 -21.20
CA ILE D 17 -4.60 39.19 -22.12
C ILE D 17 -5.46 38.02 -22.58
N LEU D 18 -6.16 37.36 -21.64
CA LEU D 18 -6.97 36.19 -22.01
C LEU D 18 -8.15 36.57 -22.90
N GLN D 19 -8.83 37.68 -22.59
CA GLN D 19 -9.97 38.10 -23.40
C GLN D 19 -9.52 38.53 -24.79
N SER D 20 -8.36 39.17 -24.91
CA SER D 20 -7.85 39.53 -26.22
C SER D 20 -7.41 38.30 -27.02
N LEU D 21 -6.80 37.31 -26.35
CA LEU D 21 -6.39 36.09 -27.06
C LEU D 21 -7.58 35.29 -27.56
N PHE D 22 -8.69 35.30 -26.81
CA PHE D 22 -9.88 34.59 -27.26
C PHE D 22 -10.44 35.20 -28.54
N GLY D 23 -10.40 36.52 -28.65
CA GLY D 23 -10.80 37.22 -29.87
C GLY D 23 -12.30 37.24 -30.06
N GLU D 24 -12.71 37.46 -31.30
CA GLU D 24 -14.10 37.28 -31.66
C GLU D 24 -14.42 35.79 -31.77
N ARG D 25 -15.72 35.50 -31.89
CA ARG D 25 -16.17 34.13 -31.77
C ARG D 25 -15.76 33.28 -32.97
N HIS D 26 -15.93 33.80 -34.18
CA HIS D 26 -15.66 32.99 -35.37
C HIS D 26 -14.17 32.93 -35.71
N HIS D 27 -13.35 33.81 -35.12
CA HIS D 27 -11.91 33.79 -35.35
C HIS D 27 -11.28 32.58 -34.66
N PHE D 28 -10.09 32.21 -35.15
CA PHE D 28 -9.32 31.16 -34.49
C PHE D 28 -8.52 31.73 -33.32
N SER D 29 -7.87 30.83 -32.58
CA SER D 29 -7.09 31.18 -31.40
C SER D 29 -5.96 30.17 -31.29
N PHE D 30 -5.13 30.35 -30.25
CA PHE D 30 -3.98 29.49 -30.01
C PHE D 30 -4.41 28.03 -29.85
N PRO D 31 -3.64 27.07 -30.38
CA PRO D 31 -4.00 25.66 -30.21
C PRO D 31 -4.02 25.19 -28.77
N SER D 32 -3.15 25.74 -27.92
CA SER D 32 -3.13 25.43 -26.50
C SER D 32 -2.46 26.54 -25.71
N ILE D 33 -2.96 26.78 -24.50
CA ILE D 33 -2.43 27.77 -23.57
C ILE D 33 -2.09 27.03 -22.29
N PHE D 34 -1.00 27.40 -21.63
CA PHE D 34 -0.54 26.71 -20.44
C PHE D 34 -0.44 27.72 -19.29
N ILE D 35 -1.52 27.85 -18.52
CA ILE D 35 -1.54 28.73 -17.35
C ILE D 35 -0.90 28.01 -16.16
N TYR D 36 0.08 28.67 -15.53
CA TYR D 36 0.70 28.11 -14.34
C TYR D 36 0.81 29.18 -13.26
N GLY D 37 1.13 28.72 -12.05
CA GLY D 37 1.16 29.62 -10.90
C GLY D 37 1.19 28.81 -9.62
N HIS D 38 0.94 29.50 -8.51
CA HIS D 38 1.00 28.88 -7.19
C HIS D 38 -0.36 28.35 -6.75
N THR D 39 -0.47 28.10 -5.43
CA THR D 39 -1.54 27.26 -4.89
C THR D 39 -2.91 27.94 -4.94
N ALA D 40 -2.99 29.23 -4.61
CA ALA D 40 -4.23 29.98 -4.73
C ALA D 40 -3.92 31.31 -5.41
N SER D 41 -3.89 31.29 -6.74
CA SER D 41 -3.68 32.51 -7.52
C SER D 41 -4.83 32.77 -8.47
N GLY D 42 -6.00 32.18 -8.20
CA GLY D 42 -7.13 32.34 -9.10
C GLY D 42 -6.92 31.72 -10.46
N LYS D 43 -6.30 30.54 -10.51
CA LYS D 43 -6.20 29.83 -11.78
C LYS D 43 -7.54 29.28 -12.21
N THR D 44 -8.28 28.68 -11.28
CA THR D 44 -9.60 28.14 -11.58
C THR D 44 -10.67 29.22 -11.54
N TYR D 45 -10.57 30.15 -10.58
CA TYR D 45 -11.60 31.17 -10.38
C TYR D 45 -11.71 32.12 -11.55
N VAL D 46 -10.58 32.69 -11.99
CA VAL D 46 -10.60 33.66 -13.07
C VAL D 46 -10.96 33.01 -14.39
N THR D 47 -10.52 31.78 -14.63
CA THR D 47 -10.82 31.11 -15.89
C THR D 47 -12.28 30.72 -15.99
N GLN D 48 -12.84 30.13 -14.92
CA GLN D 48 -14.23 29.73 -14.93
C GLN D 48 -15.16 30.94 -14.97
N THR D 49 -14.83 31.99 -14.19
CA THR D 49 -15.63 33.21 -14.19
C THR D 49 -15.61 33.90 -15.55
N LEU D 50 -14.43 33.98 -16.17
CA LEU D 50 -14.28 34.66 -17.45
C LEU D 50 -15.03 33.91 -18.56
N LEU D 51 -14.86 32.59 -18.61
CA LEU D 51 -15.53 31.82 -19.65
C LEU D 51 -17.03 31.79 -19.44
N LYS D 52 -17.50 31.84 -18.20
CA LYS D 52 -18.93 31.83 -17.97
C LYS D 52 -19.56 33.19 -18.29
N THR D 53 -18.90 34.29 -17.94
CA THR D 53 -19.46 35.61 -18.21
C THR D 53 -19.41 35.95 -19.70
N LEU D 54 -18.37 35.51 -20.41
CA LEU D 54 -18.33 35.77 -21.86
C LEU D 54 -19.34 34.93 -22.63
N GLU D 55 -19.87 33.88 -22.02
CA GLU D 55 -20.89 32.95 -22.56
C GLU D 55 -20.35 32.06 -23.68
N LEU D 56 -19.04 31.86 -23.74
CA LEU D 56 -18.44 30.94 -24.70
C LEU D 56 -18.74 29.49 -24.31
N PRO D 57 -18.92 28.59 -25.28
CA PRO D 57 -19.07 27.17 -24.93
C PRO D 57 -17.75 26.59 -24.44
N HIS D 58 -17.81 25.83 -23.35
CA HIS D 58 -16.60 25.28 -22.78
C HIS D 58 -16.93 24.02 -22.00
N VAL D 59 -15.90 23.21 -21.77
CA VAL D 59 -16.02 21.94 -21.06
C VAL D 59 -14.95 21.94 -19.99
N PHE D 60 -15.34 21.91 -18.72
CA PHE D 60 -14.38 21.97 -17.63
C PHE D 60 -14.15 20.55 -17.13
N VAL D 61 -12.92 20.07 -17.25
CA VAL D 61 -12.55 18.70 -16.93
C VAL D 61 -11.48 18.70 -15.85
N ASN D 62 -11.68 17.92 -14.80
CA ASN D 62 -10.69 17.75 -13.74
C ASN D 62 -9.95 16.43 -13.99
N CYS D 63 -8.62 16.51 -14.07
CA CYS D 63 -7.82 15.33 -14.40
C CYS D 63 -7.67 14.38 -13.22
N VAL D 64 -7.75 14.89 -11.99
CA VAL D 64 -7.57 14.02 -10.82
C VAL D 64 -8.74 13.04 -10.68
N GLU D 65 -9.92 13.43 -11.17
CA GLU D 65 -11.06 12.49 -11.19
C GLU D 65 -10.90 11.46 -12.29
N CYS D 66 -10.38 11.86 -13.44
CA CYS D 66 -10.24 10.97 -14.59
C CYS D 66 -8.88 10.29 -14.53
N PHE D 67 -8.83 9.11 -13.91
CA PHE D 67 -7.60 8.37 -13.73
C PHE D 67 -7.37 7.32 -14.80
N THR D 68 -8.23 7.25 -15.81
CA THR D 68 -8.11 6.29 -16.89
C THR D 68 -8.34 7.05 -18.20
N LEU D 69 -7.77 6.52 -19.30
CA LEU D 69 -7.97 7.10 -20.63
C LEU D 69 -9.44 7.10 -21.02
N ARG D 70 -10.15 6.01 -20.72
CA ARG D 70 -11.55 5.86 -21.07
C ARG D 70 -12.41 6.89 -20.37
N LEU D 71 -12.13 7.16 -19.09
CA LEU D 71 -12.94 8.10 -18.32
C LEU D 71 -12.76 9.53 -18.80
N LEU D 72 -11.51 9.93 -19.07
CA LEU D 72 -11.21 11.28 -19.53
C LEU D 72 -11.83 11.54 -20.89
N LEU D 73 -11.67 10.60 -21.82
CA LEU D 73 -12.18 10.79 -23.16
C LEU D 73 -13.71 10.75 -23.20
N GLU D 74 -14.33 9.84 -22.44
CA GLU D 74 -15.78 9.79 -22.39
C GLU D 74 -16.36 11.01 -21.70
N GLN D 75 -15.67 11.53 -20.68
CA GLN D 75 -16.17 12.71 -19.97
C GLN D 75 -16.15 13.95 -20.87
N ILE D 76 -15.07 14.13 -21.63
CA ILE D 76 -15.01 15.25 -22.57
C ILE D 76 -16.08 15.11 -23.65
N LEU D 77 -16.25 13.90 -24.20
CA LEU D 77 -17.21 13.70 -25.27
C LEU D 77 -18.65 13.89 -24.79
N ASN D 78 -18.97 13.41 -23.59
CA ASN D 78 -20.34 13.53 -23.09
C ASN D 78 -20.66 14.96 -22.67
N LYS D 79 -19.69 15.70 -22.14
CA LYS D 79 -19.98 17.09 -21.83
C LYS D 79 -20.07 17.95 -23.07
N LEU D 80 -19.39 17.58 -24.16
CA LEU D 80 -19.63 18.26 -25.42
C LEU D 80 -20.98 17.90 -26.02
N ASN D 81 -21.45 16.68 -25.81
CA ASN D 81 -22.67 16.25 -26.45
C ASN D 81 -23.90 16.85 -25.78
N HIS D 82 -23.80 17.29 -24.53
CA HIS D 82 -24.88 18.01 -23.89
C HIS D 82 -25.07 19.42 -24.40
N LEU D 83 -24.09 19.95 -25.14
CA LEU D 83 -24.12 21.32 -25.62
C LEU D 83 -24.54 21.43 -27.07
N SER D 84 -24.85 20.31 -27.73
CA SER D 84 -25.13 20.31 -29.16
C SER D 84 -26.43 21.04 -29.47
N SER D 85 -27.55 20.52 -29.00
CA SER D 85 -28.84 21.14 -29.25
C SER D 85 -29.74 21.03 -28.03
N THR D 92 -26.96 8.39 -27.24
CA THR D 92 -26.53 8.86 -25.93
C THR D 92 -25.47 7.93 -25.34
N GLU D 93 -24.65 8.49 -24.44
CA GLU D 93 -23.54 7.79 -23.79
C GLU D 93 -22.57 7.19 -24.80
N ILE D 94 -22.01 8.06 -25.64
CA ILE D 94 -20.99 7.64 -26.58
C ILE D 94 -19.74 7.18 -25.84
N THR D 95 -19.21 6.03 -26.25
CA THR D 95 -18.06 5.41 -25.60
C THR D 95 -16.91 5.29 -26.58
N CYS D 96 -15.75 5.79 -26.18
CA CYS D 96 -14.51 5.60 -26.93
C CYS D 96 -13.43 5.17 -25.96
N GLU D 97 -12.66 4.16 -26.35
CA GLU D 97 -11.63 3.58 -25.50
C GLU D 97 -10.21 3.89 -25.97
N THR D 98 -10.05 4.50 -27.13
CA THR D 98 -8.74 4.87 -27.65
C THR D 98 -8.77 6.32 -28.10
N PHE D 99 -7.60 6.91 -28.26
CA PHE D 99 -7.53 8.32 -28.57
C PHE D 99 -7.86 8.56 -30.04
N ASN D 100 -7.57 7.56 -30.88
CA ASN D 100 -7.94 7.60 -32.29
C ASN D 100 -9.45 7.63 -32.47
N ASP D 101 -10.19 6.88 -31.65
CA ASP D 101 -11.65 6.95 -31.68
C ASP D 101 -12.14 8.31 -31.21
N PHE D 102 -11.42 8.92 -30.25
CA PHE D 102 -11.81 10.24 -29.75
C PHE D 102 -11.69 11.30 -30.81
N VAL D 103 -10.66 11.24 -31.65
CA VAL D 103 -10.51 12.24 -32.72
C VAL D 103 -11.68 12.15 -33.71
N ARG D 104 -12.06 10.93 -34.09
CA ARG D 104 -13.17 10.73 -35.01
C ARG D 104 -14.50 11.16 -34.40
N LEU D 105 -14.74 10.79 -33.14
CA LEU D 105 -16.01 11.17 -32.51
C LEU D 105 -16.07 12.65 -32.21
N PHE D 106 -14.93 13.29 -31.96
CA PHE D 106 -14.90 14.74 -31.79
C PHE D 106 -15.18 15.44 -33.11
N LYS D 107 -14.69 14.89 -34.23
CA LYS D 107 -15.07 15.46 -35.51
C LYS D 107 -16.54 15.21 -35.84
N GLN D 108 -17.12 14.17 -35.26
CA GLN D 108 -18.54 13.88 -35.48
C GLN D 108 -19.47 14.71 -34.59
N VAL D 109 -19.03 15.09 -33.40
CA VAL D 109 -19.89 15.82 -32.47
C VAL D 109 -19.93 17.32 -32.75
N THR D 110 -18.79 17.92 -33.09
CA THR D 110 -18.66 19.37 -33.23
C THR D 110 -19.29 19.88 -34.53
N THR D 111 -19.74 18.99 -35.42
CA THR D 111 -20.40 19.43 -36.64
C THR D 111 -21.79 20.03 -36.41
N ALA D 112 -22.33 19.94 -35.20
CA ALA D 112 -23.60 20.60 -34.87
C ALA D 112 -23.49 22.11 -35.03
N GLU D 113 -24.61 22.75 -35.37
CA GLU D 113 -24.60 24.14 -35.81
C GLU D 113 -24.25 25.12 -34.69
N ASN D 114 -24.48 24.72 -33.43
CA ASN D 114 -24.11 25.58 -32.31
C ASN D 114 -22.60 25.72 -32.21
N LEU D 115 -21.85 24.65 -32.47
CA LEU D 115 -20.42 24.59 -32.23
C LEU D 115 -19.57 24.66 -33.49
N LYS D 116 -20.18 24.65 -34.68
CA LYS D 116 -19.40 24.51 -35.91
C LYS D 116 -18.62 25.77 -36.25
N ASP D 117 -19.12 26.94 -35.88
CA ASP D 117 -18.41 28.18 -36.18
C ASP D 117 -17.55 28.68 -35.02
N GLN D 118 -18.00 28.51 -33.79
CA GLN D 118 -17.34 29.12 -32.64
C GLN D 118 -16.08 28.35 -32.26
N THR D 119 -15.40 28.83 -31.23
CA THR D 119 -14.22 28.17 -30.70
C THR D 119 -14.63 27.37 -29.46
N VAL D 120 -14.48 26.05 -29.54
CA VAL D 120 -14.85 25.16 -28.46
C VAL D 120 -13.66 25.03 -27.52
N TYR D 121 -13.84 25.38 -26.25
CA TYR D 121 -12.76 25.35 -25.28
C TYR D 121 -12.85 24.10 -24.41
N ILE D 122 -11.71 23.49 -24.14
CA ILE D 122 -11.60 22.36 -23.21
C ILE D 122 -10.58 22.72 -22.15
N VAL D 123 -11.04 23.03 -20.95
CA VAL D 123 -10.14 23.38 -19.87
C VAL D 123 -9.78 22.12 -19.11
N LEU D 124 -8.49 21.93 -18.81
CA LEU D 124 -8.00 20.74 -18.13
C LEU D 124 -7.34 21.16 -16.82
N ASP D 125 -8.12 21.18 -15.73
CA ASP D 125 -7.55 21.52 -14.44
C ASP D 125 -6.75 20.36 -13.89
N LYS D 126 -5.74 20.69 -13.06
CA LYS D 126 -4.75 19.75 -12.52
C LYS D 126 -4.07 18.95 -13.63
N ALA D 127 -3.36 19.66 -14.50
CA ALA D 127 -2.79 19.02 -15.67
C ALA D 127 -1.61 18.12 -15.35
N GLU D 128 -0.98 18.28 -14.18
CA GLU D 128 0.23 17.51 -13.88
C GLU D 128 -0.04 16.02 -13.70
N TYR D 129 -1.25 15.64 -13.26
CA TYR D 129 -1.59 14.22 -13.24
C TYR D 129 -1.71 13.62 -14.63
N LEU D 130 -1.94 14.46 -15.65
CA LEU D 130 -1.89 14.02 -17.04
C LEU D 130 -0.50 13.56 -17.45
N ARG D 131 0.53 13.95 -16.68
CA ARG D 131 1.88 13.47 -16.92
C ARG D 131 2.01 11.97 -16.65
N ASP D 132 1.20 11.42 -15.74
CA ASP D 132 1.35 10.00 -15.39
C ASP D 132 0.32 9.09 -16.05
N MET D 133 -0.37 9.56 -17.07
CA MET D 133 -1.25 8.70 -17.85
C MET D 133 -0.46 8.18 -19.06
N GLU D 134 -1.16 7.79 -20.13
CA GLU D 134 -0.54 7.26 -21.35
C GLU D 134 0.36 8.28 -22.03
N ALA D 135 1.31 7.81 -22.83
CA ALA D 135 2.33 8.71 -23.39
C ALA D 135 1.79 9.56 -24.53
N ASN D 136 0.88 9.01 -25.35
CA ASN D 136 0.38 9.76 -26.50
C ASN D 136 -0.62 10.83 -26.13
N LEU D 137 -1.04 10.89 -24.87
CA LEU D 137 -2.17 11.74 -24.51
C LEU D 137 -1.80 13.22 -24.51
N LEU D 138 -0.67 13.58 -23.90
CA LEU D 138 -0.36 15.01 -23.75
C LEU D 138 0.06 15.67 -25.05
N PRO D 139 0.98 15.11 -25.88
CA PRO D 139 1.15 15.69 -27.23
C PRO D 139 -0.07 15.58 -28.12
N GLY D 140 -0.95 14.62 -27.87
CA GLY D 140 -2.21 14.57 -28.60
C GLY D 140 -3.12 15.74 -28.32
N PHE D 141 -3.19 16.15 -27.05
CA PHE D 141 -4.00 17.32 -26.71
C PHE D 141 -3.33 18.62 -27.11
N LEU D 142 -1.99 18.69 -27.10
CA LEU D 142 -1.33 19.93 -27.50
C LEU D 142 -1.51 20.25 -28.98
N ARG D 143 -1.83 19.25 -29.80
CA ARG D 143 -1.93 19.42 -31.25
C ARG D 143 -3.33 19.17 -31.78
N LEU D 144 -4.36 19.31 -30.94
CA LEU D 144 -5.68 18.81 -31.26
C LEU D 144 -6.34 19.61 -32.39
N GLN D 145 -6.05 20.91 -32.45
CA GLN D 145 -6.58 21.75 -33.53
C GLN D 145 -6.05 21.30 -34.89
N GLU D 146 -4.80 20.83 -34.94
CA GLU D 146 -4.25 20.29 -36.19
C GLU D 146 -4.83 18.93 -36.51
N LEU D 147 -4.93 18.07 -35.49
CA LEU D 147 -5.36 16.68 -35.68
C LEU D 147 -6.81 16.60 -36.15
N ALA D 148 -7.68 17.45 -35.61
CA ALA D 148 -9.10 17.36 -35.91
C ALA D 148 -9.57 18.38 -36.94
N ASP D 149 -8.90 19.54 -37.03
CA ASP D 149 -9.27 20.66 -37.91
C ASP D 149 -10.69 21.14 -37.62
N ARG D 150 -10.88 21.70 -36.41
CA ARG D 150 -12.23 21.91 -35.92
C ARG D 150 -12.34 23.14 -35.02
N ASN D 151 -11.32 24.01 -34.99
CA ASN D 151 -11.30 25.25 -34.19
C ASN D 151 -11.55 24.97 -32.70
N VAL D 152 -10.56 24.33 -32.07
CA VAL D 152 -10.64 23.92 -30.68
C VAL D 152 -9.40 24.43 -29.95
N THR D 153 -9.59 24.92 -28.72
CA THR D 153 -8.49 25.39 -27.88
C THR D 153 -8.50 24.61 -26.57
N VAL D 154 -7.31 24.21 -26.11
CA VAL D 154 -7.15 23.34 -24.94
C VAL D 154 -6.30 24.08 -23.92
N LEU D 155 -6.92 24.60 -22.86
CA LEU D 155 -6.18 25.22 -21.79
C LEU D 155 -5.62 24.17 -20.84
N PHE D 156 -4.51 24.50 -20.19
CA PHE D 156 -3.94 23.66 -19.14
C PHE D 156 -3.75 24.53 -17.92
N LEU D 157 -4.23 24.09 -16.77
CA LEU D 157 -4.09 24.82 -15.52
C LEU D 157 -3.22 23.98 -14.59
N SER D 158 -2.07 24.50 -14.18
CA SER D 158 -1.21 23.64 -13.36
C SER D 158 -0.38 24.47 -12.41
N GLU D 159 0.29 23.78 -11.50
CA GLU D 159 1.24 24.41 -10.59
C GLU D 159 2.69 24.21 -11.02
N ILE D 160 2.94 23.32 -11.95
CA ILE D 160 4.28 22.90 -12.33
C ILE D 160 4.70 23.71 -13.55
N VAL D 161 5.99 24.02 -13.63
CA VAL D 161 6.52 24.77 -14.77
C VAL D 161 6.50 23.89 -16.01
N TRP D 162 6.57 24.53 -17.18
CA TRP D 162 6.41 23.79 -18.43
C TRP D 162 7.64 22.94 -18.76
N GLU D 163 8.80 23.24 -18.16
CA GLU D 163 10.04 22.51 -18.39
C GLU D 163 9.89 21.02 -18.11
N LYS D 164 9.20 20.68 -17.02
CA LYS D 164 9.02 19.29 -16.62
C LYS D 164 8.03 18.57 -17.52
N PHE D 165 7.12 19.32 -18.15
CA PHE D 165 6.07 18.70 -18.96
C PHE D 165 6.57 18.23 -20.32
N ARG D 166 7.70 18.75 -20.79
CA ARG D 166 8.17 18.46 -22.14
C ARG D 166 8.47 16.99 -22.33
N PRO D 167 7.92 16.36 -23.36
CA PRO D 167 8.38 15.02 -23.72
C PRO D 167 9.76 15.07 -24.34
N ASN D 168 10.41 13.90 -24.39
CA ASN D 168 11.82 13.83 -24.75
C ASN D 168 12.07 14.26 -26.19
N THR D 169 11.17 13.87 -27.10
CA THR D 169 11.32 14.27 -28.51
C THR D 169 10.98 15.74 -28.71
N GLY D 170 9.96 16.24 -28.03
CA GLY D 170 9.45 17.57 -28.24
C GLY D 170 7.98 17.55 -28.66
N CYS D 171 7.37 18.73 -28.60
CA CYS D 171 5.95 18.83 -28.88
C CYS D 171 5.64 20.23 -29.38
N PHE D 172 4.39 20.40 -29.81
CA PHE D 172 3.89 21.73 -30.20
C PHE D 172 3.87 22.62 -28.97
N GLU D 173 4.54 23.75 -29.06
CA GLU D 173 4.73 24.57 -27.87
C GLU D 173 3.48 25.38 -27.57
N PRO D 174 2.98 25.36 -26.33
CA PRO D 174 1.90 26.25 -25.93
C PRO D 174 2.43 27.59 -25.42
N PHE D 175 1.61 28.62 -25.61
CA PHE D 175 1.93 29.94 -25.06
C PHE D 175 1.77 29.85 -23.55
N VAL D 176 2.89 29.83 -22.83
CA VAL D 176 2.83 29.72 -21.37
C VAL D 176 2.48 31.08 -20.78
N LEU D 177 1.52 31.09 -19.86
CA LEU D 177 1.03 32.31 -19.24
C LEU D 177 1.22 32.19 -17.74
N TYR D 178 1.70 33.26 -17.10
CA TYR D 178 2.01 33.23 -15.69
C TYR D 178 1.01 34.08 -14.93
N PHE D 179 0.41 33.51 -13.90
CA PHE D 179 -0.50 34.21 -13.00
C PHE D 179 0.28 34.61 -11.76
N PRO D 180 0.72 35.86 -11.64
CA PRO D 180 1.63 36.23 -10.53
C PRO D 180 0.90 36.24 -9.20
N ASP D 181 1.65 35.93 -8.13
CA ASP D 181 1.08 35.83 -6.80
C ASP D 181 0.53 37.15 -6.28
N TYR D 182 -0.42 37.05 -5.35
CA TYR D 182 -0.86 38.22 -4.63
C TYR D 182 0.22 38.69 -3.67
N SER D 183 0.47 39.98 -3.64
CA SER D 183 1.38 40.58 -2.67
C SER D 183 0.60 40.86 -1.39
N ILE D 184 1.16 41.65 -0.48
CA ILE D 184 0.47 41.90 0.79
C ILE D 184 -0.71 42.85 0.60
N GLY D 185 -0.56 43.88 -0.24
CA GLY D 185 -1.68 44.78 -0.50
C GLY D 185 -2.80 44.11 -1.27
N ASN D 186 -2.45 43.26 -2.24
CA ASN D 186 -3.46 42.49 -2.97
C ASN D 186 -4.20 41.54 -2.05
N LEU D 187 -3.48 40.91 -1.11
CA LEU D 187 -4.13 40.00 -0.17
C LEU D 187 -5.08 40.76 0.75
N GLN D 188 -4.69 41.95 1.19
CA GLN D 188 -5.57 42.74 2.03
C GLN D 188 -6.79 43.24 1.25
N LYS D 189 -6.64 43.47 -0.05
CA LYS D 189 -7.79 43.88 -0.85
C LYS D 189 -8.74 42.71 -1.11
N ILE D 190 -8.22 41.49 -1.32
CA ILE D 190 -9.07 40.32 -1.51
C ILE D 190 -9.83 40.01 -0.22
N LEU D 191 -9.14 39.99 0.92
CA LEU D 191 -9.76 39.50 2.15
C LEU D 191 -10.79 40.47 2.70
N SER D 192 -10.57 41.78 2.54
CA SER D 192 -11.43 42.79 3.13
C SER D 192 -12.64 43.13 2.27
N HIS D 193 -12.91 42.36 1.22
CA HIS D 193 -14.02 42.73 0.36
C HIS D 193 -15.36 42.29 0.95
N ASP D 194 -15.46 41.05 1.39
CA ASP D 194 -16.71 40.52 1.91
C ASP D 194 -16.77 40.66 3.45
N HIS D 195 -16.80 41.92 3.88
CA HIS D 195 -16.87 42.24 5.28
C HIS D 195 -18.21 41.82 5.88
N PRO D 196 -18.25 41.45 7.16
CA PRO D 196 -19.54 41.21 7.81
C PRO D 196 -20.32 42.49 7.97
N PRO D 197 -21.61 42.49 7.65
CA PRO D 197 -22.33 43.76 7.54
C PRO D 197 -22.64 44.42 8.86
N GLU D 198 -22.56 43.69 9.97
CA GLU D 198 -22.94 44.26 11.27
C GLU D 198 -21.91 45.28 11.73
N TYR D 199 -20.62 45.00 11.52
CA TYR D 199 -19.53 45.91 11.84
C TYR D 199 -19.11 46.72 10.63
N SER D 200 -18.29 47.75 10.89
CA SER D 200 -17.80 48.65 9.84
C SER D 200 -16.83 47.92 8.92
N ALA D 201 -16.69 48.45 7.70
CA ALA D 201 -15.68 47.93 6.79
C ALA D 201 -14.27 48.24 7.28
N ASP D 202 -14.09 49.41 7.90
CA ASP D 202 -12.78 49.77 8.43
C ASP D 202 -12.36 48.89 9.59
N PHE D 203 -13.32 48.48 10.42
CA PHE D 203 -13.06 47.57 11.54
C PHE D 203 -12.51 46.23 11.05
N TYR D 204 -13.14 45.66 10.02
CA TYR D 204 -12.70 44.37 9.54
C TYR D 204 -11.42 44.50 8.73
N ALA D 205 -11.20 45.66 8.11
CA ALA D 205 -9.92 45.95 7.45
C ALA D 205 -8.76 45.99 8.45
N ALA D 206 -8.98 46.64 9.62
CA ALA D 206 -7.95 46.66 10.65
C ALA D 206 -7.71 45.27 11.24
N TYR D 207 -8.77 44.46 11.33
CA TYR D 207 -8.60 43.08 11.76
C TYR D 207 -7.74 42.28 10.80
N ILE D 208 -7.95 42.45 9.50
CA ILE D 208 -7.12 41.73 8.53
C ILE D 208 -5.69 42.26 8.56
N ASN D 209 -5.50 43.55 8.85
CA ASN D 209 -4.15 44.10 9.00
C ASN D 209 -3.40 43.46 10.17
N ILE D 210 -4.05 43.29 11.33
CA ILE D 210 -3.35 42.67 12.46
C ILE D 210 -3.18 41.17 12.24
N LEU D 211 -4.05 40.54 11.44
CA LEU D 211 -3.83 39.13 11.10
C LEU D 211 -2.60 38.98 10.21
N LEU D 212 -2.51 39.77 9.14
CA LEU D 212 -1.41 39.65 8.19
C LEU D 212 -0.11 40.16 8.77
N GLY D 213 -0.15 40.94 9.86
CA GLY D 213 1.07 41.29 10.54
C GLY D 213 1.81 40.10 11.12
N VAL D 214 1.06 39.12 11.62
CA VAL D 214 1.67 37.98 12.30
C VAL D 214 1.62 36.66 11.53
N PHE D 215 0.83 36.56 10.46
CA PHE D 215 0.75 35.31 9.72
C PHE D 215 1.35 35.35 8.32
N TYR D 216 1.96 36.45 7.90
CA TYR D 216 2.37 36.53 6.51
C TYR D 216 3.71 35.85 6.27
N THR D 217 4.62 35.89 7.26
CA THR D 217 5.94 35.28 7.09
C THR D 217 5.85 33.76 6.99
N VAL D 218 4.83 33.16 7.61
CA VAL D 218 4.65 31.73 7.52
C VAL D 218 3.84 31.35 6.28
N CYS D 219 2.74 32.06 6.03
CA CYS D 219 1.78 31.66 5.01
C CYS D 219 1.46 32.82 4.09
N ARG D 220 1.42 32.55 2.78
CA ARG D 220 0.91 33.49 1.79
C ARG D 220 -0.26 32.91 1.02
N ASP D 221 -0.86 31.84 1.51
CA ASP D 221 -1.95 31.15 0.82
C ASP D 221 -3.24 31.90 1.14
N LEU D 222 -4.03 32.20 0.12
CA LEU D 222 -5.25 32.97 0.33
C LEU D 222 -6.30 32.17 1.08
N LYS D 223 -6.46 30.88 0.75
CA LYS D 223 -7.49 30.04 1.36
C LYS D 223 -7.26 29.87 2.85
N GLU D 224 -6.03 29.59 3.24
CA GLU D 224 -5.72 29.34 4.64
C GLU D 224 -5.83 30.62 5.47
N LEU D 225 -5.35 31.74 4.93
CA LEU D 225 -5.51 33.02 5.63
C LEU D 225 -6.97 33.42 5.76
N ARG D 226 -7.79 33.12 4.74
CA ARG D 226 -9.20 33.44 4.83
C ARG D 226 -9.89 32.57 5.88
N HIS D 227 -9.52 31.29 5.96
CA HIS D 227 -10.11 30.41 6.96
C HIS D 227 -9.70 30.81 8.38
N LEU D 228 -8.46 31.27 8.56
CA LEU D 228 -8.06 31.79 9.85
C LEU D 228 -8.64 33.16 10.16
N ALA D 229 -9.03 33.93 9.15
CA ALA D 229 -9.75 35.17 9.40
C ALA D 229 -11.22 34.93 9.71
N VAL D 230 -11.76 33.79 9.30
CA VAL D 230 -13.11 33.41 9.68
C VAL D 230 -13.16 32.86 11.10
N LEU D 231 -12.18 32.03 11.49
CA LEU D 231 -12.24 31.41 12.82
C LEU D 231 -12.02 32.41 13.96
N ASN D 232 -11.03 33.28 13.85
CA ASN D 232 -10.64 34.09 15.00
C ASN D 232 -11.43 35.38 15.16
N PHE D 233 -12.34 35.69 14.23
CA PHE D 233 -13.06 36.96 14.30
C PHE D 233 -13.98 37.14 15.51
N PRO D 234 -14.79 36.15 15.97
CA PRO D 234 -15.57 36.40 17.19
C PRO D 234 -14.76 36.66 18.44
N LYS D 235 -13.57 36.06 18.57
CA LYS D 235 -12.70 36.36 19.69
C LYS D 235 -12.15 37.78 19.60
N TYR D 236 -11.97 38.29 18.37
CA TYR D 236 -11.42 39.63 18.18
C TYR D 236 -12.39 40.71 18.65
N CYS D 237 -13.68 40.57 18.32
CA CYS D 237 -14.69 41.51 18.74
C CYS D 237 -15.33 41.13 20.07
N GLU D 238 -14.63 40.35 20.87
CA GLU D 238 -15.10 40.09 22.24
C GLU D 238 -15.06 41.31 23.17
N PRO D 239 -14.04 42.19 23.18
CA PRO D 239 -14.15 43.37 24.07
C PRO D 239 -15.25 44.36 23.71
N VAL D 240 -15.64 44.46 22.43
CA VAL D 240 -16.65 45.46 22.09
C VAL D 240 -18.03 45.03 22.57
N VAL D 241 -18.30 43.72 22.62
CA VAL D 241 -19.63 43.27 22.99
C VAL D 241 -19.84 43.36 24.51
N LYS D 242 -18.77 43.16 25.29
CA LYS D 242 -18.87 43.27 26.75
C LYS D 242 -18.52 44.66 27.27
N GLY D 243 -18.58 45.68 26.42
CA GLY D 243 -18.37 47.06 26.84
C GLY D 243 -16.97 47.39 27.32
N GLU D 244 -15.99 46.54 27.00
CA GLU D 244 -14.63 46.76 27.46
C GLU D 244 -13.95 47.87 26.68
N ALA D 245 -14.21 47.96 25.37
CA ALA D 245 -13.57 48.96 24.54
C ALA D 245 -14.49 49.24 23.36
N SER D 246 -14.51 50.49 22.91
CA SER D 246 -15.36 50.87 21.80
C SER D 246 -14.82 50.33 20.49
N GLU D 247 -15.62 50.50 19.43
CA GLU D 247 -15.25 50.11 18.08
C GLU D 247 -14.05 50.90 17.56
N ARG D 248 -13.82 52.11 18.07
CA ARG D 248 -12.80 52.98 17.50
C ARG D 248 -11.40 52.53 17.88
N ASP D 249 -11.19 52.09 19.12
CA ASP D 249 -9.84 51.92 19.68
C ASP D 249 -9.25 50.61 19.18
N THR D 250 -8.42 50.69 18.14
CA THR D 250 -7.85 49.49 17.53
C THR D 250 -6.71 48.92 18.36
N ARG D 251 -6.02 49.75 19.15
CA ARG D 251 -4.81 49.31 19.84
C ARG D 251 -5.11 48.29 20.92
N LYS D 252 -6.15 48.54 21.73
CA LYS D 252 -6.54 47.58 22.78
C LYS D 252 -7.02 46.27 22.18
N LEU D 253 -7.75 46.36 21.05
CA LEU D 253 -8.20 45.15 20.36
C LEU D 253 -7.03 44.35 19.81
N TRP D 254 -6.01 45.03 19.27
CA TRP D 254 -4.85 44.31 18.77
C TRP D 254 -4.06 43.68 19.91
N ARG D 255 -3.97 44.37 21.04
CA ARG D 255 -3.28 43.83 22.20
C ARG D 255 -3.98 42.61 22.74
N ASN D 256 -5.31 42.56 22.65
CA ASN D 256 -6.02 41.33 23.00
C ASN D 256 -5.73 40.23 21.98
N ILE D 257 -5.81 40.54 20.69
CA ILE D 257 -5.85 39.47 19.70
C ILE D 257 -4.48 38.91 19.32
N GLU D 258 -3.38 39.60 19.65
CA GLU D 258 -2.06 39.05 19.31
C GLU D 258 -1.71 37.74 20.04
N PRO D 259 -1.86 37.58 21.38
CA PRO D 259 -1.54 36.27 21.97
C PRO D 259 -2.44 35.13 21.54
N HIS D 260 -3.72 35.42 21.30
CA HIS D 260 -4.64 34.39 20.85
C HIS D 260 -4.28 33.90 19.44
N LEU D 261 -3.83 34.82 18.57
CA LEU D 261 -3.39 34.41 17.24
C LEU D 261 -2.08 33.65 17.29
N LYS D 262 -1.18 34.01 18.20
CA LYS D 262 0.06 33.26 18.34
C LYS D 262 -0.20 31.85 18.87
N LYS D 263 -1.21 31.69 19.73
CA LYS D 263 -1.65 30.34 20.10
C LYS D 263 -2.25 29.61 18.91
N ALA D 264 -3.02 30.31 18.08
CA ALA D 264 -3.70 29.68 16.95
C ALA D 264 -2.73 29.22 15.88
N MET D 265 -1.58 29.91 15.76
CA MET D 265 -0.58 29.49 14.78
C MET D 265 -0.02 28.12 15.11
N GLN D 266 0.17 27.81 16.39
CA GLN D 266 0.76 26.53 16.77
C GLN D 266 -0.24 25.38 16.67
N THR D 267 -1.53 25.63 16.85
CA THR D 267 -2.45 24.51 16.99
C THR D 267 -3.46 24.33 15.87
N VAL D 268 -4.31 25.33 15.62
CA VAL D 268 -5.37 25.13 14.64
C VAL D 268 -4.82 25.27 13.22
N TYR D 269 -3.74 26.03 13.05
CA TYR D 269 -3.10 26.18 11.75
C TYR D 269 -2.51 24.87 11.25
N LEU D 270 -1.88 24.11 12.15
CA LEU D 270 -1.35 22.80 11.81
C LEU D 270 -2.39 21.69 11.91
N ARG D 271 -3.64 22.03 12.27
CA ARG D 271 -4.78 21.13 12.43
C ARG D 271 -4.57 20.08 13.51
N GLU D 272 -3.76 20.37 14.53
CA GLU D 272 -3.75 19.52 15.71
C GLU D 272 -5.05 19.65 16.48
N ILE D 273 -5.57 20.87 16.61
CA ILE D 273 -6.90 21.12 17.13
C ILE D 273 -7.80 21.35 15.92
N SER D 274 -8.91 20.63 15.85
CA SER D 274 -9.81 20.81 14.72
C SER D 274 -10.52 22.15 14.78
N SER D 275 -11.03 22.60 13.63
CA SER D 275 -11.69 23.90 13.54
C SER D 275 -12.97 23.95 14.38
N SER D 276 -13.79 22.89 14.31
CA SER D 276 -15.04 22.85 15.07
C SER D 276 -14.78 22.83 16.57
N GLN D 277 -13.80 22.03 17.00
CA GLN D 277 -13.41 22.03 18.41
C GLN D 277 -12.79 23.35 18.82
N TRP D 278 -12.07 24.02 17.91
CA TRP D 278 -11.51 25.32 18.25
C TRP D 278 -12.59 26.36 18.49
N GLU D 279 -13.64 26.35 17.65
CA GLU D 279 -14.77 27.25 17.90
C GLU D 279 -15.48 26.92 19.20
N LYS D 280 -15.70 25.64 19.47
CA LYS D 280 -16.43 25.23 20.67
C LYS D 280 -15.63 25.53 21.94
N LEU D 281 -14.30 25.50 21.86
CA LEU D 281 -13.50 26.00 22.98
C LEU D 281 -13.54 27.51 23.09
N GLN D 282 -13.46 28.22 21.95
CA GLN D 282 -13.32 29.67 22.01
C GLN D 282 -14.61 30.36 22.44
N LYS D 283 -15.77 29.72 22.28
CA LYS D 283 -17.00 30.31 22.80
C LYS D 283 -17.04 30.26 24.32
N ASP D 284 -16.32 29.31 24.93
CA ASP D 284 -16.33 29.13 26.38
C ASP D 284 -15.08 29.66 27.06
N ASP D 285 -14.21 30.37 26.33
CA ASP D 285 -12.96 30.96 26.83
C ASP D 285 -12.03 29.89 27.44
N THR D 286 -11.85 28.79 26.73
CA THR D 286 -11.06 27.66 27.24
C THR D 286 -10.16 27.04 26.17
N ASP D 287 -9.73 27.84 25.18
CA ASP D 287 -8.88 27.31 24.11
C ASP D 287 -7.49 26.78 24.51
N PRO D 288 -6.65 27.44 25.39
CA PRO D 288 -5.24 27.02 25.43
C PRO D 288 -4.89 25.88 26.39
N GLY D 289 -4.23 24.85 25.85
CA GLY D 289 -3.66 23.81 26.66
C GLY D 289 -4.64 22.84 27.29
N GLN D 290 -5.90 22.85 26.88
CA GLN D 290 -6.91 21.95 27.42
C GLN D 290 -7.04 20.66 26.62
N LEU D 291 -6.82 20.71 25.31
CA LEU D 291 -6.86 19.55 24.46
C LEU D 291 -5.45 19.18 24.03
N LYS D 292 -5.14 17.88 24.03
CA LYS D 292 -3.80 17.44 23.71
C LYS D 292 -3.52 17.52 22.21
N GLY D 293 -4.54 17.34 21.39
CA GLY D 293 -4.36 17.36 19.96
C GLY D 293 -4.04 15.99 19.41
N LEU D 294 -3.91 15.92 18.07
CA LEU D 294 -3.60 14.66 17.42
C LEU D 294 -2.16 14.22 17.71
N SER D 295 -1.25 15.18 17.86
CA SER D 295 0.04 14.84 18.43
C SER D 295 -0.06 14.84 19.94
N ALA D 296 1.04 14.44 20.59
CA ALA D 296 1.18 14.16 22.02
C ALA D 296 0.31 12.99 22.47
N HIS D 297 -0.18 12.18 21.53
CA HIS D 297 -0.79 10.89 21.81
C HIS D 297 0.13 9.75 21.40
N THR D 298 1.44 9.94 21.54
CA THR D 298 2.42 8.91 21.19
C THR D 298 2.58 7.90 22.32
N HIS D 299 1.50 7.17 22.57
CA HIS D 299 1.48 6.10 23.56
C HIS D 299 0.80 4.89 22.92
N VAL D 300 1.57 3.81 22.76
CA VAL D 300 1.10 2.61 22.10
C VAL D 300 1.22 1.46 23.09
N GLU D 301 0.14 0.70 23.25
CA GLU D 301 0.07 -0.35 24.25
C GLU D 301 0.57 -1.64 23.63
N LEU D 302 1.79 -2.04 23.98
CA LEU D 302 2.47 -3.12 23.28
C LEU D 302 2.66 -4.35 24.17
N PRO D 303 2.72 -5.54 23.59
CA PRO D 303 3.13 -6.73 24.35
C PRO D 303 4.59 -6.62 24.77
N TYR D 304 4.98 -7.50 25.71
CA TYR D 304 6.27 -7.37 26.38
C TYR D 304 7.43 -7.67 25.43
N TYR D 305 7.35 -8.77 24.69
CA TYR D 305 8.41 -9.06 23.74
C TYR D 305 8.37 -8.13 22.54
N SER D 306 7.22 -7.56 22.21
CA SER D 306 7.21 -6.53 21.16
C SER D 306 7.97 -5.29 21.60
N LYS D 307 7.86 -4.93 22.89
CA LYS D 307 8.65 -3.83 23.42
C LYS D 307 10.14 -4.13 23.35
N PHE D 308 10.54 -5.35 23.70
CA PHE D 308 11.98 -5.66 23.67
C PHE D 308 12.52 -5.83 22.26
N ILE D 309 11.74 -6.41 21.34
CA ILE D 309 12.13 -6.47 19.94
C ILE D 309 12.27 -5.06 19.36
N LEU D 310 11.36 -4.16 19.73
CA LEU D 310 11.38 -2.83 19.15
C LEU D 310 12.54 -1.99 19.68
N ILE D 311 12.85 -2.09 20.99
CA ILE D 311 14.01 -1.34 21.44
C ILE D 311 15.32 -2.01 21.05
N ALA D 312 15.33 -3.32 20.78
CA ALA D 312 16.53 -3.94 20.24
C ALA D 312 16.76 -3.51 18.80
N ALA D 313 15.69 -3.39 18.01
CA ALA D 313 15.82 -2.91 16.63
C ALA D 313 16.27 -1.46 16.58
N TYR D 314 15.75 -0.62 17.48
CA TYR D 314 16.24 0.76 17.56
C TYR D 314 17.69 0.81 17.97
N LEU D 315 18.09 0.02 18.97
CA LEU D 315 19.46 0.11 19.45
C LEU D 315 20.44 -0.51 18.47
N ALA D 316 19.97 -1.46 17.65
CA ALA D 316 20.78 -1.97 16.56
C ALA D 316 20.93 -0.96 15.44
N SER D 317 19.85 -0.26 15.08
CA SER D 317 19.84 0.52 13.86
C SER D 317 20.50 1.89 13.99
N TYR D 318 20.82 2.35 15.20
CA TYR D 318 21.48 3.64 15.39
C TYR D 318 22.83 3.51 16.06
N ASN D 319 23.45 2.33 16.00
CA ASN D 319 24.81 2.10 16.45
C ASN D 319 25.64 1.53 15.32
N PRO D 320 26.92 1.85 15.24
CA PRO D 320 27.80 1.15 14.31
C PRO D 320 28.08 -0.26 14.81
N ALA D 321 28.27 -1.18 13.85
CA ALA D 321 28.43 -2.59 14.16
C ALA D 321 29.70 -2.90 14.94
N ARG D 322 30.66 -1.97 14.98
CA ARG D 322 31.93 -2.22 15.65
C ARG D 322 31.78 -2.26 17.17
N THR D 323 30.79 -1.56 17.70
CA THR D 323 30.70 -1.32 19.13
C THR D 323 29.86 -2.36 19.88
N ASP D 324 29.41 -3.42 19.19
CA ASP D 324 28.50 -4.39 19.78
C ASP D 324 29.12 -5.13 20.96
N LYS D 325 30.41 -5.44 20.89
CA LYS D 325 31.05 -6.10 22.01
C LYS D 325 31.29 -5.10 23.13
N ARG D 326 31.51 -3.83 22.80
CA ARG D 326 31.84 -2.85 23.81
C ARG D 326 30.65 -2.49 24.69
N PHE D 327 29.43 -2.68 24.17
CA PHE D 327 28.22 -2.26 24.86
C PHE D 327 27.47 -3.43 25.49
N PHE D 328 27.10 -4.43 24.69
CA PHE D 328 26.17 -5.45 25.16
C PHE D 328 26.83 -6.46 26.07
N LEU D 329 28.04 -6.90 25.74
CA LEU D 329 28.75 -7.88 26.54
C LEU D 329 29.59 -7.19 27.60
N SER D 348 27.93 11.62 10.70
CA SER D 348 27.48 10.36 11.28
C SER D 348 26.90 10.59 12.67
N ASN D 349 25.58 10.60 12.75
CA ASN D 349 24.86 10.95 13.98
C ASN D 349 23.42 10.46 13.77
N HIS D 350 22.49 10.98 14.57
CA HIS D 350 21.07 10.81 14.27
C HIS D 350 20.65 11.58 13.04
N LEU D 351 21.47 12.54 12.58
CA LEU D 351 21.14 13.38 11.44
C LEU D 351 20.99 12.57 10.15
N LEU D 352 21.89 11.61 9.93
CA LEU D 352 21.86 10.82 8.70
C LEU D 352 20.65 9.90 8.65
N GLY D 353 20.25 9.36 9.79
CA GLY D 353 19.08 8.51 9.85
C GLY D 353 19.40 7.09 10.24
N PRO D 354 18.42 6.19 10.13
CA PRO D 354 18.65 4.80 10.47
C PRO D 354 19.47 4.08 9.41
N LYS D 355 20.16 3.03 9.85
CA LYS D 355 20.99 2.19 9.01
C LYS D 355 20.46 0.77 9.09
N PRO D 356 20.24 0.09 7.95
CA PRO D 356 19.67 -1.27 8.01
C PRO D 356 20.62 -2.27 8.63
N PHE D 357 20.02 -3.28 9.26
CA PHE D 357 20.67 -4.34 10.01
C PHE D 357 20.08 -5.69 9.62
N PRO D 358 20.86 -6.77 9.70
CA PRO D 358 20.31 -8.09 9.41
C PRO D 358 19.54 -8.65 10.60
N LEU D 359 18.84 -9.76 10.34
CA LEU D 359 18.04 -10.40 11.39
C LEU D 359 18.91 -10.94 12.53
N ASP D 360 20.11 -11.41 12.20
CA ASP D 360 20.97 -12.08 13.17
C ASP D 360 21.41 -11.13 14.28
N ARG D 361 21.71 -9.89 13.91
CA ARG D 361 22.12 -8.89 14.89
C ARG D 361 20.96 -8.50 15.79
N LEU D 362 19.75 -8.47 15.23
CA LEU D 362 18.55 -8.24 16.04
C LEU D 362 18.33 -9.33 17.06
N LEU D 363 18.52 -10.59 16.65
CA LEU D 363 18.33 -11.69 17.60
C LEU D 363 19.41 -11.71 18.66
N ALA D 364 20.66 -11.40 18.29
CA ALA D 364 21.73 -11.37 19.29
C ALA D 364 21.52 -10.27 20.31
N ILE D 365 21.13 -9.07 19.86
CA ILE D 365 20.87 -7.98 20.79
C ILE D 365 19.62 -8.27 21.63
N LEU D 366 18.61 -8.92 21.03
CA LEU D 366 17.41 -9.29 21.78
C LEU D 366 17.72 -10.27 22.91
N TYR D 367 18.57 -11.27 22.65
CA TYR D 367 18.92 -12.21 23.72
C TYR D 367 19.81 -11.55 24.76
N SER D 368 20.70 -10.65 24.35
CA SER D 368 21.57 -10.01 25.32
C SER D 368 20.82 -9.01 26.20
N ILE D 369 19.84 -8.30 25.64
CA ILE D 369 19.23 -7.17 26.33
C ILE D 369 18.22 -7.63 27.38
N VAL D 370 17.59 -8.78 27.19
CA VAL D 370 16.54 -9.25 28.08
C VAL D 370 17.16 -10.16 29.14
N ASP D 371 16.72 -9.98 30.39
CA ASP D 371 17.29 -10.78 31.47
C ASP D 371 16.76 -12.21 31.44
N SER D 372 15.49 -12.38 31.10
CA SER D 372 14.88 -13.72 31.06
C SER D 372 15.42 -14.53 29.89
N ARG D 373 15.53 -15.84 30.10
CA ARG D 373 15.92 -16.73 29.01
C ARG D 373 14.79 -16.82 27.99
N VAL D 374 15.13 -16.74 26.71
CA VAL D 374 14.17 -16.70 25.62
C VAL D 374 14.42 -17.89 24.71
N ALA D 375 13.36 -18.63 24.41
CA ALA D 375 13.41 -19.61 23.34
C ALA D 375 12.91 -18.97 22.05
N PRO D 376 13.42 -19.38 20.88
CA PRO D 376 12.96 -18.77 19.62
C PRO D 376 11.71 -19.44 19.06
N THR D 377 10.59 -19.22 19.73
CA THR D 377 9.30 -19.76 19.32
C THR D 377 8.81 -19.08 18.06
N ALA D 378 7.81 -19.68 17.42
CA ALA D 378 7.22 -19.12 16.20
C ALA D 378 6.54 -17.79 16.44
N ASN D 379 6.08 -17.52 17.65
CA ASN D 379 5.40 -16.26 17.91
C ASN D 379 6.35 -15.08 17.91
N ILE D 380 7.63 -15.30 18.24
CA ILE D 380 8.59 -14.20 18.16
C ILE D 380 8.86 -13.80 16.71
N PHE D 381 8.93 -14.78 15.80
CA PHE D 381 9.09 -14.45 14.39
C PHE D 381 7.83 -13.82 13.81
N SER D 382 6.66 -14.28 14.28
CA SER D 382 5.41 -13.61 13.89
C SER D 382 5.35 -12.18 14.41
N GLN D 383 5.95 -11.92 15.57
CA GLN D 383 6.01 -10.56 16.08
C GLN D 383 6.92 -9.67 15.23
N ILE D 384 8.07 -10.22 14.82
CA ILE D 384 9.02 -9.47 14.00
C ILE D 384 8.42 -9.12 12.65
N THR D 385 7.67 -10.03 12.04
CA THR D 385 6.98 -9.63 10.82
C THR D 385 5.69 -8.85 11.08
N SER D 386 5.15 -8.87 12.30
CA SER D 386 3.94 -8.10 12.58
C SER D 386 4.23 -6.63 12.79
N LEU D 387 5.39 -6.30 13.37
CA LEU D 387 5.81 -4.90 13.42
C LEU D 387 6.07 -4.35 12.03
N VAL D 388 6.56 -5.20 11.12
CA VAL D 388 6.69 -4.85 9.72
C VAL D 388 5.31 -4.65 9.08
N THR D 389 4.32 -5.43 9.52
CA THR D 389 2.96 -5.26 9.01
C THR D 389 2.35 -3.93 9.45
N LEU D 390 2.71 -3.44 10.62
CA LEU D 390 2.39 -2.07 11.02
C LEU D 390 3.52 -1.18 10.51
N GLN D 391 3.58 0.09 10.89
CA GLN D 391 4.67 0.92 10.42
C GLN D 391 5.70 1.20 11.52
N LEU D 392 6.00 0.20 12.33
CA LEU D 392 7.02 0.38 13.36
C LEU D 392 8.37 -0.17 12.95
N LEU D 393 8.42 -1.00 11.90
CA LEU D 393 9.64 -1.39 11.22
C LEU D 393 9.41 -1.33 9.72
N THR D 394 10.46 -1.62 8.96
CA THR D 394 10.35 -1.67 7.48
C THR D 394 11.40 -2.63 6.92
N LEU D 395 10.97 -3.55 6.06
CA LEU D 395 11.91 -4.52 5.43
C LEU D 395 12.54 -3.84 4.21
N VAL D 396 13.87 -3.75 4.18
CA VAL D 396 14.55 -3.02 3.07
C VAL D 396 14.94 -4.03 1.99
N GLY D 397 15.27 -5.27 2.41
CA GLY D 397 15.76 -6.27 1.45
C GLY D 397 14.71 -6.69 0.44
N HIS D 398 14.89 -6.32 -0.83
CA HIS D 398 13.98 -6.77 -1.87
C HIS D 398 14.53 -8.00 -2.57
N ASP D 399 15.49 -8.67 -1.95
CA ASP D 399 16.06 -9.95 -2.37
C ASP D 399 15.20 -11.07 -1.80
N ASP D 400 15.73 -12.30 -1.74
CA ASP D 400 15.10 -13.37 -0.97
C ASP D 400 14.90 -12.94 0.47
N GLN D 401 13.62 -12.82 0.86
CA GLN D 401 13.28 -12.24 2.15
C GLN D 401 13.43 -13.24 3.28
N LEU D 402 13.43 -14.53 2.96
CA LEU D 402 13.30 -15.52 4.02
C LEU D 402 14.67 -15.94 4.56
N ASP D 403 15.70 -15.91 3.72
CA ASP D 403 17.07 -16.15 4.15
C ASP D 403 17.76 -14.82 4.38
N GLY D 404 18.00 -14.48 5.64
CA GLY D 404 18.55 -13.20 6.04
C GLY D 404 17.80 -11.96 5.60
N PRO D 405 16.61 -11.69 6.14
CA PRO D 405 15.96 -10.40 5.88
C PRO D 405 16.75 -9.25 6.50
N LYS D 406 16.66 -8.09 5.88
CA LYS D 406 17.24 -6.86 6.43
C LYS D 406 16.11 -5.95 6.88
N TYR D 407 16.23 -5.39 8.07
CA TYR D 407 15.21 -4.57 8.68
C TYR D 407 15.76 -3.20 9.03
N LYS D 408 14.87 -2.26 9.29
CA LYS D 408 15.24 -0.89 9.60
C LYS D 408 14.19 -0.25 10.48
N CYS D 409 14.64 0.38 11.58
CA CYS D 409 13.73 0.94 12.58
C CYS D 409 13.25 2.32 12.16
N THR D 410 11.94 2.55 12.27
CA THR D 410 11.32 3.79 11.80
C THR D 410 10.44 4.43 12.87
N VAL D 411 10.93 4.55 14.10
CA VAL D 411 10.25 5.29 15.15
C VAL D 411 11.19 6.33 15.74
N SER D 412 10.60 7.39 16.29
CA SER D 412 11.34 8.53 16.82
C SER D 412 11.94 8.19 18.18
N LEU D 413 12.79 9.11 18.66
CA LEU D 413 13.57 8.86 19.87
C LEU D 413 12.70 8.81 21.13
N ASP D 414 11.72 9.70 21.26
CA ASP D 414 10.93 9.73 22.48
C ASP D 414 9.92 8.59 22.58
N PHE D 415 9.51 8.01 21.45
CA PHE D 415 8.67 6.82 21.48
C PHE D 415 9.41 5.65 22.09
N ILE D 416 10.67 5.45 21.69
CA ILE D 416 11.51 4.41 22.25
C ILE D 416 11.88 4.73 23.68
N ARG D 417 12.08 6.01 24.01
CA ARG D 417 12.42 6.36 25.39
C ARG D 417 11.23 6.12 26.33
N ALA D 418 10.00 6.34 25.85
CA ALA D 418 8.81 6.05 26.64
C ALA D 418 8.65 4.55 26.85
N ILE D 419 8.84 3.74 25.80
CA ILE D 419 8.77 2.28 25.95
C ILE D 419 9.84 1.76 26.90
N ALA D 420 11.07 2.27 26.78
CA ALA D 420 12.13 1.86 27.68
C ALA D 420 11.88 2.34 29.11
N ARG D 421 11.14 3.44 29.27
CA ARG D 421 10.66 3.82 30.60
C ARG D 421 9.65 2.80 31.12
N THR D 422 8.79 2.28 30.24
CA THR D 422 7.78 1.32 30.66
C THR D 422 8.40 0.00 31.12
N VAL D 423 9.38 -0.52 30.37
CA VAL D 423 10.02 -1.78 30.78
C VAL D 423 11.24 -1.57 31.66
N ASN D 424 11.52 -0.32 32.06
CA ASN D 424 12.59 0.04 33.01
C ASN D 424 13.97 -0.38 32.51
N PHE D 425 14.25 -0.09 31.24
CA PHE D 425 15.58 -0.25 30.66
C PHE D 425 16.08 1.13 30.26
N ASP D 426 17.37 1.38 30.40
CA ASP D 426 17.94 2.71 30.19
C ASP D 426 18.52 2.76 28.77
N ILE D 427 17.76 3.34 27.85
CA ILE D 427 18.14 3.30 26.44
C ILE D 427 19.20 4.37 26.13
N ILE D 428 19.29 5.43 26.94
CA ILE D 428 20.19 6.54 26.64
C ILE D 428 21.65 6.13 26.83
N LYS D 429 21.93 5.34 27.86
CA LYS D 429 23.30 4.90 28.14
C LYS D 429 23.84 3.99 27.05
N TYR D 430 22.96 3.21 26.42
CA TYR D 430 23.39 2.22 25.44
C TYR D 430 23.58 2.80 24.05
N LEU D 431 22.95 3.93 23.74
CA LEU D 431 23.12 4.54 22.44
C LEU D 431 24.51 5.17 22.29
N TYR D 432 25.10 5.00 21.11
CA TYR D 432 26.49 5.41 20.89
C TYR D 432 26.65 6.93 20.89
N ASP D 433 25.68 7.65 20.33
CA ASP D 433 25.82 9.09 20.10
C ASP D 433 25.75 9.90 21.39
PG ATP E . 5.97 19.03 -36.74
O1G ATP E . 4.78 18.57 -35.96
O2G ATP E . 6.87 17.94 -37.24
O3G ATP E . 6.67 20.19 -36.08
PB ATP E . 6.09 20.65 -39.05
O1B ATP E . 5.74 20.26 -40.45
O2B ATP E . 7.54 20.72 -38.69
O3B ATP E . 5.32 19.63 -38.07
PA ATP E . 4.61 22.91 -39.79
O1A ATP E . 3.21 22.38 -39.95
O2A ATP E . 5.50 23.05 -40.98
O3A ATP E . 5.39 22.03 -38.69
O5' ATP E . 4.56 24.34 -39.07
C5' ATP E . 5.66 25.21 -39.23
C4' ATP E . 5.17 26.58 -39.64
O4' ATP E . 6.29 27.33 -40.04
C3' ATP E . 4.26 26.47 -40.85
O3' ATP E . 3.27 27.48 -40.82
C2' ATP E . 5.14 26.75 -42.01
O2' ATP E . 4.38 27.52 -42.95
C1' ATP E . 6.26 27.59 -41.43
N9 ATP E . 7.53 27.19 -42.02
C8 ATP E . 8.47 26.46 -41.39
N7 ATP E . 9.54 26.24 -42.19
C5 ATP E . 9.27 26.84 -43.36
C6 ATP E . 9.97 26.99 -44.66
N6 ATP E . 11.20 26.45 -44.84
N1 ATP E . 9.35 27.69 -45.62
C2 ATP E . 8.13 28.24 -45.43
N3 ATP E . 7.44 28.13 -44.29
C4 ATP E . 7.95 27.46 -43.24
MG MG F . 4.18 18.01 -38.76
PG ATP G . -5.74 25.33 -7.21
O1G ATP G . -4.37 25.70 -7.71
O2G ATP G . -5.71 24.48 -5.97
O3G ATP G . -6.71 24.91 -8.28
PB ATP G . -6.43 28.01 -7.60
O1B ATP G . -7.27 27.67 -8.79
O2B ATP G . -5.04 28.53 -7.75
O3B ATP G . -6.35 26.71 -6.67
PA ATP G . -8.82 29.04 -6.65
O1A ATP G . -9.29 27.72 -6.11
O2A ATP G . -9.35 29.49 -7.99
O3A ATP G . -7.22 29.04 -6.67
O5' ATP G . -9.15 30.13 -5.55
C5' ATP G . -9.68 29.69 -4.31
C4' ATP G . -10.54 30.80 -3.74
O4' ATP G . -9.81 32.02 -3.71
C3' ATP G . -11.74 31.02 -4.64
O3' ATP G . -12.92 30.54 -4.01
C2' ATP G . -11.84 32.52 -4.81
O2' ATP G . -13.05 32.96 -4.20
C1' ATP G . -10.66 33.10 -4.07
N9 ATP G . -9.92 33.98 -4.98
C8 ATP G . -8.77 33.67 -5.60
N7 ATP G . -8.35 34.70 -6.37
C5 ATP G . -9.26 35.67 -6.27
C6 ATP G . -9.43 37.03 -6.82
N6 ATP G . -8.53 37.55 -7.67
N1 ATP G . -10.52 37.72 -6.45
C2 ATP G . -11.43 37.21 -5.60
N3 ATP G . -11.33 35.99 -5.07
C4 ATP G . -10.30 35.20 -5.35
MG MG H . -5.11 23.46 -10.08
#